data_8ANQ
#
_entry.id   8ANQ
#
_cell.length_a   233.339
_cell.length_b   65.027
_cell.length_c   124.689
_cell.angle_alpha   90.000
_cell.angle_beta   90.000
_cell.angle_gamma   90.000
#
_symmetry.space_group_name_H-M   'C 1 2 1'
#
loop_
_entity.id
_entity.type
_entity.pdbx_description
1 polymer Bacteriorhodopsin
2 non-polymer EICOSANE
3 water water
#
_entity_poly.entity_id   1
_entity_poly.type   'polypeptide(L)'
_entity_poly.pdbx_seq_one_letter_code
;MDWMAFLIGFTIMSLASLAIYAKGSKTSPALHHTLLHAAVPFIAATAYLAMTFGIGTLVNFNGSVTYLARYADWSVTTPI
LLASLVLLAFHERGRTGEVGGYLTAIIVLDVLMIVTGLISSLAVVPALKWVWYLWSCAAFLGVLYLLWVPLRAMAVERGE
ALGTAYQKNVAFLTVIWFLYPIVFLIGPEGLKIISDPTSVWAILIMDVLA(LYR)VVYAFYAAANLETALRHHDVRHDDR
FLE
;
_entity_poly.pdbx_strand_id   B,C,A,P,T,Y
#
loop_
_chem_comp.id
_chem_comp.type
_chem_comp.name
_chem_comp.formula
LFA non-polymer EICOSANE 'C20 H42'
#
# COMPACT_ATOMS: atom_id res chain seq x y z
N ASP A 2 -9.71 17.75 -23.64
CA ASP A 2 -10.36 18.36 -22.44
C ASP A 2 -10.15 17.42 -21.24
N TRP A 3 -10.47 16.14 -21.40
CA TRP A 3 -10.30 15.09 -20.35
C TRP A 3 -8.80 14.92 -20.02
N MET A 4 -7.93 15.04 -21.03
CA MET A 4 -6.46 14.95 -20.90
C MET A 4 -5.96 16.03 -19.93
N ALA A 5 -6.51 17.25 -20.05
CA ALA A 5 -6.20 18.41 -19.17
C ALA A 5 -6.56 18.07 -17.72
N PHE A 6 -7.74 17.48 -17.51
CA PHE A 6 -8.28 17.08 -16.17
C PHE A 6 -7.38 15.99 -15.57
N LEU A 7 -7.01 14.99 -16.37
CA LEU A 7 -6.12 13.88 -15.93
C LEU A 7 -4.73 14.42 -15.59
N ILE A 8 -4.21 15.36 -16.39
CA ILE A 8 -2.92 16.07 -16.13
C ILE A 8 -3.06 16.83 -14.80
N GLY A 9 -4.14 17.59 -14.64
CA GLY A 9 -4.47 18.33 -13.40
C GLY A 9 -4.45 17.41 -12.19
N PHE A 10 -5.18 16.30 -12.25
CA PHE A 10 -5.30 15.28 -11.17
C PHE A 10 -3.90 14.80 -10.78
N THR A 11 -3.12 14.33 -11.75
CA THR A 11 -1.77 13.75 -11.56
C THR A 11 -0.86 14.79 -10.90
N ILE A 12 -0.82 16.02 -11.45
CA ILE A 12 0.00 17.15 -10.91
C ILE A 12 -0.41 17.39 -9.44
N MET A 13 -1.71 17.51 -9.19
CA MET A 13 -2.29 17.88 -7.87
C MET A 13 -2.05 16.74 -6.86
N SER A 14 -2.31 15.50 -7.26
CA SER A 14 -2.11 14.28 -6.43
C SER A 14 -0.66 14.21 -5.96
N LEU A 15 0.29 14.22 -6.91
CA LEU A 15 1.75 14.16 -6.63
C LEU A 15 2.15 15.34 -5.75
N ALA A 16 1.79 16.56 -6.17
CA ALA A 16 2.11 17.83 -5.47
C ALA A 16 1.75 17.71 -3.99
N SER A 17 0.52 17.29 -3.69
CA SER A 17 -0.01 17.16 -2.30
C SER A 17 0.95 16.29 -1.47
N LEU A 18 1.31 15.11 -1.99
CA LEU A 18 2.29 14.17 -1.38
C LEU A 18 3.62 14.90 -1.18
N ALA A 19 4.10 15.57 -2.23
CA ALA A 19 5.41 16.28 -2.27
C ALA A 19 5.42 17.42 -1.24
N ILE A 20 4.36 18.24 -1.24
CA ILE A 20 4.24 19.46 -0.38
C ILE A 20 4.37 19.06 1.09
N TYR A 21 3.69 17.99 1.50
CA TYR A 21 3.68 17.49 2.91
C TYR A 21 5.08 17.01 3.28
N ALA A 22 5.64 16.09 2.50
CA ALA A 22 6.98 15.49 2.73
C ALA A 22 8.02 16.62 2.81
N LYS A 23 8.08 17.50 1.80
CA LYS A 23 9.05 18.62 1.69
C LYS A 23 8.84 19.63 2.83
N GLY A 24 7.58 19.91 3.16
CA GLY A 24 7.20 20.89 4.19
C GLY A 24 7.78 20.55 5.56
N SER A 25 8.08 21.58 6.35
CA SER A 25 8.58 21.47 7.75
C SER A 25 7.47 20.92 8.66
N LYS A 26 7.85 20.15 9.69
CA LYS A 26 6.92 19.50 10.65
C LYS A 26 7.13 20.06 12.06
N THR A 27 7.67 21.27 12.19
CA THR A 27 8.08 21.87 13.48
C THR A 27 7.34 23.19 13.75
N SER A 28 6.75 23.31 14.95
CA SER A 28 6.21 24.56 15.54
C SER A 28 5.17 25.18 14.62
N PRO A 29 5.31 26.47 14.25
CA PRO A 29 4.33 27.16 13.41
C PRO A 29 4.28 26.61 11.98
N ALA A 30 5.44 26.29 11.41
CA ALA A 30 5.60 25.78 10.01
C ALA A 30 4.71 24.55 9.81
N LEU A 31 4.65 23.66 10.80
CA LEU A 31 3.89 22.38 10.73
C LEU A 31 2.47 22.66 10.24
N HIS A 32 1.70 23.47 10.99
CA HIS A 32 0.26 23.69 10.74
C HIS A 32 0.07 24.31 9.34
N HIS A 33 1.05 25.09 8.87
CA HIS A 33 1.07 25.66 7.49
C HIS A 33 1.25 24.52 6.48
N THR A 34 2.15 23.58 6.76
CA THR A 34 2.44 22.38 5.92
C THR A 34 1.16 21.55 5.75
N LEU A 35 0.44 21.30 6.86
CA LEU A 35 -0.78 20.46 6.88
C LEU A 35 -1.85 21.11 5.99
N LEU A 36 -2.09 22.42 6.17
CA LEU A 36 -3.12 23.19 5.44
C LEU A 36 -2.78 23.22 3.94
N HIS A 37 -1.52 23.51 3.60
CA HIS A 37 -1.03 23.67 2.21
C HIS A 37 -1.11 22.34 1.45
N ALA A 38 -0.87 21.22 2.14
CA ALA A 38 -0.81 19.85 1.56
C ALA A 38 -2.23 19.37 1.22
N ALA A 39 -3.22 19.81 2.00
CA ALA A 39 -4.64 19.39 1.90
C ALA A 39 -5.25 19.92 0.59
N VAL A 40 -5.00 21.20 0.29
CA VAL A 40 -5.61 21.93 -0.86
C VAL A 40 -5.49 21.09 -2.13
N PRO A 41 -4.25 20.73 -2.56
CA PRO A 41 -4.08 19.98 -3.81
C PRO A 41 -4.85 18.64 -3.81
N PHE A 42 -4.94 17.98 -2.65
CA PHE A 42 -5.61 16.67 -2.49
C PHE A 42 -7.11 16.82 -2.81
N ILE A 43 -7.69 17.95 -2.42
CA ILE A 43 -9.09 18.35 -2.75
C ILE A 43 -9.17 18.55 -4.27
N ALA A 44 -8.35 19.47 -4.78
CA ALA A 44 -8.24 19.82 -6.21
C ALA A 44 -8.10 18.54 -7.05
N ALA A 45 -7.22 17.63 -6.61
CA ALA A 45 -6.99 16.31 -7.25
C ALA A 45 -8.33 15.58 -7.38
N THR A 46 -9.01 15.33 -6.26
CA THR A 46 -10.34 14.64 -6.22
C THR A 46 -11.29 15.34 -7.20
N ALA A 47 -11.31 16.67 -7.18
CA ALA A 47 -12.14 17.50 -8.09
C ALA A 47 -11.80 17.15 -9.55
N TYR A 48 -10.53 17.23 -9.92
CA TYR A 48 -10.02 17.03 -11.30
C TYR A 48 -10.35 15.60 -11.78
N LEU A 49 -10.24 14.61 -10.89
CA LEU A 49 -10.60 13.20 -11.19
C LEU A 49 -12.09 13.14 -11.54
N ALA A 50 -12.92 13.82 -10.75
CA ALA A 50 -14.39 13.93 -10.95
C ALA A 50 -14.67 14.51 -12.35
N MET A 51 -13.92 15.56 -12.72
CA MET A 51 -14.15 16.36 -13.94
C MET A 51 -13.76 15.56 -15.19
N THR A 52 -12.74 14.70 -15.10
CA THR A 52 -12.28 13.83 -16.22
C THR A 52 -13.41 12.90 -16.64
N PHE A 53 -14.19 12.39 -15.67
CA PHE A 53 -15.35 11.48 -15.88
C PHE A 53 -16.64 12.30 -15.94
N GLY A 54 -16.52 13.63 -16.04
CA GLY A 54 -17.64 14.59 -16.15
C GLY A 54 -18.69 14.36 -15.08
N ILE A 55 -18.27 14.03 -13.85
CA ILE A 55 -19.18 13.64 -12.74
C ILE A 55 -20.12 14.80 -12.39
N GLY A 56 -19.58 15.98 -12.05
CA GLY A 56 -20.37 17.14 -11.61
C GLY A 56 -20.76 18.05 -12.76
N THR A 57 -20.37 17.68 -13.98
CA THR A 57 -20.42 18.54 -15.20
C THR A 57 -21.84 18.54 -15.78
N LEU A 58 -22.46 19.73 -15.86
CA LEU A 58 -23.79 19.95 -16.46
C LEU A 58 -23.63 20.51 -17.87
N VAL A 59 -24.31 19.89 -18.86
CA VAL A 59 -24.27 20.27 -20.30
C VAL A 59 -25.59 20.94 -20.70
N ASN A 60 -25.53 22.20 -21.13
CA ASN A 60 -26.68 22.98 -21.66
C ASN A 60 -26.45 23.29 -23.15
N PHE A 61 -27.53 23.26 -23.95
CA PHE A 61 -27.49 23.46 -25.42
C PHE A 61 -26.83 24.81 -25.74
N ASN A 62 -26.32 24.96 -26.96
CA ASN A 62 -25.68 26.19 -27.49
C ASN A 62 -24.41 26.52 -26.67
N GLY A 63 -23.64 25.48 -26.34
CA GLY A 63 -22.24 25.58 -25.89
C GLY A 63 -22.10 26.17 -24.49
N SER A 64 -22.91 25.71 -23.54
CA SER A 64 -22.86 26.12 -22.11
C SER A 64 -22.59 24.89 -21.22
N VAL A 65 -21.36 24.78 -20.71
CA VAL A 65 -20.92 23.73 -19.76
C VAL A 65 -20.60 24.38 -18.40
N THR A 66 -21.10 23.78 -17.30
CA THR A 66 -20.82 24.21 -15.91
C THR A 66 -20.30 23.01 -15.11
N TYR A 67 -19.05 23.09 -14.63
CA TYR A 67 -18.38 22.02 -13.85
C TYR A 67 -18.60 22.25 -12.35
N LEU A 68 -19.62 21.60 -11.78
CA LEU A 68 -19.99 21.72 -10.34
C LEU A 68 -18.76 21.36 -9.47
N ALA A 69 -18.04 20.30 -9.85
CA ALA A 69 -16.86 19.78 -9.14
C ALA A 69 -15.80 20.88 -9.02
N ARG A 70 -15.64 21.71 -10.07
CA ARG A 70 -14.68 22.85 -10.09
C ARG A 70 -15.00 23.80 -8.93
N TYR A 71 -16.27 24.20 -8.81
CA TYR A 71 -16.77 25.17 -7.80
C TYR A 71 -16.71 24.53 -6.41
N ALA A 72 -17.05 23.23 -6.31
CA ALA A 72 -16.98 22.45 -5.07
C ALA A 72 -15.55 22.50 -4.51
N ASP A 73 -14.56 22.29 -5.38
CA ASP A 73 -13.11 22.41 -5.06
C ASP A 73 -12.87 23.80 -4.46
N TRP A 74 -13.19 24.85 -5.22
CA TRP A 74 -12.93 26.27 -4.89
C TRP A 74 -13.55 26.63 -3.53
N SER A 75 -14.75 26.12 -3.25
CA SER A 75 -15.56 26.46 -2.05
C SER A 75 -14.84 26.01 -0.77
N VAL A 76 -13.95 25.01 -0.87
CA VAL A 76 -13.22 24.42 0.29
C VAL A 76 -11.76 24.90 0.28
N THR A 77 -11.09 24.81 -0.87
CA THR A 77 -9.65 25.11 -1.03
C THR A 77 -9.37 26.58 -0.67
N THR A 78 -10.05 27.50 -1.33
CA THR A 78 -9.83 28.97 -1.20
C THR A 78 -9.85 29.36 0.28
N PRO A 79 -10.87 28.95 1.06
CA PRO A 79 -10.91 29.25 2.50
C PRO A 79 -9.68 28.73 3.25
N ILE A 80 -9.24 27.51 2.93
CA ILE A 80 -8.06 26.85 3.58
C ILE A 80 -6.81 27.69 3.31
N LEU A 81 -6.64 28.15 2.07
CA LEU A 81 -5.50 29.03 1.67
C LEU A 81 -5.59 30.35 2.43
N LEU A 82 -6.79 30.93 2.53
CA LEU A 82 -7.07 32.20 3.27
C LEU A 82 -6.78 32.00 4.76
N ALA A 83 -7.18 30.85 5.31
CA ALA A 83 -6.96 30.48 6.73
C ALA A 83 -5.47 30.55 7.05
N SER A 84 -4.63 29.91 6.23
CA SER A 84 -3.15 29.89 6.36
C SER A 84 -2.61 31.32 6.43
N LEU A 85 -3.08 32.21 5.54
CA LEU A 85 -2.66 33.62 5.45
C LEU A 85 -3.03 34.35 6.76
N VAL A 86 -4.26 34.17 7.24
CA VAL A 86 -4.78 34.81 8.49
C VAL A 86 -3.83 34.45 9.64
N LEU A 87 -3.47 33.17 9.78
CA LEU A 87 -2.55 32.65 10.84
C LEU A 87 -1.20 33.35 10.74
N LEU A 88 -0.71 33.56 9.51
CA LEU A 88 0.59 34.25 9.24
C LEU A 88 0.51 35.67 9.80
N ALA A 89 -0.57 36.39 9.51
CA ALA A 89 -0.81 37.80 9.90
C ALA A 89 -0.71 37.96 11.42
N PHE A 90 -1.29 37.01 12.17
CA PHE A 90 -1.33 37.01 13.66
C PHE A 90 0.03 36.58 14.23
N HIS A 91 0.96 36.21 13.35
CA HIS A 91 2.32 35.72 13.71
C HIS A 91 2.19 34.44 14.55
N GLU A 92 1.19 33.62 14.24
CA GLU A 92 1.01 32.25 14.81
C GLU A 92 0.65 32.33 16.30
N ARG A 93 0.09 33.45 16.75
CA ARG A 93 -0.40 33.62 18.15
C ARG A 93 -1.57 34.60 18.16
N GLY A 94 -2.64 34.24 18.88
CA GLY A 94 -3.84 35.07 19.07
C GLY A 94 -4.59 34.69 20.34
N ARG A 95 -5.34 35.64 20.92
CA ARG A 95 -6.24 35.43 22.08
C ARG A 95 -7.50 34.70 21.58
N THR A 96 -8.25 34.07 22.48
CA THR A 96 -9.45 33.25 22.15
C THR A 96 -10.38 34.05 21.22
N GLY A 97 -10.70 33.48 20.05
CA GLY A 97 -11.73 33.98 19.13
C GLY A 97 -11.19 35.02 18.15
N GLU A 98 -10.00 35.56 18.42
CA GLU A 98 -9.38 36.66 17.61
C GLU A 98 -9.21 36.20 16.16
N VAL A 99 -8.40 35.16 15.92
CA VAL A 99 -8.15 34.57 14.57
C VAL A 99 -9.48 34.07 14.00
N GLY A 100 -10.33 33.48 14.85
CA GLY A 100 -11.64 32.90 14.48
C GLY A 100 -12.54 33.93 13.81
N GLY A 101 -12.62 35.14 14.37
CA GLY A 101 -13.42 36.26 13.85
C GLY A 101 -13.03 36.60 12.42
N TYR A 102 -11.72 36.78 12.17
CA TYR A 102 -11.15 37.12 10.84
C TYR A 102 -11.35 35.94 9.88
N LEU A 103 -11.14 34.72 10.37
CA LEU A 103 -11.36 33.47 9.58
C LEU A 103 -12.80 33.43 9.09
N THR A 104 -13.78 33.50 10.01
CA THR A 104 -15.23 33.46 9.70
C THR A 104 -15.54 34.55 8.66
N ALA A 105 -15.13 35.79 8.94
CA ALA A 105 -15.32 36.97 8.06
C ALA A 105 -14.84 36.66 6.65
N ILE A 106 -13.57 36.26 6.51
CA ILE A 106 -12.86 36.12 5.20
C ILE A 106 -13.37 34.86 4.49
N ILE A 107 -13.73 33.82 5.24
CA ILE A 107 -14.28 32.52 4.69
C ILE A 107 -15.68 32.80 4.13
N VAL A 108 -16.53 33.45 4.92
CA VAL A 108 -17.94 33.78 4.53
C VAL A 108 -17.92 34.54 3.20
N LEU A 109 -17.15 35.62 3.12
CA LEU A 109 -16.97 36.43 1.89
C LEU A 109 -16.50 35.52 0.75
N ASP A 110 -15.43 34.76 0.99
CA ASP A 110 -14.75 33.91 -0.02
C ASP A 110 -15.72 32.86 -0.56
N VAL A 111 -16.36 32.10 0.33
CA VAL A 111 -17.32 31.01 -0.02
C VAL A 111 -18.48 31.63 -0.81
N LEU A 112 -19.06 32.71 -0.31
CA LEU A 112 -20.14 33.49 -1.00
C LEU A 112 -19.66 33.82 -2.42
N MET A 113 -18.46 34.39 -2.53
CA MET A 113 -17.81 34.73 -3.84
C MET A 113 -17.93 33.53 -4.79
N ILE A 114 -17.65 32.32 -4.30
CA ILE A 114 -17.67 31.07 -5.09
C ILE A 114 -19.13 30.72 -5.43
N VAL A 115 -19.99 30.63 -4.42
CA VAL A 115 -21.43 30.24 -4.55
C VAL A 115 -22.11 31.18 -5.55
N THR A 116 -21.95 32.49 -5.36
CA THR A 116 -22.54 33.55 -6.23
C THR A 116 -22.03 33.36 -7.66
N GLY A 117 -20.72 33.09 -7.82
CA GLY A 117 -20.07 32.83 -9.11
C GLY A 117 -20.72 31.67 -9.84
N LEU A 118 -21.10 30.62 -9.10
CA LEU A 118 -21.78 29.40 -9.64
C LEU A 118 -23.18 29.79 -10.13
N ILE A 119 -23.90 30.58 -9.33
CA ILE A 119 -25.25 31.10 -9.66
C ILE A 119 -25.17 31.91 -10.96
N SER A 120 -24.14 32.76 -11.06
CA SER A 120 -23.84 33.60 -12.26
C SER A 120 -23.65 32.70 -13.49
N SER A 121 -22.86 31.64 -13.34
CA SER A 121 -22.51 30.68 -14.42
C SER A 121 -23.78 30.01 -14.96
N LEU A 122 -24.68 29.62 -14.06
CA LEU A 122 -25.90 28.82 -14.38
C LEU A 122 -27.02 29.74 -14.89
N ALA A 123 -26.96 31.03 -14.55
CA ALA A 123 -27.99 32.04 -14.89
C ALA A 123 -28.22 32.09 -16.40
N VAL A 124 -29.47 31.88 -16.82
CA VAL A 124 -29.91 31.79 -18.25
C VAL A 124 -30.30 33.19 -18.75
N VAL A 125 -30.62 34.11 -17.84
CA VAL A 125 -30.94 35.54 -18.15
C VAL A 125 -29.65 36.36 -18.05
N PRO A 126 -29.25 37.05 -19.13
CA PRO A 126 -28.01 37.84 -19.12
C PRO A 126 -27.95 38.80 -17.92
N ALA A 127 -28.96 39.66 -17.78
CA ALA A 127 -29.06 40.69 -16.71
C ALA A 127 -28.71 40.06 -15.36
N LEU A 128 -29.36 38.94 -15.02
CA LEU A 128 -29.12 38.19 -13.75
C LEU A 128 -27.68 37.70 -13.71
N LYS A 129 -27.18 37.12 -14.81
CA LYS A 129 -25.82 36.53 -14.91
C LYS A 129 -24.77 37.56 -14.48
N TRP A 130 -24.98 38.83 -14.86
CA TRP A 130 -24.00 39.93 -14.65
C TRP A 130 -24.22 40.57 -13.27
N VAL A 131 -25.47 40.66 -12.82
CA VAL A 131 -25.84 41.13 -11.45
C VAL A 131 -25.09 40.24 -10.45
N TRP A 132 -25.14 38.93 -10.65
CA TRP A 132 -24.54 37.92 -9.74
C TRP A 132 -23.02 37.94 -9.87
N TYR A 133 -22.49 38.06 -11.08
CA TYR A 133 -21.03 38.20 -11.36
C TYR A 133 -20.48 39.36 -10.54
N LEU A 134 -21.16 40.52 -10.62
CA LEU A 134 -20.76 41.77 -9.93
C LEU A 134 -20.79 41.54 -8.41
N TRP A 135 -21.87 40.95 -7.89
CA TRP A 135 -22.04 40.62 -6.46
C TRP A 135 -20.88 39.73 -6.00
N SER A 136 -20.55 38.71 -6.79
CA SER A 136 -19.38 37.81 -6.59
C SER A 136 -18.11 38.67 -6.49
N CYS A 137 -17.92 39.60 -7.43
CA CYS A 137 -16.77 40.53 -7.50
C CYS A 137 -16.72 41.37 -6.21
N ALA A 138 -17.86 41.89 -5.77
CA ALA A 138 -18.01 42.65 -4.50
C ALA A 138 -17.46 41.82 -3.34
N ALA A 139 -17.86 40.54 -3.27
CA ALA A 139 -17.39 39.57 -2.26
C ALA A 139 -15.87 39.45 -2.35
N PHE A 140 -15.33 39.30 -3.56
CA PHE A 140 -13.87 39.18 -3.84
C PHE A 140 -13.14 40.41 -3.30
N LEU A 141 -13.68 41.61 -3.57
CA LEU A 141 -13.16 42.90 -3.05
C LEU A 141 -13.19 42.88 -1.51
N GLY A 142 -14.29 42.37 -0.94
CA GLY A 142 -14.43 42.16 0.51
C GLY A 142 -13.27 41.34 1.05
N VAL A 143 -12.98 40.20 0.40
CA VAL A 143 -11.83 39.31 0.75
C VAL A 143 -10.53 40.11 0.63
N LEU A 144 -10.29 40.73 -0.53
CA LEU A 144 -9.06 41.49 -0.83
C LEU A 144 -8.85 42.60 0.21
N TYR A 145 -9.92 43.31 0.57
CA TYR A 145 -9.89 44.40 1.57
C TYR A 145 -9.29 43.88 2.88
N LEU A 146 -9.91 42.85 3.45
CA LEU A 146 -9.47 42.18 4.71
C LEU A 146 -7.98 41.86 4.62
N LEU A 147 -7.56 41.17 3.56
CA LEU A 147 -6.15 40.74 3.32
C LEU A 147 -5.22 41.96 3.31
N TRP A 148 -5.59 42.99 2.55
CA TRP A 148 -4.68 44.09 2.13
C TRP A 148 -4.62 45.22 3.17
N VAL A 149 -5.70 45.43 3.93
CA VAL A 149 -5.81 46.58 4.89
C VAL A 149 -5.61 46.07 6.31
N PRO A 150 -6.68 45.61 7.01
CA PRO A 150 -6.58 45.31 8.44
C PRO A 150 -5.60 44.17 8.76
N LEU A 151 -5.69 43.05 8.03
CA LEU A 151 -4.84 41.85 8.25
C LEU A 151 -3.38 42.19 7.94
N ARG A 152 -3.12 42.92 6.85
CA ARG A 152 -1.77 43.34 6.42
C ARG A 152 -1.21 44.34 7.45
N ALA A 153 -2.06 45.23 7.97
CA ALA A 153 -1.74 46.20 9.03
C ALA A 153 -1.18 45.45 10.25
N MET A 154 -1.93 44.47 10.74
CA MET A 154 -1.53 43.60 11.88
C MET A 154 -0.26 42.82 11.51
N ALA A 155 -0.19 42.31 10.28
CA ALA A 155 0.93 41.49 9.76
C ALA A 155 2.24 42.26 9.93
N VAL A 156 2.25 43.56 9.57
CA VAL A 156 3.47 44.43 9.55
C VAL A 156 3.76 44.93 10.97
N GLU A 157 2.73 45.27 11.73
CA GLU A 157 2.84 45.88 13.09
C GLU A 157 3.59 44.94 14.04
N ARG A 158 3.39 43.62 13.89
CA ARG A 158 3.85 42.58 14.85
C ARG A 158 5.33 42.27 14.65
N GLY A 159 5.88 42.50 13.46
CA GLY A 159 7.30 42.22 13.14
C GLY A 159 7.56 42.26 11.64
N GLU A 160 8.78 42.65 11.23
CA GLU A 160 9.21 42.83 9.83
C GLU A 160 9.28 41.47 9.11
N ALA A 161 9.87 40.45 9.75
CA ALA A 161 10.14 39.11 9.19
C ALA A 161 8.83 38.46 8.71
N LEU A 162 7.87 38.28 9.61
CA LEU A 162 6.55 37.64 9.32
C LEU A 162 5.70 38.56 8.45
N GLY A 163 5.82 39.88 8.65
CA GLY A 163 5.16 40.91 7.85
C GLY A 163 5.60 40.86 6.40
N THR A 164 6.89 40.64 6.17
CA THR A 164 7.52 40.50 4.83
C THR A 164 6.98 39.23 4.15
N ALA A 165 6.83 38.15 4.91
CA ALA A 165 6.36 36.83 4.43
C ALA A 165 4.90 36.94 3.98
N TYR A 166 4.05 37.55 4.81
CA TYR A 166 2.60 37.75 4.55
C TYR A 166 2.41 38.59 3.28
N GLN A 167 3.12 39.71 3.20
CA GLN A 167 3.02 40.69 2.08
C GLN A 167 3.40 40.00 0.77
N LYS A 168 4.47 39.21 0.77
CA LYS A 168 4.95 38.43 -0.40
C LYS A 168 3.86 37.44 -0.83
N ASN A 169 3.33 36.67 0.14
CA ASN A 169 2.30 35.63 -0.10
C ASN A 169 1.02 36.27 -0.66
N VAL A 170 0.57 37.37 -0.04
CA VAL A 170 -0.69 38.09 -0.41
C VAL A 170 -0.55 38.61 -1.85
N ALA A 171 0.54 39.30 -2.16
CA ALA A 171 0.84 39.86 -3.50
C ALA A 171 0.63 38.76 -4.55
N PHE A 172 1.34 37.65 -4.42
CA PHE A 172 1.26 36.45 -5.30
C PHE A 172 -0.20 35.98 -5.39
N LEU A 173 -0.87 35.87 -4.25
CA LEU A 173 -2.28 35.42 -4.13
C LEU A 173 -3.17 36.32 -4.99
N THR A 174 -3.08 37.63 -4.77
CA THR A 174 -3.89 38.69 -5.45
C THR A 174 -3.84 38.49 -6.97
N VAL A 175 -2.63 38.52 -7.55
CA VAL A 175 -2.41 38.48 -9.02
C VAL A 175 -3.05 37.21 -9.60
N ILE A 176 -2.73 36.05 -9.05
CA ILE A 176 -3.23 34.71 -9.51
C ILE A 176 -4.76 34.70 -9.39
N TRP A 177 -5.28 35.03 -8.21
CA TRP A 177 -6.73 34.95 -7.87
C TRP A 177 -7.54 35.86 -8.81
N PHE A 178 -6.94 36.95 -9.29
CA PHE A 178 -7.59 37.97 -10.15
C PHE A 178 -7.84 37.38 -11.55
N LEU A 179 -7.07 36.37 -11.93
CA LEU A 179 -7.14 35.72 -13.26
C LEU A 179 -8.49 35.00 -13.43
N TYR A 180 -9.02 34.46 -12.33
CA TYR A 180 -10.25 33.63 -12.30
C TYR A 180 -11.44 34.47 -12.76
N PRO A 181 -11.69 35.66 -12.16
CA PRO A 181 -12.78 36.53 -12.61
C PRO A 181 -12.59 36.98 -14.06
N ILE A 182 -11.34 37.21 -14.49
CA ILE A 182 -10.97 37.61 -15.87
C ILE A 182 -11.37 36.48 -16.84
N VAL A 183 -10.93 35.26 -16.55
CA VAL A 183 -11.17 34.05 -17.39
C VAL A 183 -12.69 33.79 -17.46
N PHE A 184 -13.39 33.89 -16.33
CA PHE A 184 -14.86 33.73 -16.23
C PHE A 184 -15.54 34.68 -17.22
N LEU A 185 -15.21 35.97 -17.13
CA LEU A 185 -15.74 37.06 -18.01
C LEU A 185 -15.59 36.67 -19.48
N ILE A 186 -14.36 36.29 -19.87
CA ILE A 186 -13.89 36.00 -21.25
C ILE A 186 -14.37 34.60 -21.67
N GLY A 187 -14.63 33.73 -20.70
CA GLY A 187 -14.86 32.29 -20.91
C GLY A 187 -16.31 31.97 -21.30
N PRO A 188 -16.64 30.66 -21.49
CA PRO A 188 -17.98 30.25 -21.88
C PRO A 188 -19.02 30.48 -20.77
N GLU A 189 -18.56 30.72 -19.54
CA GLU A 189 -19.42 31.04 -18.36
C GLU A 189 -19.85 32.50 -18.43
N GLY A 190 -19.22 33.28 -19.32
CA GLY A 190 -19.42 34.74 -19.43
C GLY A 190 -19.67 35.17 -20.87
N LEU A 191 -18.74 35.94 -21.44
CA LEU A 191 -18.87 36.60 -22.76
C LEU A 191 -18.70 35.58 -23.88
N LYS A 192 -18.12 34.41 -23.59
CA LYS A 192 -17.87 33.32 -24.57
C LYS A 192 -16.94 33.85 -25.67
N ILE A 193 -15.94 34.65 -25.30
CA ILE A 193 -14.90 35.22 -26.21
C ILE A 193 -13.87 34.14 -26.53
N ILE A 194 -13.51 33.32 -25.54
CA ILE A 194 -12.53 32.20 -25.70
C ILE A 194 -13.28 30.86 -25.55
N SER A 195 -12.76 29.80 -26.17
CA SER A 195 -13.35 28.44 -26.19
C SER A 195 -13.32 27.84 -24.78
N ASP A 196 -14.23 26.89 -24.52
CA ASP A 196 -14.33 26.12 -23.25
C ASP A 196 -12.98 25.45 -23.00
N PRO A 197 -12.44 24.69 -23.97
CA PRO A 197 -11.18 23.97 -23.78
C PRO A 197 -10.02 24.89 -23.43
N THR A 198 -9.86 26.02 -24.13
CA THR A 198 -8.77 27.00 -23.89
C THR A 198 -8.87 27.53 -22.46
N SER A 199 -10.08 27.92 -22.02
CA SER A 199 -10.35 28.44 -20.66
C SER A 199 -10.02 27.36 -19.61
N VAL A 200 -10.39 26.10 -19.89
CA VAL A 200 -10.16 24.93 -18.99
C VAL A 200 -8.65 24.70 -18.84
N TRP A 201 -7.90 24.76 -19.95
CA TRP A 201 -6.42 24.59 -19.99
C TRP A 201 -5.77 25.74 -19.21
N ALA A 202 -6.28 26.96 -19.37
CA ALA A 202 -5.80 28.18 -18.67
C ALA A 202 -6.00 27.99 -17.16
N ILE A 203 -7.17 27.53 -16.75
CA ILE A 203 -7.56 27.33 -15.31
C ILE A 203 -6.61 26.29 -14.68
N LEU A 204 -6.28 25.23 -15.41
CA LEU A 204 -5.33 24.18 -14.94
C LEU A 204 -3.98 24.83 -14.60
N ILE A 205 -3.43 25.63 -15.52
CA ILE A 205 -2.17 26.41 -15.34
C ILE A 205 -2.33 27.29 -14.09
N MET A 206 -3.42 28.05 -14.02
CA MET A 206 -3.74 28.95 -12.87
C MET A 206 -3.79 28.13 -11.58
N ASP A 207 -4.54 27.01 -11.59
CA ASP A 207 -4.78 26.14 -10.41
C ASP A 207 -3.44 25.60 -9.88
N VAL A 208 -2.49 25.27 -10.77
CA VAL A 208 -1.16 24.73 -10.39
C VAL A 208 -0.35 25.83 -9.70
N LEU A 209 -0.39 27.05 -10.24
CA LEU A 209 0.31 28.22 -9.66
C LEU A 209 -0.25 28.50 -8.26
N ALA A 210 -1.59 28.50 -8.12
CA ALA A 210 -2.32 28.93 -6.91
C ALA A 210 -2.18 27.91 -5.78
N LYR A 211 -2.07 26.62 -6.13
CA LYR A 211 -2.14 25.57 -5.11
C LYR A 211 -0.77 24.90 -4.92
O LYR A 211 -0.45 24.51 -3.81
CB LYR A 211 -3.20 24.52 -5.47
CG LYR A 211 -4.42 25.04 -6.20
CD LYR A 211 -5.61 24.10 -6.16
CE LYR A 211 -6.85 24.72 -5.53
NZ LYR A 211 -7.58 25.56 -6.48
C1 LYR A 211 -7.30 26.98 -6.35
C2 LYR A 211 -8.48 27.81 -6.82
C3 LYR A 211 -8.64 29.15 -6.60
C4 LYR A 211 -7.68 30.00 -5.87
C5 LYR A 211 -9.80 29.78 -7.11
C6 LYR A 211 -10.17 31.10 -7.04
C7 LYR A 211 -11.32 31.64 -7.62
C80 LYR A 211 -11.76 32.97 -7.64
C8 LYR A 211 -11.00 33.96 -6.85
C9 LYR A 211 -12.86 33.32 -8.42
C10 LYR A 211 -13.54 34.50 -8.41
C11 LYR A 211 -14.77 34.79 -9.12
C12 LYR A 211 -15.27 36.05 -9.08
C13 LYR A 211 -14.71 37.15 -8.23
C14 LYR A 211 -16.43 36.47 -9.94
C15 LYR A 211 -16.81 35.46 -11.00
C16 LYR A 211 -16.80 34.07 -10.47
C17 LYR A 211 -15.45 33.66 -9.86
C18 LYR A 211 -15.73 32.49 -8.90
C19 LYR A 211 -14.56 33.16 -11.00
N VAL A 212 0.00 24.76 -6.01
CA VAL A 212 1.24 24.00 -5.93
C VAL A 212 2.43 24.96 -5.83
N VAL A 213 2.64 25.83 -6.83
CA VAL A 213 3.76 26.81 -6.86
C VAL A 213 3.67 27.71 -5.62
N TYR A 214 2.48 28.25 -5.35
CA TYR A 214 2.21 29.18 -4.22
C TYR A 214 2.60 28.52 -2.90
N ALA A 215 2.25 27.24 -2.74
CA ALA A 215 2.50 26.43 -1.52
C ALA A 215 4.00 26.41 -1.24
N PHE A 216 4.81 26.08 -2.25
CA PHE A 216 6.30 26.01 -2.16
C PHE A 216 6.86 27.40 -1.93
N TYR A 217 6.30 28.41 -2.61
CA TYR A 217 6.70 29.83 -2.49
C TYR A 217 6.44 30.32 -1.05
N ALA A 218 5.24 30.06 -0.54
CA ALA A 218 4.77 30.45 0.82
C ALA A 218 5.66 29.80 1.88
N ALA A 219 6.02 28.53 1.66
CA ALA A 219 6.85 27.70 2.57
C ALA A 219 8.24 28.35 2.70
N ALA A 220 8.84 28.70 1.55
CA ALA A 220 10.18 29.32 1.46
C ALA A 220 10.18 30.66 2.20
N ASN A 221 9.13 31.47 2.01
CA ASN A 221 9.00 32.83 2.58
C ASN A 221 8.88 32.74 4.11
N LEU A 222 8.21 31.70 4.62
CA LEU A 222 8.01 31.47 6.08
C LEU A 222 9.34 31.00 6.69
N GLU A 223 10.01 30.04 6.02
CA GLU A 223 11.30 29.46 6.48
C GLU A 223 12.38 30.54 6.44
N THR A 224 12.33 31.43 5.43
CA THR A 224 13.24 32.60 5.30
C THR A 224 13.05 33.53 6.50
N ALA A 225 11.79 33.80 6.87
CA ALA A 225 11.41 34.71 7.97
C ALA A 225 11.85 34.12 9.32
N LEU A 226 11.65 32.81 9.50
CA LEU A 226 11.96 32.08 10.77
C LEU A 226 13.48 32.04 11.02
N ARG A 227 14.26 31.86 9.95
CA ARG A 227 15.74 31.78 10.00
C ARG A 227 16.31 33.16 10.33
N HIS A 228 15.80 34.21 9.69
CA HIS A 228 16.22 35.62 9.89
C HIS A 228 15.99 36.03 11.35
N HIS A 229 14.86 35.63 11.92
CA HIS A 229 14.49 35.87 13.34
C HIS A 229 15.41 35.06 14.25
N ASP B 2 -35.06 -3.34 7.46
CA ASP B 2 -35.85 -2.38 6.64
C ASP B 2 -36.12 -1.13 7.49
N TRP B 3 -37.38 -0.66 7.50
CA TRP B 3 -37.92 0.45 8.32
C TRP B 3 -37.63 0.19 9.81
N MET B 4 -37.83 -1.06 10.25
CA MET B 4 -37.66 -1.50 11.66
C MET B 4 -36.23 -1.21 12.11
N ALA B 5 -35.23 -1.50 11.25
CA ALA B 5 -33.79 -1.29 11.51
C ALA B 5 -33.53 0.20 11.72
N PHE B 6 -34.11 1.05 10.87
CA PHE B 6 -33.94 2.52 10.89
C PHE B 6 -34.59 3.09 12.16
N LEU B 7 -35.79 2.62 12.50
CA LEU B 7 -36.54 3.05 13.71
C LEU B 7 -35.78 2.60 14.97
N ILE B 8 -35.23 1.38 14.96
CA ILE B 8 -34.37 0.85 16.06
C ILE B 8 -33.14 1.76 16.19
N GLY B 9 -32.49 2.06 15.06
CA GLY B 9 -31.33 2.96 14.98
C GLY B 9 -31.62 4.31 15.61
N PHE B 10 -32.71 4.95 15.18
CA PHE B 10 -33.18 6.27 15.67
C PHE B 10 -33.32 6.24 17.20
N THR B 11 -34.12 5.30 17.72
CA THR B 11 -34.42 5.14 19.17
C THR B 11 -33.12 4.96 19.96
N ILE B 12 -32.27 4.03 19.52
CA ILE B 12 -30.96 3.72 20.18
C ILE B 12 -30.11 5.00 20.20
N MET B 13 -30.00 5.67 19.05
CA MET B 13 -29.09 6.84 18.85
C MET B 13 -29.63 8.04 19.64
N SER B 14 -30.93 8.30 19.58
CA SER B 14 -31.62 9.40 20.31
C SER B 14 -31.37 9.25 21.82
N LEU B 15 -31.73 8.09 22.39
CA LEU B 15 -31.56 7.78 23.83
C LEU B 15 -30.08 7.88 24.21
N ALA B 16 -29.21 7.20 23.44
CA ALA B 16 -27.75 7.14 23.67
C ALA B 16 -27.19 8.56 23.82
N SER B 17 -27.50 9.45 22.87
CA SER B 17 -27.06 10.88 22.86
C SER B 17 -27.38 11.53 24.21
N LEU B 18 -28.65 11.41 24.65
CA LEU B 18 -29.14 11.90 25.97
C LEU B 18 -28.29 11.27 27.08
N ALA B 19 -28.10 9.94 27.03
CA ALA B 19 -27.37 9.14 28.04
C ALA B 19 -25.91 9.57 28.10
N ILE B 20 -25.27 9.70 26.93
CA ILE B 20 -23.81 10.02 26.80
C ILE B 20 -23.53 11.36 27.48
N TYR B 21 -24.38 12.37 27.26
CA TYR B 21 -24.25 13.73 27.84
C TYR B 21 -24.38 13.65 29.37
N ALA B 22 -25.50 13.10 29.84
CA ALA B 22 -25.82 12.93 31.29
C ALA B 22 -24.67 12.22 31.99
N LYS B 23 -24.32 11.02 31.50
CA LYS B 23 -23.29 10.13 32.12
C LYS B 23 -21.91 10.78 32.00
N GLY B 24 -21.63 11.43 30.86
CA GLY B 24 -20.34 12.06 30.55
C GLY B 24 -19.95 13.10 31.59
N SER B 25 -18.64 13.24 31.85
CA SER B 25 -18.05 14.25 32.76
C SER B 25 -18.28 15.66 32.19
N LYS B 26 -18.53 16.64 33.06
CA LYS B 26 -18.85 18.05 32.70
C LYS B 26 -17.74 18.97 33.23
N THR B 27 -16.55 18.42 33.47
CA THR B 27 -15.44 19.06 34.21
C THR B 27 -14.20 19.19 33.32
N SER B 28 -13.68 20.40 33.17
CA SER B 28 -12.35 20.74 32.59
C SER B 28 -12.24 20.18 31.17
N PRO B 29 -11.18 19.38 30.86
CA PRO B 29 -10.99 18.85 29.51
C PRO B 29 -12.05 17.83 29.08
N ALA B 30 -12.47 16.97 30.00
CA ALA B 30 -13.45 15.88 29.77
C ALA B 30 -14.76 16.47 29.20
N LEU B 31 -15.17 17.63 29.70
CA LEU B 31 -16.43 18.31 29.30
C LEU B 31 -16.53 18.35 27.77
N HIS B 32 -15.58 19.01 27.10
CA HIS B 32 -15.62 19.29 25.64
C HIS B 32 -15.62 17.96 24.86
N HIS B 33 -15.02 16.91 25.42
CA HIS B 33 -15.06 15.52 24.85
C HIS B 33 -16.48 14.98 24.96
N THR B 34 -17.14 15.19 26.10
CA THR B 34 -18.53 14.76 26.37
C THR B 34 -19.48 15.42 25.36
N LEU B 35 -19.30 16.73 25.13
CA LEU B 35 -20.15 17.53 24.20
C LEU B 35 -20.03 16.97 22.78
N LEU B 36 -18.80 16.74 22.31
CA LEU B 36 -18.51 16.20 20.95
C LEU B 36 -19.15 14.81 20.79
N HIS B 37 -18.95 13.92 21.78
CA HIS B 37 -19.39 12.51 21.75
C HIS B 37 -20.92 12.42 21.76
N ALA B 38 -21.58 13.35 22.47
CA ALA B 38 -23.05 13.38 22.64
C ALA B 38 -23.73 13.83 21.35
N ALA B 39 -23.06 14.71 20.58
CA ALA B 39 -23.59 15.33 19.34
C ALA B 39 -23.72 14.27 18.25
N VAL B 40 -22.68 13.44 18.08
CA VAL B 40 -22.58 12.43 16.98
C VAL B 40 -23.88 11.63 16.89
N PRO B 41 -24.30 10.94 17.97
CA PRO B 41 -25.52 10.12 17.93
C PRO B 41 -26.77 10.92 17.55
N PHE B 42 -26.86 12.19 17.97
CA PHE B 42 -28.01 13.09 17.68
C PHE B 42 -28.11 13.32 16.17
N ILE B 43 -26.96 13.42 15.49
CA ILE B 43 -26.87 13.52 14.01
C ILE B 43 -27.34 12.18 13.42
N ALA B 44 -26.71 11.08 13.84
CA ALA B 44 -27.04 9.70 13.43
C ALA B 44 -28.55 9.46 13.58
N ALA B 45 -29.11 9.84 14.74
CA ALA B 45 -30.56 9.75 15.06
C ALA B 45 -31.36 10.44 13.95
N THR B 46 -31.11 11.74 13.72
CA THR B 46 -31.75 12.57 12.67
C THR B 46 -31.66 11.83 11.33
N ALA B 47 -30.47 11.30 11.01
CA ALA B 47 -30.20 10.53 9.78
C ALA B 47 -31.15 9.33 9.71
N TYR B 48 -31.16 8.50 10.75
CA TYR B 48 -31.93 7.24 10.82
C TYR B 48 -33.43 7.52 10.69
N LEU B 49 -33.91 8.61 11.31
CA LEU B 49 -35.33 9.04 11.21
C LEU B 49 -35.63 9.35 9.74
N ALA B 50 -34.73 10.08 9.07
CA ALA B 50 -34.81 10.43 7.65
C ALA B 50 -34.94 9.15 6.81
N MET B 51 -34.13 8.14 7.13
CA MET B 51 -33.98 6.89 6.32
C MET B 51 -35.24 6.02 6.45
N THR B 52 -35.89 6.02 7.62
CA THR B 52 -37.15 5.26 7.88
C THR B 52 -38.23 5.73 6.91
N PHE B 53 -38.29 7.04 6.65
CA PHE B 53 -39.28 7.69 5.74
C PHE B 53 -38.66 7.88 4.35
N GLY B 54 -37.52 7.21 4.11
CA GLY B 54 -36.82 7.21 2.82
C GLY B 54 -36.52 8.62 2.32
N ILE B 55 -36.24 9.54 3.25
CA ILE B 55 -35.87 10.96 2.95
C ILE B 55 -34.37 10.99 2.59
N GLY B 56 -34.06 11.43 1.38
CA GLY B 56 -32.68 11.48 0.85
C GLY B 56 -32.31 10.20 0.12
N THR B 57 -33.12 9.14 0.27
CA THR B 57 -32.90 7.80 -0.32
C THR B 57 -33.30 7.84 -1.80
N LEU B 58 -32.34 7.58 -2.70
CA LEU B 58 -32.53 7.64 -4.18
C LEU B 58 -32.83 6.23 -4.71
N VAL B 59 -33.89 6.10 -5.52
CA VAL B 59 -34.29 4.83 -6.19
C VAL B 59 -33.95 4.95 -7.68
N ASN B 60 -32.95 4.19 -8.14
CA ASN B 60 -32.50 4.10 -9.54
C ASN B 60 -33.60 3.45 -10.38
N PHE B 61 -33.58 3.66 -11.71
CA PHE B 61 -34.58 3.13 -12.66
C PHE B 61 -34.82 1.64 -12.38
N ASN B 62 -33.75 0.92 -12.01
CA ASN B 62 -33.73 -0.55 -11.81
C ASN B 62 -33.97 -0.90 -10.34
N GLY B 63 -34.58 0.01 -9.57
CA GLY B 63 -35.03 -0.22 -8.18
C GLY B 63 -33.87 -0.34 -7.20
N SER B 64 -32.67 0.12 -7.58
CA SER B 64 -31.46 0.15 -6.74
C SER B 64 -31.50 1.39 -5.84
N VAL B 65 -31.24 1.23 -4.54
CA VAL B 65 -31.41 2.30 -3.50
C VAL B 65 -30.04 2.74 -2.99
N THR B 66 -29.80 4.05 -2.93
CA THR B 66 -28.61 4.70 -2.32
C THR B 66 -29.09 5.78 -1.32
N TYR B 67 -28.72 5.64 -0.04
CA TYR B 67 -29.22 6.48 1.08
C TYR B 67 -28.30 7.69 1.28
N LEU B 68 -28.66 8.83 0.67
CA LEU B 68 -27.93 10.12 0.81
C LEU B 68 -27.82 10.47 2.31
N ALA B 69 -28.90 10.26 3.07
CA ALA B 69 -28.99 10.58 4.52
C ALA B 69 -27.86 9.87 5.27
N ARG B 70 -27.57 8.61 4.90
CA ARG B 70 -26.50 7.80 5.53
C ARG B 70 -25.16 8.53 5.39
N TYR B 71 -24.84 8.96 4.17
CA TYR B 71 -23.55 9.63 3.81
C TYR B 71 -23.51 11.02 4.44
N ALA B 72 -24.64 11.73 4.45
CA ALA B 72 -24.80 13.05 5.09
C ALA B 72 -24.42 12.95 6.56
N ASP B 73 -24.92 11.92 7.25
CA ASP B 73 -24.56 11.59 8.66
C ASP B 73 -23.03 11.47 8.76
N TRP B 74 -22.46 10.55 7.98
CA TRP B 74 -21.01 10.19 8.02
C TRP B 74 -20.15 11.43 7.77
N SER B 75 -20.56 12.31 6.86
CA SER B 75 -19.79 13.51 6.41
C SER B 75 -19.57 14.48 7.58
N VAL B 76 -20.45 14.44 8.59
CA VAL B 76 -20.40 15.37 9.76
C VAL B 76 -19.87 14.61 10.99
N THR B 77 -20.41 13.43 11.28
CA THR B 77 -20.13 12.64 12.50
C THR B 77 -18.64 12.25 12.53
N THR B 78 -18.15 11.59 11.48
CA THR B 78 -16.77 11.05 11.39
C THR B 78 -15.77 12.15 11.74
N PRO B 79 -15.85 13.36 11.13
CA PRO B 79 -14.94 14.46 11.47
C PRO B 79 -14.98 14.82 12.96
N ILE B 80 -16.18 14.84 13.56
CA ILE B 80 -16.40 15.20 14.99
C ILE B 80 -15.67 14.17 15.86
N LEU B 81 -15.78 12.88 15.52
CA LEU B 81 -15.09 11.77 16.24
C LEU B 81 -13.58 11.92 16.09
N LEU B 82 -13.11 12.24 14.88
CA LEU B 82 -11.67 12.47 14.56
C LEU B 82 -11.16 13.71 15.33
N ALA B 83 -11.97 14.77 15.38
CA ALA B 83 -11.66 16.03 16.09
C ALA B 83 -11.33 15.72 17.56
N SER B 84 -12.22 14.96 18.22
CA SER B 84 -12.08 14.54 19.64
C SER B 84 -10.73 13.85 19.85
N LEU B 85 -10.37 12.93 18.95
CA LEU B 85 -9.08 12.17 18.99
C LEU B 85 -7.90 13.13 18.90
N VAL B 86 -7.92 14.07 17.95
CA VAL B 86 -6.84 15.07 17.73
C VAL B 86 -6.59 15.83 19.04
N LEU B 87 -7.65 16.31 19.69
CA LEU B 87 -7.58 17.07 20.98
C LEU B 87 -6.93 16.21 22.06
N LEU B 88 -7.25 14.92 22.09
CA LEU B 88 -6.69 13.93 23.06
C LEU B 88 -5.17 13.88 22.87
N ALA B 89 -4.72 13.77 21.63
CA ALA B 89 -3.30 13.63 21.23
C ALA B 89 -2.48 14.82 21.77
N PHE B 90 -3.04 16.03 21.67
CA PHE B 90 -2.40 17.30 22.11
C PHE B 90 -2.40 17.40 23.64
N HIS B 91 -3.07 16.46 24.31
CA HIS B 91 -3.25 16.44 25.78
C HIS B 91 -4.01 17.71 26.23
N GLU B 92 -4.94 18.18 25.39
CA GLU B 92 -5.86 19.30 25.72
C GLU B 92 -5.09 20.62 25.84
N ARG B 93 -3.92 20.71 25.20
CA ARG B 93 -3.14 21.99 25.11
C ARG B 93 -2.44 22.05 23.75
N GLY B 94 -2.67 23.13 23.00
CA GLY B 94 -2.03 23.43 21.71
C GLY B 94 -2.01 24.92 21.45
N ARG B 95 -0.93 25.42 20.82
CA ARG B 95 -0.75 26.85 20.47
C ARG B 95 -1.62 27.19 19.26
N THR B 96 -1.82 28.49 19.00
CA THR B 96 -2.64 29.03 17.89
C THR B 96 -2.30 28.29 16.58
N GLY B 97 -3.31 27.67 15.95
CA GLY B 97 -3.22 27.07 14.61
C GLY B 97 -2.76 25.63 14.63
N GLU B 98 -2.09 25.20 15.70
CA GLU B 98 -1.43 23.87 15.81
C GLU B 98 -2.47 22.76 15.65
N VAL B 99 -3.44 22.68 16.58
CA VAL B 99 -4.53 21.66 16.56
C VAL B 99 -5.38 21.87 15.31
N GLY B 100 -5.60 23.14 14.93
CA GLY B 100 -6.39 23.53 13.75
C GLY B 100 -5.86 22.92 12.45
N GLY B 101 -4.54 22.95 12.26
CA GLY B 101 -3.87 22.37 11.08
C GLY B 101 -4.14 20.90 10.94
N TYR B 102 -4.00 20.14 12.04
CA TYR B 102 -4.22 18.67 12.10
C TYR B 102 -5.72 18.38 11.89
N LEU B 103 -6.58 19.18 12.50
CA LEU B 103 -8.06 19.09 12.34
C LEU B 103 -8.42 19.22 10.86
N THR B 104 -8.02 20.33 10.23
CA THR B 104 -8.29 20.64 8.80
C THR B 104 -7.81 19.45 7.95
N ALA B 105 -6.55 19.04 8.13
CA ALA B 105 -5.90 17.93 7.41
C ALA B 105 -6.78 16.68 7.50
N ILE B 106 -7.10 16.24 8.71
CA ILE B 106 -7.75 14.93 9.00
C ILE B 106 -9.22 14.98 8.60
N ILE B 107 -9.86 16.16 8.74
CA ILE B 107 -11.29 16.38 8.36
C ILE B 107 -11.39 16.32 6.82
N VAL B 108 -10.53 17.07 6.13
CA VAL B 108 -10.51 17.15 4.64
C VAL B 108 -10.42 15.73 4.08
N LEU B 109 -9.41 14.96 4.52
CA LEU B 109 -9.21 13.54 4.10
C LEU B 109 -10.48 12.74 4.40
N ASP B 110 -11.00 12.83 5.63
CA ASP B 110 -12.14 12.02 6.13
C ASP B 110 -13.39 12.35 5.30
N VAL B 111 -13.72 13.64 5.15
CA VAL B 111 -14.93 14.11 4.41
C VAL B 111 -14.80 13.64 2.95
N LEU B 112 -13.65 13.89 2.32
CA LEU B 112 -13.33 13.42 0.95
C LEU B 112 -13.60 11.91 0.86
N MET B 113 -13.06 11.14 1.80
CA MET B 113 -13.27 9.67 1.91
C MET B 113 -14.76 9.35 1.77
N ILE B 114 -15.62 10.11 2.47
CA ILE B 114 -17.09 9.93 2.48
C ILE B 114 -17.65 10.32 1.10
N VAL B 115 -17.36 11.54 0.64
CA VAL B 115 -17.84 12.12 -0.65
C VAL B 115 -17.49 11.18 -1.80
N THR B 116 -16.23 10.77 -1.89
CA THR B 116 -15.69 9.88 -2.94
C THR B 116 -16.43 8.53 -2.88
N GLY B 117 -16.65 8.01 -1.67
CA GLY B 117 -17.41 6.76 -1.44
C GLY B 117 -18.82 6.84 -2.01
N LEU B 118 -19.46 8.01 -1.87
CA LEU B 118 -20.82 8.29 -2.40
C LEU B 118 -20.78 8.28 -3.93
N ILE B 119 -19.76 8.93 -4.52
CA ILE B 119 -19.53 8.99 -5.99
C ILE B 119 -19.39 7.55 -6.50
N SER B 120 -18.62 6.72 -5.80
CA SER B 120 -18.39 5.29 -6.11
C SER B 120 -19.73 4.53 -6.10
N SER B 121 -20.55 4.76 -5.07
CA SER B 121 -21.87 4.11 -4.88
C SER B 121 -22.80 4.43 -6.06
N LEU B 122 -22.81 5.69 -6.50
CA LEU B 122 -23.74 6.22 -7.54
C LEU B 122 -23.24 5.83 -8.93
N ALA B 123 -21.94 5.61 -9.09
CA ALA B 123 -21.29 5.20 -10.37
C ALA B 123 -21.93 3.90 -10.86
N VAL B 124 -22.48 3.92 -12.09
CA VAL B 124 -23.20 2.76 -12.72
C VAL B 124 -22.21 1.99 -13.60
N VAL B 125 -21.06 2.61 -13.92
CA VAL B 125 -19.95 1.99 -14.70
C VAL B 125 -18.98 1.33 -13.73
N PRO B 126 -18.74 0.01 -13.85
CA PRO B 126 -17.92 -0.73 -12.88
C PRO B 126 -16.54 -0.07 -12.68
N ALA B 127 -15.78 0.09 -13.77
CA ALA B 127 -14.41 0.65 -13.77
C ALA B 127 -14.39 1.92 -12.91
N LEU B 128 -15.29 2.86 -13.17
CA LEU B 128 -15.42 4.15 -12.44
C LEU B 128 -15.68 3.86 -10.96
N LYS B 129 -16.67 2.99 -10.69
CA LYS B 129 -17.13 2.63 -9.32
C LYS B 129 -15.94 2.24 -8.45
N TRP B 130 -15.00 1.49 -9.01
CA TRP B 130 -13.86 0.87 -8.27
C TRP B 130 -12.68 1.85 -8.23
N VAL B 131 -12.48 2.63 -9.29
CA VAL B 131 -11.47 3.73 -9.32
C VAL B 131 -11.75 4.67 -8.14
N TRP B 132 -13.01 5.05 -7.96
CA TRP B 132 -13.46 6.00 -6.91
C TRP B 132 -13.37 5.34 -5.54
N TYR B 133 -13.78 4.07 -5.43
CA TYR B 133 -13.68 3.27 -4.18
C TYR B 133 -12.24 3.29 -3.70
N LEU B 134 -11.29 3.02 -4.60
CA LEU B 134 -9.83 2.98 -4.32
C LEU B 134 -9.37 4.35 -3.83
N TRP B 135 -9.75 5.42 -4.54
CA TRP B 135 -9.40 6.82 -4.18
C TRP B 135 -9.91 7.12 -2.77
N SER B 136 -11.15 6.72 -2.47
CA SER B 136 -11.78 6.80 -1.13
C SER B 136 -10.89 6.09 -0.11
N CYS B 137 -10.45 4.87 -0.44
CA CYS B 137 -9.57 4.02 0.41
C CYS B 137 -8.25 4.75 0.67
N ALA B 138 -7.67 5.36 -0.37
CA ALA B 138 -6.44 6.19 -0.28
C ALA B 138 -6.65 7.28 0.78
N ALA B 139 -7.78 7.98 0.71
CA ALA B 139 -8.19 9.02 1.68
C ALA B 139 -8.22 8.42 3.09
N PHE B 140 -8.86 7.25 3.23
CA PHE B 140 -9.00 6.51 4.52
C PHE B 140 -7.61 6.22 5.09
N LEU B 141 -6.70 5.73 4.26
CA LEU B 141 -5.28 5.47 4.63
C LEU B 141 -4.64 6.78 5.08
N GLY B 142 -4.89 7.87 4.35
CA GLY B 142 -4.46 9.24 4.73
C GLY B 142 -4.89 9.57 6.15
N VAL B 143 -6.17 9.34 6.46
CA VAL B 143 -6.76 9.53 7.82
C VAL B 143 -5.99 8.65 8.82
N LEU B 144 -5.94 7.35 8.53
CA LEU B 144 -5.33 6.33 9.42
C LEU B 144 -3.86 6.69 9.68
N TYR B 145 -3.13 7.12 8.65
CA TYR B 145 -1.71 7.53 8.75
C TYR B 145 -1.58 8.61 9.83
N LEU B 146 -2.30 9.73 9.66
CA LEU B 146 -2.31 10.89 10.61
C LEU B 146 -2.54 10.37 12.03
N LEU B 147 -3.60 9.58 12.23
CA LEU B 147 -3.99 9.01 13.54
C LEU B 147 -2.84 8.19 14.13
N TRP B 148 -2.27 7.28 13.32
CA TRP B 148 -1.40 6.17 13.80
C TRP B 148 0.07 6.61 13.92
N VAL B 149 0.51 7.58 13.12
CA VAL B 149 1.95 8.00 13.05
C VAL B 149 2.13 9.33 13.78
N PRO B 150 1.96 10.50 13.12
CA PRO B 150 2.31 11.79 13.72
C PRO B 150 1.49 12.11 14.98
N LEU B 151 0.17 11.95 14.92
CA LEU B 151 -0.74 12.28 16.05
C LEU B 151 -0.48 11.34 17.22
N ARG B 152 -0.28 10.04 16.95
CA ARG B 152 0.01 9.00 17.97
C ARG B 152 1.39 9.27 18.58
N ALA B 153 2.35 9.68 17.75
CA ALA B 153 3.72 10.08 18.16
C ALA B 153 3.62 11.18 19.22
N MET B 154 2.90 12.26 18.92
CA MET B 154 2.65 13.39 19.84
C MET B 154 1.89 12.88 21.08
N ALA B 155 0.89 12.01 20.87
CA ALA B 155 0.04 11.44 21.93
C ALA B 155 0.90 10.79 23.02
N VAL B 156 1.91 10.01 22.61
CA VAL B 156 2.78 9.20 23.52
C VAL B 156 3.87 10.10 24.11
N GLU B 157 4.42 11.01 23.31
CA GLU B 157 5.54 11.91 23.68
C GLU B 157 5.17 12.77 24.91
N ARG B 158 3.90 13.18 25.00
CA ARG B 158 3.43 14.21 25.97
C ARG B 158 3.17 13.58 27.35
N GLY B 159 2.91 12.26 27.41
CA GLY B 159 2.66 11.55 28.67
C GLY B 159 2.04 10.17 28.45
N GLU B 160 2.29 9.24 29.36
CA GLU B 160 1.86 7.81 29.29
C GLU B 160 0.33 7.71 29.41
N ALA B 161 -0.25 8.41 30.39
CA ALA B 161 -1.69 8.32 30.76
C ALA B 161 -2.58 8.65 29.56
N LEU B 162 -2.43 9.86 28.99
CA LEU B 162 -3.23 10.36 27.84
C LEU B 162 -2.82 9.61 26.57
N GLY B 163 -1.55 9.25 26.44
CA GLY B 163 -1.00 8.44 25.34
C GLY B 163 -1.65 7.06 25.29
N THR B 164 -1.86 6.46 26.46
CA THR B 164 -2.53 5.14 26.63
C THR B 164 -4.00 5.25 26.22
N ALA B 165 -4.65 6.37 26.58
CA ALA B 165 -6.08 6.64 26.30
C ALA B 165 -6.29 6.78 24.79
N TYR B 166 -5.43 7.58 24.13
CA TYR B 166 -5.47 7.85 22.67
C TYR B 166 -5.28 6.54 21.90
N GLN B 167 -4.25 5.77 22.26
CA GLN B 167 -3.87 4.50 21.59
C GLN B 167 -5.03 3.50 21.69
N LYS B 168 -5.65 3.39 22.86
CA LYS B 168 -6.81 2.51 23.12
C LYS B 168 -7.98 2.93 22.22
N ASN B 169 -8.30 4.24 22.20
CA ASN B 169 -9.41 4.83 21.41
C ASN B 169 -9.17 4.58 19.92
N VAL B 170 -7.96 4.88 19.44
CA VAL B 170 -7.57 4.75 18.00
C VAL B 170 -7.72 3.29 17.57
N ALA B 171 -7.13 2.35 18.32
CA ALA B 171 -7.19 0.89 18.07
C ALA B 171 -8.65 0.48 17.81
N PHE B 172 -9.53 0.73 18.79
CA PHE B 172 -10.99 0.45 18.74
C PHE B 172 -11.58 1.09 17.48
N LEU B 173 -11.24 2.37 17.24
CA LEU B 173 -11.74 3.16 16.09
C LEU B 173 -11.36 2.46 14.79
N THR B 174 -10.08 2.11 14.62
CA THR B 174 -9.53 1.50 13.39
C THR B 174 -10.32 0.25 13.01
N VAL B 175 -10.44 -0.71 13.94
CA VAL B 175 -11.10 -2.03 13.70
C VAL B 175 -12.54 -1.78 13.22
N ILE B 176 -13.33 -1.01 13.98
CA ILE B 176 -14.76 -0.72 13.68
C ILE B 176 -14.85 0.01 12.33
N TRP B 177 -14.07 1.08 12.16
CA TRP B 177 -14.10 1.97 10.95
C TRP B 177 -13.79 1.16 9.70
N PHE B 178 -12.97 0.10 9.83
CA PHE B 178 -12.49 -0.75 8.71
C PHE B 178 -13.65 -1.62 8.19
N LEU B 179 -14.66 -1.85 9.02
CA LEU B 179 -15.84 -2.70 8.67
C LEU B 179 -16.65 -2.03 7.57
N TYR B 180 -16.70 -0.70 7.57
CA TYR B 180 -17.52 0.12 6.62
C TYR B 180 -17.05 -0.11 5.19
N PRO B 181 -15.75 0.06 4.89
CA PRO B 181 -15.23 -0.21 3.54
C PRO B 181 -15.43 -1.68 3.14
N ILE B 182 -15.33 -2.60 4.10
CA ILE B 182 -15.54 -4.07 3.90
C ILE B 182 -17.00 -4.31 3.48
N VAL B 183 -17.95 -3.78 4.25
CA VAL B 183 -19.42 -3.92 4.01
C VAL B 183 -19.76 -3.34 2.64
N PHE B 184 -19.24 -2.14 2.34
CA PHE B 184 -19.44 -1.44 1.04
C PHE B 184 -19.04 -2.37 -0.09
N LEU B 185 -17.80 -2.88 -0.03
CA LEU B 185 -17.18 -3.78 -1.04
C LEU B 185 -18.13 -4.95 -1.34
N ILE B 186 -18.55 -5.67 -0.29
CA ILE B 186 -19.33 -6.93 -0.42
C ILE B 186 -20.83 -6.61 -0.54
N GLY B 187 -21.22 -5.37 -0.21
CA GLY B 187 -22.64 -4.93 -0.13
C GLY B 187 -23.21 -4.55 -1.50
N PRO B 188 -24.48 -4.08 -1.55
CA PRO B 188 -25.14 -3.77 -2.83
C PRO B 188 -24.55 -2.53 -3.52
N GLU B 189 -23.78 -1.74 -2.77
CA GLU B 189 -23.08 -0.54 -3.30
C GLU B 189 -21.78 -0.97 -4.00
N GLY B 190 -21.40 -2.24 -3.85
CA GLY B 190 -20.14 -2.80 -4.40
C GLY B 190 -20.38 -4.09 -5.18
N LEU B 191 -19.90 -5.22 -4.64
CA LEU B 191 -19.89 -6.54 -5.34
C LEU B 191 -21.28 -7.17 -5.34
N LYS B 192 -22.18 -6.68 -4.48
CA LYS B 192 -23.59 -7.16 -4.37
C LYS B 192 -23.58 -8.64 -3.96
N ILE B 193 -22.65 -9.02 -3.08
CA ILE B 193 -22.56 -10.41 -2.52
C ILE B 193 -23.59 -10.55 -1.39
N ILE B 194 -23.80 -9.48 -0.63
CA ILE B 194 -24.74 -9.42 0.52
C ILE B 194 -26.00 -8.63 0.10
N SER B 195 -27.15 -8.96 0.70
CA SER B 195 -28.46 -8.29 0.45
C SER B 195 -28.43 -6.87 1.00
N ASP B 196 -29.28 -5.98 0.47
CA ASP B 196 -29.46 -4.59 0.96
C ASP B 196 -29.81 -4.65 2.45
N PRO B 197 -30.84 -5.44 2.83
CA PRO B 197 -31.27 -5.53 4.23
C PRO B 197 -30.16 -6.00 5.17
N THR B 198 -29.40 -7.03 4.77
CA THR B 198 -28.28 -7.61 5.54
C THR B 198 -27.23 -6.52 5.81
N SER B 199 -26.84 -5.79 4.77
CA SER B 199 -25.85 -4.68 4.83
C SER B 199 -26.35 -3.58 5.77
N VAL B 200 -27.63 -3.22 5.67
CA VAL B 200 -28.30 -2.17 6.48
C VAL B 200 -28.27 -2.58 7.95
N TRP B 201 -28.59 -3.84 8.24
CA TRP B 201 -28.63 -4.41 9.62
C TRP B 201 -27.22 -4.42 10.20
N ALA B 202 -26.22 -4.78 9.38
CA ALA B 202 -24.79 -4.82 9.77
C ALA B 202 -24.34 -3.40 10.15
N ILE B 203 -24.69 -2.42 9.31
CA ILE B 203 -24.30 -0.99 9.48
C ILE B 203 -24.87 -0.46 10.79
N LEU B 204 -26.12 -0.82 11.13
CA LEU B 204 -26.80 -0.41 12.39
C LEU B 204 -25.95 -0.89 13.58
N ILE B 205 -25.58 -2.17 13.59
CA ILE B 205 -24.72 -2.79 14.63
C ILE B 205 -23.39 -2.02 14.68
N MET B 206 -22.76 -1.82 13.52
CA MET B 206 -21.49 -1.07 13.38
C MET B 206 -21.67 0.35 13.94
N ASP B 207 -22.73 1.05 13.52
CA ASP B 207 -23.00 2.47 13.88
C ASP B 207 -23.14 2.59 15.41
N VAL B 208 -23.76 1.61 16.07
CA VAL B 208 -23.96 1.60 17.55
C VAL B 208 -22.61 1.45 18.24
N LEU B 209 -21.78 0.52 17.76
CA LEU B 209 -20.41 0.27 18.29
C LEU B 209 -19.57 1.54 18.17
N ALA B 210 -19.61 2.17 16.98
CA ALA B 210 -18.71 3.28 16.57
C ALA B 210 -19.08 4.58 17.28
N LYR B 211 -20.38 4.76 17.58
CA LYR B 211 -20.86 6.04 18.04
C LYR B 211 -21.28 5.97 19.50
O LYR B 211 -21.10 6.93 20.24
CB LYR B 211 -22.02 6.53 17.17
CG LYR B 211 -21.74 6.57 15.67
CD LYR B 211 -22.71 7.44 14.90
CE LYR B 211 -22.71 7.19 13.40
NZ LYR B 211 -21.45 7.61 12.78
C1 LYR B 211 -20.47 6.53 12.60
C2 LYR B 211 -20.04 6.36 11.16
C3 LYR B 211 -18.79 5.98 10.77
C4 LYR B 211 -17.66 5.83 11.68
C5 LYR B 211 -18.56 5.68 9.40
C6 LYR B 211 -17.37 5.43 8.76
C7 LYR B 211 -17.23 4.95 7.47
C80 LYR B 211 -16.05 4.73 6.73
C8 LYR B 211 -14.75 4.87 7.43
C9 LYR B 211 -16.12 4.36 5.39
C10 LYR B 211 -15.13 4.41 4.46
C11 LYR B 211 -15.25 4.12 3.05
C12 LYR B 211 -14.15 3.85 2.32
C13 LYR B 211 -12.74 3.90 2.85
C14 LYR B 211 -14.22 3.44 0.89
C15 LYR B 211 -15.61 2.95 0.48
C16 LYR B 211 -16.64 3.92 0.93
C17 LYR B 211 -16.65 4.15 2.44
C18 LYR B 211 -17.30 5.51 2.69
C19 LYR B 211 -17.53 3.07 3.09
N VAL B 212 -21.84 4.83 19.93
CA VAL B 212 -22.39 4.71 21.27
C VAL B 212 -21.38 4.02 22.19
N VAL B 213 -21.02 2.77 21.86
CA VAL B 213 -20.08 1.94 22.68
C VAL B 213 -18.75 2.68 22.79
N TYR B 214 -18.22 3.17 21.66
CA TYR B 214 -16.91 3.87 21.57
C TYR B 214 -16.91 5.08 22.50
N ALA B 215 -18.01 5.84 22.52
CA ALA B 215 -18.18 7.07 23.33
C ALA B 215 -17.97 6.74 24.81
N PHE B 216 -18.66 5.71 25.30
CA PHE B 216 -18.59 5.25 26.72
C PHE B 216 -17.19 4.69 27.00
N TYR B 217 -16.63 3.95 26.04
CA TYR B 217 -15.28 3.35 26.11
C TYR B 217 -14.23 4.47 26.23
N ALA B 218 -14.33 5.48 25.35
CA ALA B 218 -13.43 6.64 25.27
C ALA B 218 -13.46 7.42 26.59
N ALA B 219 -14.64 7.57 27.18
CA ALA B 219 -14.88 8.28 28.45
C ALA B 219 -14.11 7.58 29.59
N ALA B 220 -14.22 6.25 29.66
CA ALA B 220 -13.56 5.41 30.68
C ALA B 220 -12.03 5.56 30.56
N ASN B 221 -11.51 5.55 29.32
CA ASN B 221 -10.06 5.64 29.03
C ASN B 221 -9.53 7.00 29.47
N LEU B 222 -10.32 8.06 29.28
CA LEU B 222 -9.98 9.46 29.65
C LEU B 222 -10.04 9.62 31.17
N GLU B 223 -11.11 9.09 31.79
CA GLU B 223 -11.37 9.13 33.25
C GLU B 223 -10.26 8.38 33.99
N THR B 224 -9.84 7.23 33.44
CA THR B 224 -8.73 6.39 33.98
C THR B 224 -7.43 7.18 33.89
N ALA B 225 -7.18 7.81 32.74
CA ALA B 225 -5.96 8.59 32.42
C ALA B 225 -5.91 9.86 33.27
N LEU B 226 -7.06 10.52 33.44
CA LEU B 226 -7.22 11.80 34.17
C LEU B 226 -6.93 11.60 35.65
N ARG B 227 -7.31 10.43 36.20
CA ARG B 227 -7.11 10.04 37.62
C ARG B 227 -5.63 10.13 38.00
N HIS B 228 -4.74 9.65 37.12
CA HIS B 228 -3.26 9.72 37.27
C HIS B 228 -2.82 11.19 37.18
N ASP C 2 -44.19 40.12 -3.22
CA ASP C 2 -43.23 39.20 -2.55
C ASP C 2 -41.80 39.58 -2.93
N TRP C 3 -41.55 39.84 -4.22
CA TRP C 3 -40.20 40.17 -4.77
C TRP C 3 -39.70 41.49 -4.18
N MET C 4 -40.60 42.46 -4.00
CA MET C 4 -40.32 43.79 -3.42
C MET C 4 -39.75 43.63 -2.01
N ALA C 5 -40.32 42.70 -1.22
CA ALA C 5 -39.89 42.37 0.16
C ALA C 5 -38.45 41.86 0.14
N PHE C 6 -38.13 40.98 -0.81
CA PHE C 6 -36.78 40.37 -0.98
C PHE C 6 -35.77 41.45 -1.37
N LEU C 7 -36.14 42.33 -2.31
CA LEU C 7 -35.30 43.45 -2.79
C LEU C 7 -35.05 44.42 -1.62
N ILE C 8 -36.09 44.72 -0.84
CA ILE C 8 -36.00 45.57 0.39
C ILE C 8 -35.05 44.89 1.38
N GLY C 9 -35.25 43.59 1.62
CA GLY C 9 -34.40 42.75 2.49
C GLY C 9 -32.93 42.84 2.09
N PHE C 10 -32.62 42.60 0.82
CA PHE C 10 -31.25 42.65 0.25
C PHE C 10 -30.61 44.01 0.56
N THR C 11 -31.27 45.11 0.18
CA THR C 11 -30.79 46.50 0.32
C THR C 11 -30.52 46.80 1.81
N ILE C 12 -31.49 46.49 2.67
CA ILE C 12 -31.38 46.70 4.15
C ILE C 12 -30.17 45.92 4.67
N MET C 13 -30.07 44.63 4.31
CA MET C 13 -29.05 43.69 4.83
C MET C 13 -27.66 44.07 4.31
N SER C 14 -27.56 44.39 3.01
CA SER C 14 -26.29 44.81 2.35
C SER C 14 -25.72 46.04 3.07
N LEU C 15 -26.52 47.11 3.16
CA LEU C 15 -26.11 48.39 3.81
C LEU C 15 -25.78 48.12 5.29
N ALA C 16 -26.67 47.43 6.01
CA ALA C 16 -26.54 47.11 7.44
C ALA C 16 -25.17 46.47 7.71
N SER C 17 -24.82 45.44 6.94
CA SER C 17 -23.54 44.70 7.06
C SER C 17 -22.36 45.68 7.00
N LEU C 18 -22.34 46.57 6.00
CA LEU C 18 -21.36 47.66 5.84
C LEU C 18 -21.36 48.54 7.11
N ALA C 19 -22.56 48.94 7.56
CA ALA C 19 -22.77 49.84 8.71
C ALA C 19 -22.27 49.17 10.00
N ILE C 20 -22.63 47.91 10.22
CA ILE C 20 -22.30 47.12 11.43
C ILE C 20 -20.77 47.08 11.61
N TYR C 21 -20.04 46.81 10.53
CA TYR C 21 -18.55 46.71 10.52
C TYR C 21 -17.95 48.08 10.87
N ALA C 22 -18.32 49.12 10.12
CA ALA C 22 -17.83 50.51 10.31
C ALA C 22 -18.08 50.95 11.74
N LYS C 23 -19.33 50.86 12.22
CA LYS C 23 -19.78 51.29 13.56
C LYS C 23 -19.09 50.43 14.64
N GLY C 24 -18.97 49.12 14.41
CA GLY C 24 -18.39 48.15 15.36
C GLY C 24 -16.97 48.52 15.75
N SER C 25 -16.58 48.22 16.99
CA SER C 25 -15.20 48.40 17.52
C SER C 25 -14.26 47.39 16.86
N LYS C 26 -13.00 47.78 16.64
CA LYS C 26 -11.96 46.96 15.97
C LYS C 26 -10.84 46.63 16.96
N THR C 27 -11.13 46.61 18.27
CA THR C 27 -10.14 46.44 19.36
C THR C 27 -10.45 45.21 20.22
N SER C 28 -9.44 44.35 20.44
CA SER C 28 -9.40 43.27 21.45
C SER C 28 -10.57 42.30 21.23
N PRO C 29 -11.38 42.03 22.29
CA PRO C 29 -12.49 41.08 22.19
C PRO C 29 -13.60 41.56 21.24
N ALA C 30 -13.94 42.85 21.31
CA ALA C 30 -15.02 43.50 20.52
C ALA C 30 -14.81 43.22 19.03
N LEU C 31 -13.56 43.29 18.56
CA LEU C 31 -13.19 43.14 17.13
C LEU C 31 -13.86 41.88 16.57
N HIS C 32 -13.54 40.71 17.12
CA HIS C 32 -13.96 39.39 16.58
C HIS C 32 -15.49 39.29 16.60
N HIS C 33 -16.14 39.96 17.56
CA HIS C 33 -17.63 40.07 17.65
C HIS C 33 -18.14 40.91 16.48
N THR C 34 -17.47 42.02 16.18
CA THR C 34 -17.78 42.95 15.07
C THR C 34 -17.74 42.20 13.74
N LEU C 35 -16.66 41.43 13.52
CA LEU C 35 -16.42 40.68 12.26
C LEU C 35 -17.53 39.65 12.05
N LEU C 36 -17.84 38.87 13.08
CA LEU C 36 -18.88 37.80 13.03
C LEU C 36 -20.24 38.43 12.73
N HIS C 37 -20.60 39.51 13.45
CA HIS C 37 -21.91 40.17 13.38
C HIS C 37 -22.11 40.83 12.01
N ALA C 38 -21.04 41.34 11.40
CA ALA C 38 -21.05 42.06 10.11
C ALA C 38 -21.28 41.07 8.96
N ALA C 39 -20.77 39.84 9.11
CA ALA C 39 -20.83 38.77 8.08
C ALA C 39 -22.27 38.29 7.90
N VAL C 40 -22.99 38.07 9.01
CA VAL C 40 -24.37 37.49 9.03
C VAL C 40 -25.24 38.20 8.00
N PRO C 41 -25.42 39.54 8.11
CA PRO C 41 -26.29 40.26 7.18
C PRO C 41 -25.85 40.09 5.70
N PHE C 42 -24.54 40.01 5.45
CA PHE C 42 -23.98 39.87 4.09
C PHE C 42 -24.43 38.53 3.47
N ILE C 43 -24.52 37.50 4.30
CA ILE C 43 -25.09 36.17 3.93
C ILE C 43 -26.58 36.36 3.62
N ALA C 44 -27.34 36.88 4.60
CA ALA C 44 -28.78 37.17 4.49
C ALA C 44 -29.05 37.96 3.20
N ALA C 45 -28.25 39.01 2.95
CA ALA C 45 -28.31 39.85 1.73
C ALA C 45 -28.26 38.96 0.49
N THR C 46 -27.18 38.19 0.35
CA THR C 46 -26.95 37.24 -0.76
C THR C 46 -28.18 36.34 -0.93
N ALA C 47 -28.69 35.80 0.19
CA ALA C 47 -29.91 34.95 0.24
C ALA C 47 -31.08 35.72 -0.39
N TYR C 48 -31.37 36.92 0.13
CA TYR C 48 -32.52 37.76 -0.27
C TYR C 48 -32.43 38.09 -1.76
N LEU C 49 -31.22 38.39 -2.27
CA LEU C 49 -30.99 38.68 -3.71
C LEU C 49 -31.39 37.44 -4.53
N ALA C 50 -30.97 36.26 -4.07
CA ALA C 50 -31.30 34.95 -4.68
C ALA C 50 -32.82 34.79 -4.76
N MET C 51 -33.51 35.14 -3.68
CA MET C 51 -34.96 34.87 -3.50
C MET C 51 -35.80 35.81 -4.39
N THR C 52 -35.33 37.04 -4.63
CA THR C 52 -36.01 38.04 -5.49
C THR C 52 -36.11 37.48 -6.91
N PHE C 53 -35.06 36.80 -7.37
CA PHE C 53 -34.94 36.18 -8.71
C PHE C 53 -35.36 34.70 -8.64
N GLY C 54 -35.98 34.32 -7.53
CA GLY C 54 -36.54 32.97 -7.29
C GLY C 54 -35.51 31.88 -7.51
N ILE C 55 -34.24 32.16 -7.18
CA ILE C 55 -33.10 31.19 -7.25
C ILE C 55 -33.15 30.32 -5.99
N GLY C 56 -33.34 29.00 -6.16
CA GLY C 56 -33.47 28.04 -5.05
C GLY C 56 -34.91 27.86 -4.61
N THR C 57 -35.83 28.65 -5.18
CA THR C 57 -37.29 28.59 -4.88
C THR C 57 -37.91 27.40 -5.65
N LEU C 58 -38.52 26.46 -4.92
CA LEU C 58 -39.13 25.23 -5.48
C LEU C 58 -40.64 25.42 -5.65
N VAL C 59 -41.17 25.11 -6.84
CA VAL C 59 -42.61 25.30 -7.21
C VAL C 59 -43.46 24.25 -6.48
N ASN C 60 -42.91 23.04 -6.29
CA ASN C 60 -43.59 21.88 -5.67
C ASN C 60 -43.80 22.14 -4.17
N GLY C 63 -47.37 22.43 -5.60
CA GLY C 63 -48.35 23.44 -5.15
C GLY C 63 -47.73 24.29 -4.03
N SER C 64 -47.16 23.64 -3.01
CA SER C 64 -46.51 24.26 -1.84
C SER C 64 -45.10 24.76 -2.24
N VAL C 65 -44.77 26.00 -1.88
CA VAL C 65 -43.49 26.68 -2.24
C VAL C 65 -42.62 26.80 -0.98
N THR C 66 -41.35 26.39 -1.09
CA THR C 66 -40.34 26.45 0.00
C THR C 66 -39.06 27.11 -0.57
N TYR C 67 -38.59 28.17 0.08
CA TYR C 67 -37.43 29.01 -0.35
C TYR C 67 -36.13 28.41 0.19
N LEU C 68 -35.41 27.64 -0.65
CA LEU C 68 -34.15 26.95 -0.27
C LEU C 68 -33.12 27.99 0.20
N ALA C 69 -33.04 29.13 -0.49
CA ALA C 69 -32.10 30.24 -0.18
C ALA C 69 -32.30 30.70 1.26
N ARG C 70 -33.55 30.77 1.72
CA ARG C 70 -33.92 31.16 3.10
C ARG C 70 -33.22 30.23 4.09
N TYR C 71 -33.35 28.91 3.89
CA TYR C 71 -32.81 27.85 4.78
C TYR C 71 -31.28 27.83 4.68
N ALA C 72 -30.73 28.01 3.47
CA ALA C 72 -29.28 28.09 3.21
C ALA C 72 -28.69 29.21 4.07
N ASP C 73 -29.34 30.38 4.07
CA ASP C 73 -28.98 31.55 4.91
C ASP C 73 -28.94 31.10 6.37
N TRP C 74 -30.06 30.58 6.88
CA TRP C 74 -30.26 30.19 8.29
C TRP C 74 -29.19 29.18 8.72
N SER C 75 -28.84 28.23 7.86
CA SER C 75 -27.92 27.10 8.16
C SER C 75 -26.52 27.62 8.50
N VAL C 76 -26.15 28.81 8.00
CA VAL C 76 -24.80 29.43 8.19
C VAL C 76 -24.88 30.54 9.23
N THR C 77 -25.86 31.45 9.08
CA THR C 77 -26.00 32.68 9.91
C THR C 77 -26.23 32.29 11.37
N THR C 78 -27.24 31.46 11.65
CA THR C 78 -27.66 31.08 13.02
C THR C 78 -26.46 30.59 13.82
N PRO C 79 -25.65 29.64 13.28
CA PRO C 79 -24.44 29.18 13.97
C PRO C 79 -23.47 30.31 14.31
N ILE C 80 -23.27 31.24 13.38
CA ILE C 80 -22.35 32.40 13.54
C ILE C 80 -22.84 33.26 14.71
N LEU C 81 -24.15 33.52 14.78
CA LEU C 81 -24.79 34.29 15.88
C LEU C 81 -24.61 33.54 17.20
N LEU C 82 -24.82 32.23 17.19
CA LEU C 82 -24.64 31.33 18.37
C LEU C 82 -23.17 31.33 18.80
N ALA C 83 -22.25 31.27 17.83
CA ALA C 83 -20.79 31.29 18.05
C ALA C 83 -20.41 32.52 18.87
N SER C 84 -20.88 33.70 18.44
CA SER C 84 -20.64 35.01 19.11
C SER C 84 -21.06 34.92 20.59
N LEU C 85 -22.24 34.36 20.84
CA LEU C 85 -22.80 34.20 22.21
C LEU C 85 -21.90 33.30 23.06
N VAL C 86 -21.47 32.16 22.50
CA VAL C 86 -20.60 31.17 23.21
C VAL C 86 -19.33 31.88 23.67
N LEU C 87 -18.69 32.65 22.78
CA LEU C 87 -17.45 33.44 23.06
C LEU C 87 -17.71 34.41 24.22
N LEU C 88 -18.88 35.07 24.23
CA LEU C 88 -19.31 36.03 25.28
C LEU C 88 -19.32 35.30 26.63
N ALA C 89 -19.93 34.11 26.68
CA ALA C 89 -20.12 33.29 27.88
C ALA C 89 -18.76 32.97 28.52
N PHE C 90 -17.76 32.63 27.71
CA PHE C 90 -16.39 32.27 28.15
C PHE C 90 -15.64 33.52 28.59
N HIS C 91 -16.22 34.71 28.39
CA HIS C 91 -15.60 36.02 28.70
C HIS C 91 -14.34 36.20 27.84
N GLU C 92 -14.35 35.68 26.62
CA GLU C 92 -13.30 35.90 25.59
C GLU C 92 -12.00 35.22 26.02
N ARG C 93 -12.09 34.18 26.86
CA ARG C 93 -10.95 33.35 27.33
C ARG C 93 -11.43 31.93 27.60
N GLY C 94 -10.77 30.94 26.98
CA GLY C 94 -11.02 29.50 27.16
C GLY C 94 -9.78 28.70 26.81
N ARG C 95 -9.59 27.55 27.46
CA ARG C 95 -8.46 26.63 27.23
C ARG C 95 -8.71 25.84 25.94
N THR C 96 -7.68 25.21 25.39
CA THR C 96 -7.72 24.45 24.12
C THR C 96 -8.93 23.49 24.11
N GLY C 97 -9.82 23.63 23.13
CA GLY C 97 -10.92 22.68 22.85
C GLY C 97 -12.18 23.01 23.62
N GLU C 98 -12.06 23.78 24.71
CA GLU C 98 -13.17 24.10 25.64
C GLU C 98 -14.30 24.80 24.87
N VAL C 99 -14.02 25.98 24.29
CA VAL C 99 -14.99 26.78 23.50
C VAL C 99 -15.44 25.96 22.28
N GLY C 100 -14.50 25.24 21.66
CA GLY C 100 -14.74 24.43 20.45
C GLY C 100 -15.81 23.37 20.66
N GLY C 101 -15.74 22.68 21.81
CA GLY C 101 -16.70 21.62 22.19
C GLY C 101 -18.12 22.16 22.27
N TYR C 102 -18.30 23.31 22.93
CA TYR C 102 -19.61 23.99 23.11
C TYR C 102 -20.11 24.50 21.74
N LEU C 103 -19.19 25.06 20.95
CA LEU C 103 -19.49 25.55 19.57
C LEU C 103 -20.05 24.40 18.74
N THR C 104 -19.30 23.30 18.64
CA THR C 104 -19.68 22.08 17.86
C THR C 104 -21.06 21.60 18.33
N ALA C 105 -21.23 21.42 19.64
CA ALA C 105 -22.49 20.97 20.28
C ALA C 105 -23.65 21.85 19.82
N ILE C 106 -23.54 23.17 20.01
CA ILE C 106 -24.64 24.16 19.83
C ILE C 106 -24.90 24.34 18.33
N ILE C 107 -23.85 24.26 17.51
CA ILE C 107 -23.93 24.41 16.02
C ILE C 107 -24.63 23.18 15.44
N VAL C 108 -24.20 21.99 15.84
CA VAL C 108 -24.79 20.69 15.39
C VAL C 108 -26.30 20.73 15.60
N LEU C 109 -26.74 21.02 16.84
CA LEU C 109 -28.16 21.14 17.22
C LEU C 109 -28.84 22.19 16.32
N ASP C 110 -28.24 23.37 16.22
CA ASP C 110 -28.81 24.55 15.49
C ASP C 110 -28.98 24.20 14.01
N VAL C 111 -27.92 23.69 13.37
CA VAL C 111 -27.92 23.35 11.92
C VAL C 111 -28.97 22.26 11.67
N LEU C 112 -28.96 21.20 12.48
CA LEU C 112 -29.96 20.11 12.46
C LEU C 112 -31.37 20.73 12.53
N MET C 113 -31.59 21.61 13.50
CA MET C 113 -32.87 22.36 13.69
C MET C 113 -33.31 22.93 12.34
N ILE C 114 -32.39 23.54 11.60
CA ILE C 114 -32.65 24.18 10.27
C ILE C 114 -32.97 23.09 9.25
N VAL C 115 -32.08 22.10 9.09
CA VAL C 115 -32.21 21.05 8.03
C VAL C 115 -33.49 20.25 8.28
N THR C 116 -33.77 19.86 9.53
CA THR C 116 -35.00 19.11 9.91
C THR C 116 -36.23 19.95 9.56
N GLY C 117 -36.18 21.26 9.85
CA GLY C 117 -37.26 22.22 9.52
C GLY C 117 -37.52 22.25 8.03
N LEU C 118 -36.47 22.16 7.22
CA LEU C 118 -36.53 22.12 5.73
C LEU C 118 -37.21 20.81 5.28
N ILE C 119 -36.84 19.69 5.90
CA ILE C 119 -37.45 18.34 5.64
C ILE C 119 -38.95 18.43 5.92
N SER C 120 -39.32 19.05 7.05
CA SER C 120 -40.72 19.27 7.47
C SER C 120 -41.46 20.09 6.40
N SER C 121 -40.85 21.18 5.92
CA SER C 121 -41.41 22.11 4.90
C SER C 121 -41.68 21.36 3.60
N LEU C 122 -40.77 20.49 3.18
CA LEU C 122 -40.80 19.78 1.87
C LEU C 122 -41.74 18.56 1.96
N ALA C 123 -41.93 18.01 3.16
CA ALA C 123 -42.83 16.86 3.45
C ALA C 123 -44.26 17.23 3.04
N VAL C 124 -44.86 16.43 2.14
CA VAL C 124 -46.24 16.68 1.59
C VAL C 124 -47.27 15.90 2.42
N VAL C 125 -46.81 14.95 3.23
CA VAL C 125 -47.65 14.11 4.14
C VAL C 125 -47.74 14.79 5.50
N PRO C 126 -48.95 15.14 5.99
CA PRO C 126 -49.08 15.90 7.23
C PRO C 126 -48.34 15.25 8.40
N ALA C 127 -48.65 13.98 8.71
CA ALA C 127 -48.07 13.22 9.84
C ALA C 127 -46.55 13.39 9.86
N LEU C 128 -45.90 13.16 8.72
CA LEU C 128 -44.43 13.29 8.55
C LEU C 128 -44.02 14.74 8.84
N LYS C 129 -44.74 15.70 8.24
CA LYS C 129 -44.45 17.15 8.33
C LYS C 129 -44.34 17.56 9.80
N TRP C 130 -45.19 17.00 10.66
CA TRP C 130 -45.32 17.39 12.08
C TRP C 130 -44.34 16.60 12.95
N VAL C 131 -44.08 15.34 12.60
CA VAL C 131 -43.03 14.50 13.24
C VAL C 131 -41.70 15.24 13.14
N TRP C 132 -41.38 15.74 11.95
CA TRP C 132 -40.11 16.44 11.63
C TRP C 132 -40.08 17.81 12.28
N TYR C 133 -41.20 18.54 12.25
CA TYR C 133 -41.36 19.87 12.91
C TYR C 133 -41.02 19.72 14.39
N LEU C 134 -41.59 18.69 15.05
CA LEU C 134 -41.38 18.39 16.49
C LEU C 134 -39.90 18.11 16.74
N TRP C 135 -39.29 17.24 15.92
CA TRP C 135 -37.85 16.89 15.99
C TRP C 135 -37.00 18.15 15.89
N SER C 136 -37.33 19.02 14.93
CA SER C 136 -36.70 20.36 14.75
C SER C 136 -36.82 21.16 16.06
N CYS C 137 -38.02 21.20 16.64
CA CYS C 137 -38.33 21.89 17.92
C CYS C 137 -37.45 21.32 19.04
N ALA C 138 -37.32 19.99 19.10
CA ALA C 138 -36.46 19.27 20.06
C ALA C 138 -35.03 19.81 19.94
N ALA C 139 -34.51 19.92 18.71
CA ALA C 139 -33.19 20.49 18.40
C ALA C 139 -33.10 21.92 18.95
N PHE C 140 -34.12 22.74 18.69
CA PHE C 140 -34.22 24.15 19.13
C PHE C 140 -34.11 24.21 20.66
N LEU C 141 -34.86 23.34 21.35
CA LEU C 141 -34.83 23.20 22.83
C LEU C 141 -33.42 22.82 23.27
N GLY C 142 -32.78 21.89 22.55
CA GLY C 142 -31.37 21.52 22.75
C GLY C 142 -30.47 22.75 22.72
N VAL C 143 -30.62 23.60 21.69
CA VAL C 143 -29.89 24.88 21.54
C VAL C 143 -30.19 25.76 22.75
N LEU C 144 -31.47 26.01 23.02
CA LEU C 144 -31.96 26.91 24.11
C LEU C 144 -31.40 26.43 25.45
N TYR C 145 -31.42 25.12 25.70
CA TYR C 145 -30.90 24.50 26.96
C TYR C 145 -29.45 24.95 27.17
N LEU C 146 -28.59 24.65 26.20
CA LEU C 146 -27.14 24.99 26.23
C LEU C 146 -26.97 26.48 26.57
N LEU C 147 -27.67 27.36 25.83
CA LEU C 147 -27.62 28.83 26.00
C LEU C 147 -28.01 29.21 27.43
N TRP C 148 -29.14 28.67 27.92
CA TRP C 148 -29.85 29.16 29.12
C TRP C 148 -29.30 28.54 30.42
N VAL C 149 -28.74 27.33 30.35
CA VAL C 149 -28.31 26.55 31.55
C VAL C 149 -26.78 26.59 31.66
N PRO C 150 -26.04 25.65 31.03
CA PRO C 150 -24.60 25.53 31.25
C PRO C 150 -23.80 26.77 30.80
N LEU C 151 -24.07 27.28 29.59
CA LEU C 151 -23.36 28.45 29.00
C LEU C 151 -23.66 29.70 29.84
N ARG C 152 -24.92 29.90 30.23
CA ARG C 152 -25.37 31.05 31.05
C ARG C 152 -24.76 30.94 32.45
N ALA C 153 -24.68 29.73 32.99
CA ALA C 153 -24.03 29.41 34.28
C ALA C 153 -22.59 29.94 34.27
N MET C 154 -21.82 29.53 33.26
CA MET C 154 -20.42 29.98 33.04
C MET C 154 -20.40 31.51 32.84
N ALA C 155 -21.36 32.03 32.05
CA ALA C 155 -21.46 33.47 31.70
C ALA C 155 -21.51 34.31 32.99
N VAL C 156 -22.30 33.89 33.97
CA VAL C 156 -22.56 34.63 35.24
C VAL C 156 -21.38 34.41 36.21
N GLU C 157 -20.86 33.19 36.27
CA GLU C 157 -19.81 32.76 37.23
C GLU C 157 -18.54 33.58 37.04
N ARG C 158 -18.23 33.95 35.79
CA ARG C 158 -16.93 34.56 35.38
C ARG C 158 -16.87 36.05 35.75
N GLY C 159 -18.03 36.72 35.83
CA GLY C 159 -18.10 38.17 36.14
C GLY C 159 -19.47 38.74 35.85
N GLU C 160 -19.85 39.80 36.57
CA GLU C 160 -21.21 40.41 36.54
C GLU C 160 -21.43 41.14 35.22
N ALA C 161 -20.44 41.94 34.79
CA ALA C 161 -20.50 42.84 33.61
C ALA C 161 -20.80 42.02 32.34
N LEU C 162 -19.96 41.02 32.04
CA LEU C 162 -20.09 40.15 30.85
C LEU C 162 -21.29 39.21 31.01
N GLY C 163 -21.56 38.77 32.23
CA GLY C 163 -22.74 37.93 32.58
C GLY C 163 -24.04 38.66 32.29
N THR C 164 -24.08 39.95 32.59
CA THR C 164 -25.23 40.86 32.32
C THR C 164 -25.42 41.00 30.80
N ALA C 165 -24.32 41.12 30.06
CA ALA C 165 -24.30 41.32 28.59
C ALA C 165 -24.85 40.07 27.90
N TYR C 166 -24.38 38.88 28.31
CA TYR C 166 -24.78 37.57 27.75
C TYR C 166 -26.27 37.35 27.99
N GLN C 167 -26.73 37.55 29.23
CA GLN C 167 -28.13 37.33 29.66
C GLN C 167 -29.07 38.23 28.83
N LYS C 168 -28.69 39.50 28.64
CA LYS C 168 -29.44 40.49 27.83
C LYS C 168 -29.53 40.00 26.38
N ASN C 169 -28.40 39.61 25.79
CA ASN C 169 -28.29 39.14 24.39
C ASN C 169 -29.13 37.87 24.19
N VAL C 170 -29.00 36.91 25.10
CA VAL C 170 -29.70 35.59 25.03
C VAL C 170 -31.22 35.83 25.07
N ALA C 171 -31.69 36.59 26.07
CA ALA C 171 -33.12 36.94 26.26
C ALA C 171 -33.70 37.44 24.94
N PHE C 172 -33.11 38.50 24.38
CA PHE C 172 -33.48 39.11 23.08
C PHE C 172 -33.50 38.03 21.99
N LEU C 173 -32.44 37.22 21.93
CA LEU C 173 -32.29 36.14 20.93
C LEU C 173 -33.46 35.17 21.04
N THR C 174 -33.72 34.66 22.24
CA THR C 174 -34.77 33.64 22.51
C THR C 174 -36.13 34.12 21.97
N VAL C 175 -36.58 35.30 22.39
CA VAL C 175 -37.90 35.89 22.03
C VAL C 175 -38.03 35.95 20.51
N ILE C 176 -37.08 36.58 19.83
CA ILE C 176 -37.09 36.79 18.36
C ILE C 176 -37.05 35.43 17.66
N TRP C 177 -36.11 34.57 18.05
CA TRP C 177 -35.87 33.24 17.44
C TRP C 177 -37.12 32.36 17.55
N PHE C 178 -37.94 32.59 18.58
CA PHE C 178 -39.17 31.80 18.86
C PHE C 178 -40.25 32.11 17.84
N LEU C 179 -40.17 33.29 17.19
CA LEU C 179 -41.16 33.75 16.18
C LEU C 179 -41.10 32.83 14.95
N TYR C 180 -39.91 32.33 14.62
CA TYR C 180 -39.65 31.50 13.41
C TYR C 180 -40.48 30.23 13.45
N PRO C 181 -40.39 29.42 14.54
CA PRO C 181 -41.21 28.22 14.67
C PRO C 181 -42.72 28.54 14.70
N ILE C 182 -43.09 29.69 15.29
CA ILE C 182 -44.50 30.16 15.37
C ILE C 182 -45.01 30.43 13.95
N VAL C 183 -44.26 31.22 13.17
CA VAL C 183 -44.61 31.63 11.78
C VAL C 183 -44.72 30.37 10.92
N PHE C 184 -43.74 29.47 11.03
CA PHE C 184 -43.70 28.17 10.30
C PHE C 184 -45.01 27.41 10.54
N LEU C 185 -45.37 27.22 11.81
CA LEU C 185 -46.59 26.48 12.26
C LEU C 185 -47.82 27.06 11.55
N ILE C 186 -48.02 28.36 11.65
CA ILE C 186 -49.26 29.06 11.16
C ILE C 186 -49.09 29.43 9.69
N GLY C 187 -47.86 29.33 9.16
CA GLY C 187 -47.51 29.75 7.78
C GLY C 187 -47.84 28.68 6.75
N PRO C 188 -47.55 28.94 5.45
CA PRO C 188 -47.92 28.02 4.37
C PRO C 188 -47.10 26.71 4.42
N GLU C 189 -45.99 26.72 5.17
CA GLU C 189 -45.10 25.53 5.35
C GLU C 189 -45.69 24.64 6.45
N GLY C 190 -46.74 25.12 7.13
CA GLY C 190 -47.40 24.39 8.24
C GLY C 190 -48.91 24.33 8.07
N LEU C 191 -49.65 25.00 8.96
CA LEU C 191 -51.13 24.93 9.06
C LEU C 191 -51.79 25.75 7.96
N LYS C 192 -51.02 26.64 7.32
CA LYS C 192 -51.50 27.50 6.19
C LYS C 192 -52.65 28.40 6.69
N ILE C 193 -52.53 28.91 7.93
CA ILE C 193 -53.49 29.86 8.56
C ILE C 193 -53.28 31.25 7.98
N ILE C 194 -52.02 31.64 7.75
CA ILE C 194 -51.63 32.97 7.16
C ILE C 194 -51.07 32.75 5.75
N SER C 195 -51.19 33.75 4.90
CA SER C 195 -50.78 33.74 3.47
C SER C 195 -49.25 33.68 3.36
N ASP C 196 -48.75 33.20 2.21
CA ASP C 196 -47.30 33.18 1.86
C ASP C 196 -46.73 34.58 1.99
N PRO C 197 -47.35 35.59 1.35
CA PRO C 197 -46.84 36.96 1.39
C PRO C 197 -46.73 37.52 2.81
N THR C 198 -47.77 37.31 3.63
CA THR C 198 -47.83 37.75 5.05
C THR C 198 -46.64 37.17 5.81
N SER C 199 -46.41 35.85 5.67
CA SER C 199 -45.32 35.10 6.33
C SER C 199 -43.96 35.64 5.87
N VAL C 200 -43.81 35.90 4.56
CA VAL C 200 -42.57 36.42 3.92
C VAL C 200 -42.24 37.79 4.51
N TRP C 201 -43.24 38.67 4.59
CA TRP C 201 -43.10 40.06 5.10
C TRP C 201 -42.76 40.01 6.59
N ALA C 202 -43.39 39.10 7.34
CA ALA C 202 -43.16 38.88 8.78
C ALA C 202 -41.70 38.44 9.00
N ILE C 203 -41.23 37.49 8.19
CA ILE C 203 -39.86 36.92 8.28
C ILE C 203 -38.83 38.02 8.04
N LEU C 204 -39.08 38.91 7.07
CA LEU C 204 -38.19 40.07 6.76
C LEU C 204 -38.02 40.92 8.02
N ILE C 205 -39.14 41.30 8.66
CA ILE C 205 -39.17 42.06 9.94
C ILE C 205 -38.37 41.29 10.98
N MET C 206 -38.65 39.99 11.15
CA MET C 206 -37.96 39.09 12.10
C MET C 206 -36.46 39.10 11.79
N ASP C 207 -36.09 38.88 10.52
CA ASP C 207 -34.69 38.73 10.06
C ASP C 207 -33.91 40.02 10.36
N VAL C 208 -34.55 41.19 10.24
CA VAL C 208 -33.92 42.51 10.50
C VAL C 208 -33.65 42.63 12.00
N LEU C 209 -34.62 42.25 12.84
CA LEU C 209 -34.49 42.26 14.32
C LEU C 209 -33.32 41.35 14.74
N ALA C 210 -33.27 40.14 14.18
CA ALA C 210 -32.37 39.04 14.58
C ALA C 210 -30.93 39.31 14.15
N LYR C 211 -30.75 40.02 13.02
CA LYR C 211 -29.41 40.13 12.43
C LYR C 211 -28.91 41.58 12.48
O LYR C 211 -27.71 41.81 12.57
CB LYR C 211 -29.41 39.63 10.98
CG LYR C 211 -30.08 38.28 10.76
CD LYR C 211 -29.61 37.56 9.51
CE LYR C 211 -30.67 36.60 8.96
NZ LYR C 211 -30.62 35.31 9.64
C1 LYR C 211 -31.37 35.22 10.89
C2 LYR C 211 -32.25 34.00 10.95
C3 LYR C 211 -32.52 33.27 12.07
C4 LYR C 211 -31.93 33.57 13.39
C5 LYR C 211 -33.41 32.18 11.99
C6 LYR C 211 -33.83 31.30 12.98
C7 LYR C 211 -34.64 30.21 12.75
C80 LYR C 211 -35.21 29.30 13.67
C8 LYR C 211 -34.84 29.45 15.10
C9 LYR C 211 -36.10 28.32 13.24
C10 LYR C 211 -36.56 27.26 13.95
C11 LYR C 211 -37.45 26.22 13.46
C12 LYR C 211 -37.93 25.29 14.32
C13 LYR C 211 -37.57 25.20 15.77
C14 LYR C 211 -38.92 24.25 13.88
C15 LYR C 211 -39.62 24.57 12.57
C16 LYR C 211 -38.64 25.02 11.55
C17 LYR C 211 -37.78 26.22 11.98
C18 LYR C 211 -36.50 26.20 11.15
C19 LYR C 211 -38.57 27.49 11.62
N VAL C 212 -29.83 42.55 12.35
CA VAL C 212 -29.43 43.95 12.28
C VAL C 212 -29.58 44.59 13.65
N VAL C 213 -30.80 44.65 14.19
CA VAL C 213 -31.12 45.28 15.50
C VAL C 213 -30.30 44.57 16.58
N TYR C 214 -30.31 43.24 16.59
CA TYR C 214 -29.62 42.39 17.61
C TYR C 214 -28.12 42.68 17.59
N ALA C 215 -27.53 42.84 16.40
CA ALA C 215 -26.09 43.14 16.20
C ALA C 215 -25.73 44.43 16.94
N PHE C 216 -26.51 45.50 16.73
CA PHE C 216 -26.30 46.84 17.34
C PHE C 216 -26.57 46.76 18.85
N TYR C 217 -27.58 45.98 19.25
CA TYR C 217 -27.96 45.74 20.67
C TYR C 217 -26.80 45.02 21.37
N ALA C 218 -26.29 43.96 20.77
CA ALA C 218 -25.18 43.11 21.29
C ALA C 218 -23.92 43.96 21.43
N ALA C 219 -23.65 44.84 20.45
CA ALA C 219 -22.48 45.76 20.42
C ALA C 219 -22.53 46.70 21.63
N ALA C 220 -23.70 47.31 21.87
CA ALA C 220 -23.95 48.27 22.98
C ALA C 220 -23.73 47.57 24.32
N ASN C 221 -24.24 46.33 24.46
CA ASN C 221 -24.18 45.52 25.70
C ASN C 221 -22.73 45.16 26.01
N LEU C 222 -21.91 44.95 24.98
CA LEU C 222 -20.48 44.57 25.11
C LEU C 222 -19.67 45.80 25.52
N GLU C 223 -19.97 46.97 24.93
CA GLU C 223 -19.29 48.26 25.25
C GLU C 223 -19.61 48.66 26.69
N THR C 224 -20.84 48.41 27.16
CA THR C 224 -21.27 48.58 28.59
C THR C 224 -20.40 47.70 29.49
N ALA C 225 -20.23 46.42 29.12
CA ALA C 225 -19.50 45.39 29.90
C ALA C 225 -18.01 45.73 29.94
N LEU C 226 -17.43 46.22 28.84
CA LEU C 226 -15.99 46.59 28.73
C LEU C 226 -15.70 47.81 29.61
N ARG C 227 -16.64 48.76 29.69
CA ARG C 227 -16.66 49.88 30.66
C ARG C 227 -17.23 49.38 31.99
N ASP D 2 -13.81 -27.62 -3.34
CA ASP D 2 -12.38 -27.90 -3.64
C ASP D 2 -11.63 -26.56 -3.77
N TRP D 3 -12.16 -25.63 -4.57
CA TRP D 3 -11.59 -24.28 -4.77
C TRP D 3 -11.64 -23.49 -3.44
N MET D 4 -12.70 -23.69 -2.65
CA MET D 4 -12.90 -23.05 -1.32
C MET D 4 -11.74 -23.44 -0.39
N ALA D 5 -11.32 -24.70 -0.43
CA ALA D 5 -10.20 -25.27 0.36
C ALA D 5 -8.91 -24.53 -0.01
N PHE D 6 -8.67 -24.33 -1.31
CA PHE D 6 -7.47 -23.65 -1.88
C PHE D 6 -7.47 -22.18 -1.44
N LEU D 7 -8.62 -21.52 -1.53
CA LEU D 7 -8.78 -20.08 -1.14
C LEU D 7 -8.56 -19.95 0.38
N ILE D 8 -9.09 -20.89 1.17
CA ILE D 8 -8.86 -20.96 2.64
C ILE D 8 -7.36 -21.14 2.91
N GLY D 9 -6.74 -22.09 2.20
CA GLY D 9 -5.29 -22.36 2.27
C GLY D 9 -4.47 -21.10 2.00
N PHE D 10 -4.77 -20.41 0.90
CA PHE D 10 -4.09 -19.16 0.46
C PHE D 10 -4.17 -18.11 1.57
N THR D 11 -5.38 -17.83 2.05
CA THR D 11 -5.66 -16.80 3.09
C THR D 11 -4.89 -17.13 4.37
N ILE D 12 -4.98 -18.38 4.84
CA ILE D 12 -4.27 -18.86 6.06
C ILE D 12 -2.76 -18.65 5.87
N MET D 13 -2.22 -19.09 4.73
CA MET D 13 -0.77 -19.09 4.42
C MET D 13 -0.27 -17.64 4.25
N SER D 14 -1.01 -16.81 3.50
CA SER D 14 -0.70 -15.38 3.26
C SER D 14 -0.58 -14.64 4.61
N LEU D 15 -1.64 -14.71 5.42
CA LEU D 15 -1.69 -14.05 6.75
C LEU D 15 -0.57 -14.59 7.64
N ALA D 16 -0.47 -15.91 7.74
CA ALA D 16 0.53 -16.63 8.57
C ALA D 16 1.93 -16.07 8.29
N SER D 17 2.32 -16.01 7.01
CA SER D 17 3.65 -15.51 6.55
C SER D 17 3.92 -14.15 7.16
N LEU D 18 2.97 -13.21 7.01
CA LEU D 18 3.02 -11.84 7.59
C LEU D 18 3.19 -11.94 9.11
N ALA D 19 2.35 -12.77 9.74
CA ALA D 19 2.29 -12.97 11.21
C ALA D 19 3.62 -13.53 11.72
N ILE D 20 4.12 -14.59 11.07
CA ILE D 20 5.33 -15.34 11.49
C ILE D 20 6.52 -14.37 11.54
N TYR D 21 6.67 -13.52 10.52
CA TYR D 21 7.80 -12.56 10.40
C TYR D 21 7.69 -11.53 11.53
N ALA D 22 6.55 -10.85 11.63
CA ALA D 22 6.28 -9.81 12.65
C ALA D 22 6.54 -10.38 14.05
N LYS D 23 5.90 -11.51 14.39
CA LYS D 23 5.97 -12.18 15.70
C LYS D 23 7.40 -12.67 15.97
N GLY D 24 8.06 -13.22 14.95
CA GLY D 24 9.42 -13.80 15.05
C GLY D 24 10.45 -12.78 15.53
N SER D 25 11.45 -13.24 16.29
CA SER D 25 12.60 -12.44 16.80
C SER D 25 13.49 -12.01 15.62
N LYS D 26 14.09 -10.83 15.72
CA LYS D 26 14.94 -10.21 14.66
C LYS D 26 16.37 -10.06 15.16
N THR D 27 16.80 -10.87 16.13
CA THR D 27 18.12 -10.73 16.81
C THR D 27 18.97 -12.00 16.66
N SER D 28 20.23 -11.81 16.24
CA SER D 28 21.31 -12.83 16.25
C SER D 28 20.90 -14.05 15.43
N PRO D 29 20.99 -15.28 16.00
CA PRO D 29 20.66 -16.50 15.28
C PRO D 29 19.17 -16.63 14.95
N ALA D 30 18.30 -16.22 15.87
CA ALA D 30 16.82 -16.31 15.76
C ALA D 30 16.36 -15.61 14.47
N LEU D 31 16.97 -14.46 14.15
CA LEU D 31 16.61 -13.63 12.97
C LEU D 31 16.51 -14.52 11.73
N HIS D 32 17.62 -15.16 11.34
CA HIS D 32 17.74 -15.92 10.06
C HIS D 32 16.73 -17.08 10.06
N HIS D 33 16.39 -17.61 11.24
CA HIS D 33 15.33 -18.65 11.40
C HIS D 33 13.97 -18.03 11.10
N THR D 34 13.72 -16.82 11.60
CA THR D 34 12.46 -16.05 11.39
C THR D 34 12.26 -15.80 9.89
N LEU D 35 13.31 -15.37 9.20
CA LEU D 35 13.28 -15.04 7.74
C LEU D 35 12.91 -16.29 6.94
N LEU D 36 13.58 -17.42 7.22
CA LEU D 36 13.38 -18.70 6.50
C LEU D 36 11.96 -19.20 6.75
N HIS D 37 11.49 -19.18 8.01
CA HIS D 37 10.18 -19.72 8.43
C HIS D 37 9.03 -18.91 7.82
N ALA D 38 9.24 -17.60 7.64
CA ALA D 38 8.23 -16.64 7.13
C ALA D 38 8.04 -16.82 5.62
N ALA D 39 9.11 -17.22 4.92
CA ALA D 39 9.16 -17.37 3.45
C ALA D 39 8.28 -18.55 3.01
N VAL D 40 8.37 -19.67 3.73
CA VAL D 40 7.69 -20.96 3.37
C VAL D 40 6.21 -20.68 3.07
N PRO D 41 5.44 -20.12 4.03
CA PRO D 41 4.02 -19.88 3.80
C PRO D 41 3.74 -18.99 2.58
N PHE D 42 4.61 -18.00 2.30
CA PHE D 42 4.46 -17.06 1.15
C PHE D 42 4.50 -17.85 -0.16
N ILE D 43 5.35 -18.88 -0.22
CA ILE D 43 5.45 -19.83 -1.38
C ILE D 43 4.14 -20.62 -1.43
N ALA D 44 3.81 -21.31 -0.33
CA ALA D 44 2.57 -22.12 -0.17
C ALA D 44 1.36 -21.29 -0.60
N ALA D 45 1.27 -20.04 -0.13
CA ALA D 45 0.20 -19.08 -0.47
C ALA D 45 0.10 -18.96 -1.99
N THR D 46 1.20 -18.56 -2.64
CA THR D 46 1.30 -18.41 -4.12
C THR D 46 0.81 -19.70 -4.79
N ALA D 47 1.26 -20.85 -4.29
CA ALA D 47 0.86 -22.20 -4.76
C ALA D 47 -0.67 -22.32 -4.70
N TYR D 48 -1.23 -22.10 -3.50
CA TYR D 48 -2.68 -22.29 -3.21
C TYR D 48 -3.52 -21.37 -4.10
N LEU D 49 -3.06 -20.14 -4.33
CA LEU D 49 -3.73 -19.17 -5.24
C LEU D 49 -3.78 -19.76 -6.65
N ALA D 50 -2.66 -20.31 -7.10
CA ALA D 50 -2.51 -20.99 -8.41
C ALA D 50 -3.54 -22.12 -8.52
N MET D 51 -3.69 -22.91 -7.45
CA MET D 51 -4.50 -24.15 -7.42
C MET D 51 -6.00 -23.82 -7.45
N THR D 52 -6.40 -22.70 -6.84
CA THR D 52 -7.82 -22.23 -6.82
C THR D 52 -8.28 -21.98 -8.26
N PHE D 53 -7.40 -21.44 -9.11
CA PHE D 53 -7.67 -21.13 -10.54
C PHE D 53 -7.19 -22.29 -11.42
N GLY D 54 -6.86 -23.42 -10.78
CA GLY D 54 -6.42 -24.67 -11.44
C GLY D 54 -5.30 -24.44 -12.43
N ILE D 55 -4.37 -23.54 -12.11
CA ILE D 55 -3.28 -23.07 -13.02
C ILE D 55 -2.39 -24.24 -13.43
N GLY D 56 -1.80 -24.95 -12.46
CA GLY D 56 -0.85 -26.05 -12.71
C GLY D 56 -1.53 -27.41 -12.78
N THR D 57 -2.86 -27.43 -12.62
CA THR D 57 -3.68 -28.65 -12.41
C THR D 57 -3.92 -29.36 -13.74
N LEU D 58 -3.47 -30.61 -13.87
CA LEU D 58 -3.68 -31.48 -15.04
C LEU D 58 -4.83 -32.46 -14.75
N VAL D 59 -5.80 -32.54 -15.67
CA VAL D 59 -7.03 -33.38 -15.56
C VAL D 59 -6.93 -34.57 -16.53
N ASN D 60 -6.90 -35.80 -16.01
CA ASN D 60 -6.91 -37.06 -16.79
C ASN D 60 -8.23 -37.81 -16.54
N PHE D 61 -8.77 -38.45 -17.58
CA PHE D 61 -10.06 -39.19 -17.55
C PHE D 61 -10.02 -40.24 -16.43
N ASN D 62 -11.19 -40.67 -15.97
CA ASN D 62 -11.39 -41.71 -14.93
C ASN D 62 -10.79 -41.25 -13.60
N GLY D 63 -10.97 -39.96 -13.27
CA GLY D 63 -10.79 -39.40 -11.92
C GLY D 63 -9.33 -39.33 -11.49
N SER D 64 -8.45 -38.85 -12.37
CA SER D 64 -7.00 -38.64 -12.09
C SER D 64 -6.65 -37.16 -12.27
N VAL D 65 -6.43 -36.45 -11.15
CA VAL D 65 -6.00 -35.04 -11.09
C VAL D 65 -4.60 -34.96 -10.49
N THR D 66 -3.70 -34.19 -11.11
CA THR D 66 -2.32 -33.92 -10.62
C THR D 66 -2.10 -32.40 -10.56
N TYR D 67 -1.87 -31.86 -9.36
CA TYR D 67 -1.66 -30.40 -9.11
C TYR D 67 -0.16 -30.09 -9.14
N LEU D 68 0.35 -29.66 -10.29
CA LEU D 68 1.79 -29.32 -10.49
C LEU D 68 2.21 -28.26 -9.46
N ALA D 69 1.35 -27.26 -9.24
CA ALA D 69 1.58 -26.13 -8.31
C ALA D 69 1.87 -26.67 -6.90
N ARG D 70 1.15 -27.73 -6.49
CA ARG D 70 1.32 -28.39 -5.17
C ARG D 70 2.77 -28.85 -5.03
N TYR D 71 3.27 -29.59 -6.04
CA TYR D 71 4.63 -30.20 -6.06
C TYR D 71 5.68 -29.09 -6.17
N ALA D 72 5.41 -28.06 -6.98
CA ALA D 72 6.28 -26.88 -7.16
C ALA D 72 6.52 -26.23 -5.79
N ASP D 73 5.45 -26.05 -5.01
CA ASP D 73 5.50 -25.54 -3.61
C ASP D 73 6.46 -26.42 -2.81
N TRP D 74 6.18 -27.72 -2.75
CA TRP D 74 6.92 -28.72 -1.93
C TRP D 74 8.41 -28.72 -2.29
N SER D 75 8.74 -28.57 -3.57
CA SER D 75 10.12 -28.68 -4.11
C SER D 75 11.00 -27.56 -3.55
N VAL D 76 10.40 -26.44 -3.13
CA VAL D 76 11.12 -25.24 -2.61
C VAL D 76 10.98 -25.16 -1.09
N THR D 77 9.75 -25.30 -0.58
CA THR D 77 9.42 -25.12 0.86
C THR D 77 10.18 -26.14 1.71
N THR D 78 10.03 -27.43 1.40
CA THR D 78 10.61 -28.56 2.18
C THR D 78 12.10 -28.33 2.40
N PRO D 79 12.88 -28.02 1.35
CA PRO D 79 14.30 -27.72 1.51
C PRO D 79 14.58 -26.57 2.48
N ILE D 80 13.78 -25.50 2.40
CA ILE D 80 13.91 -24.28 3.25
C ILE D 80 13.70 -24.69 4.72
N LEU D 81 12.70 -25.51 4.99
CA LEU D 81 12.40 -26.04 6.35
C LEU D 81 13.57 -26.90 6.83
N LEU D 82 14.10 -27.76 5.96
CA LEU D 82 15.26 -28.66 6.23
C LEU D 82 16.50 -27.80 6.50
N ALA D 83 16.70 -26.73 5.72
CA ALA D 83 17.82 -25.78 5.85
C ALA D 83 17.86 -25.22 7.27
N SER D 84 16.72 -24.72 7.75
CA SER D 84 16.54 -24.14 9.10
C SER D 84 16.99 -25.16 10.16
N LEU D 85 16.55 -26.41 10.02
CA LEU D 85 16.88 -27.53 10.95
C LEU D 85 18.39 -27.77 10.97
N VAL D 86 19.02 -27.83 9.79
CA VAL D 86 20.49 -28.06 9.63
C VAL D 86 21.24 -27.00 10.44
N LEU D 87 20.87 -25.73 10.28
CA LEU D 87 21.51 -24.58 10.99
C LEU D 87 21.38 -24.76 12.50
N LEU D 88 20.21 -25.23 12.96
CA LEU D 88 19.93 -25.49 14.39
C LEU D 88 20.93 -26.53 14.93
N ALA D 89 21.12 -27.62 14.19
CA ALA D 89 22.00 -28.77 14.54
C ALA D 89 23.43 -28.27 14.78
N PHE D 90 23.92 -27.36 13.92
CA PHE D 90 25.29 -26.80 13.97
C PHE D 90 25.40 -25.75 15.09
N HIS D 91 24.28 -25.45 15.75
CA HIS D 91 24.19 -24.44 16.83
C HIS D 91 24.59 -23.06 16.28
N GLU D 92 24.24 -22.78 15.02
CA GLU D 92 24.37 -21.45 14.37
C GLU D 92 25.84 -21.08 14.19
N ARG D 93 26.75 -22.06 14.13
CA ARG D 93 28.18 -21.85 13.84
C ARG D 93 28.74 -23.08 13.10
N GLY D 94 29.50 -22.84 12.03
CA GLY D 94 30.17 -23.88 11.23
C GLY D 94 31.38 -23.34 10.50
N ARG D 95 32.36 -24.21 10.22
CA ARG D 95 33.54 -23.92 9.37
C ARG D 95 33.08 -23.87 7.91
N THR D 96 33.84 -23.21 7.03
CA THR D 96 33.48 -23.01 5.59
C THR D 96 33.10 -24.36 4.96
N GLY D 97 31.88 -24.44 4.40
CA GLY D 97 31.42 -25.57 3.58
C GLY D 97 30.77 -26.67 4.39
N GLU D 98 30.96 -26.66 5.72
CA GLU D 98 30.47 -27.71 6.65
C GLU D 98 28.95 -27.83 6.55
N VAL D 99 28.22 -26.77 6.89
CA VAL D 99 26.74 -26.70 6.83
C VAL D 99 26.29 -26.93 5.37
N GLY D 100 27.03 -26.37 4.41
CA GLY D 100 26.74 -26.45 2.96
C GLY D 100 26.65 -27.89 2.48
N GLY D 101 27.59 -28.74 2.90
CA GLY D 101 27.63 -30.17 2.55
C GLY D 101 26.35 -30.88 2.96
N TYR D 102 25.93 -30.70 4.22
CA TYR D 102 24.71 -31.31 4.81
C TYR D 102 23.47 -30.74 4.12
N LEU D 103 23.46 -29.43 3.86
CA LEU D 103 22.36 -28.73 3.14
C LEU D 103 22.18 -29.38 1.76
N THR D 104 23.23 -29.41 0.95
CA THR D 104 23.22 -29.98 -0.42
C THR D 104 22.70 -31.42 -0.35
N ALA D 105 23.29 -32.24 0.52
CA ALA D 105 22.92 -33.66 0.74
C ALA D 105 21.42 -33.78 0.98
N ILE D 106 20.91 -33.06 1.99
CA ILE D 106 19.52 -33.22 2.52
C ILE D 106 18.53 -32.59 1.52
N ILE D 107 18.94 -31.51 0.84
CA ILE D 107 18.12 -30.82 -0.20
C ILE D 107 17.97 -31.76 -1.41
N VAL D 108 19.09 -32.29 -1.91
CA VAL D 108 19.12 -33.20 -3.09
C VAL D 108 18.14 -34.35 -2.85
N LEU D 109 18.29 -35.06 -1.73
CA LEU D 109 17.40 -36.17 -1.32
C LEU D 109 15.94 -35.68 -1.29
N ASP D 110 15.69 -34.55 -0.61
CA ASP D 110 14.33 -34.01 -0.37
C ASP D 110 13.68 -33.63 -1.70
N VAL D 111 14.38 -32.86 -2.54
CA VAL D 111 13.89 -32.38 -3.86
C VAL D 111 13.58 -33.61 -4.73
N LEU D 112 14.53 -34.54 -4.81
CA LEU D 112 14.38 -35.83 -5.54
C LEU D 112 13.09 -36.52 -5.06
N MET D 113 12.93 -36.64 -3.74
CA MET D 113 11.71 -37.22 -3.09
C MET D 113 10.46 -36.61 -3.72
N ILE D 114 10.45 -35.28 -3.90
CA ILE D 114 9.30 -34.51 -4.45
C ILE D 114 9.16 -34.84 -5.95
N VAL D 115 10.24 -34.66 -6.72
CA VAL D 115 10.27 -34.87 -8.19
C VAL D 115 9.80 -36.30 -8.53
N THR D 116 10.40 -37.30 -7.85
CA THR D 116 10.07 -38.73 -8.03
C THR D 116 8.59 -38.95 -7.72
N GLY D 117 8.09 -38.35 -6.63
CA GLY D 117 6.68 -38.40 -6.21
C GLY D 117 5.75 -37.90 -7.31
N LEU D 118 6.14 -36.84 -8.02
CA LEU D 118 5.37 -36.25 -9.15
C LEU D 118 5.33 -37.24 -10.30
N ILE D 119 6.48 -37.85 -10.62
CA ILE D 119 6.62 -38.88 -11.69
C ILE D 119 5.69 -40.05 -11.36
N SER D 120 5.67 -40.48 -10.10
CA SER D 120 4.80 -41.56 -9.56
C SER D 120 3.33 -41.20 -9.79
N SER D 121 2.95 -39.96 -9.47
CA SER D 121 1.56 -39.44 -9.58
C SER D 121 1.08 -39.50 -11.03
N LEU D 122 1.95 -39.11 -11.97
CA LEU D 122 1.63 -38.97 -13.42
C LEU D 122 1.70 -40.33 -14.12
N ALA D 123 2.43 -41.30 -13.56
CA ALA D 123 2.68 -42.64 -14.13
C ALA D 123 1.35 -43.35 -14.44
N VAL D 124 1.17 -43.76 -15.69
CA VAL D 124 -0.08 -44.39 -16.22
C VAL D 124 0.01 -45.92 -16.07
N VAL D 125 1.22 -46.46 -15.94
CA VAL D 125 1.48 -47.91 -15.68
C VAL D 125 1.57 -48.13 -14.18
N PRO D 126 0.72 -49.00 -13.59
CA PRO D 126 0.74 -49.25 -12.15
C PRO D 126 2.15 -49.60 -11.64
N ALA D 127 2.78 -50.62 -12.23
CA ALA D 127 4.12 -51.13 -11.87
C ALA D 127 5.08 -49.94 -11.70
N LEU D 128 5.16 -49.07 -12.72
CA LEU D 128 6.02 -47.87 -12.72
C LEU D 128 5.61 -46.94 -11.57
N LYS D 129 4.31 -46.69 -11.41
CA LYS D 129 3.74 -45.77 -10.39
C LYS D 129 4.28 -46.14 -9.00
N TRP D 130 4.40 -47.43 -8.72
CA TRP D 130 4.77 -47.97 -7.38
C TRP D 130 6.29 -48.06 -7.26
N VAL D 131 6.98 -48.39 -8.34
CA VAL D 131 8.48 -48.38 -8.42
C VAL D 131 8.96 -46.98 -8.02
N TRP D 132 8.34 -45.95 -8.59
CA TRP D 132 8.71 -44.53 -8.38
C TRP D 132 8.30 -44.08 -6.97
N TYR D 133 7.11 -44.47 -6.51
CA TYR D 133 6.61 -44.21 -5.14
C TYR D 133 7.65 -44.70 -4.13
N LEU D 134 8.10 -45.95 -4.31
CA LEU D 134 9.08 -46.62 -3.42
C LEU D 134 10.40 -45.84 -3.44
N TRP D 135 10.89 -45.50 -4.63
CA TRP D 135 12.14 -44.72 -4.84
C TRP D 135 12.03 -43.39 -4.09
N SER D 136 10.89 -42.71 -4.23
CA SER D 136 10.55 -41.47 -3.49
C SER D 136 10.67 -41.73 -1.99
N CYS D 137 10.08 -42.82 -1.50
CA CYS D 137 10.10 -43.26 -0.08
C CYS D 137 11.56 -43.47 0.37
N ALA D 138 12.37 -44.12 -0.46
CA ALA D 138 13.82 -44.34 -0.23
C ALA D 138 14.49 -42.98 0.02
N ALA D 139 14.22 -42.01 -0.84
CA ALA D 139 14.71 -40.61 -0.74
C ALA D 139 14.30 -40.03 0.63
N PHE D 140 13.03 -40.19 0.98
CA PHE D 140 12.44 -39.70 2.26
C PHE D 140 13.21 -40.30 3.44
N LEU D 141 13.47 -41.61 3.41
CA LEU D 141 14.28 -42.35 4.42
C LEU D 141 15.69 -41.74 4.46
N GLY D 142 16.27 -41.46 3.29
CA GLY D 142 17.56 -40.75 3.16
C GLY D 142 17.55 -39.45 3.93
N VAL D 143 16.51 -38.63 3.73
CA VAL D 143 16.29 -37.34 4.45
C VAL D 143 16.21 -37.63 5.96
N LEU D 144 15.30 -38.53 6.34
CA LEU D 144 15.03 -38.88 7.77
C LEU D 144 16.32 -39.36 8.44
N TYR D 145 17.11 -40.20 7.75
CA TYR D 145 18.39 -40.74 8.26
C TYR D 145 19.29 -39.57 8.68
N LEU D 146 19.60 -38.67 7.75
CA LEU D 146 20.44 -37.47 7.96
C LEU D 146 19.95 -36.72 9.21
N LEU D 147 18.66 -36.40 9.26
CA LEU D 147 18.01 -35.65 10.37
C LEU D 147 18.23 -36.39 11.70
N TRP D 148 17.96 -37.70 11.73
CA TRP D 148 17.76 -38.50 12.96
C TRP D 148 19.09 -39.04 13.50
N VAL D 149 20.07 -39.28 12.64
CA VAL D 149 21.36 -39.94 13.03
C VAL D 149 22.47 -38.89 13.11
N PRO D 150 23.17 -38.58 11.99
CA PRO D 150 24.36 -37.73 12.03
C PRO D 150 24.07 -36.29 12.52
N LEU D 151 23.04 -35.66 11.97
CA LEU D 151 22.66 -34.25 12.29
C LEU D 151 22.20 -34.16 13.74
N ARG D 152 21.39 -35.12 14.19
CA ARG D 152 20.86 -35.21 15.59
C ARG D 152 22.03 -35.47 16.55
N ALA D 153 22.98 -36.32 16.14
CA ALA D 153 24.22 -36.63 16.88
C ALA D 153 24.97 -35.32 17.16
N MET D 154 25.25 -34.54 16.13
CA MET D 154 25.92 -33.22 16.22
C MET D 154 25.06 -32.27 17.07
N ALA D 155 23.74 -32.29 16.86
CA ALA D 155 22.75 -31.41 17.55
C ALA D 155 22.92 -31.56 19.07
N VAL D 156 23.02 -32.81 19.56
CA VAL D 156 23.06 -33.15 21.01
C VAL D 156 24.48 -32.93 21.55
N GLU D 157 25.51 -33.27 20.77
CA GLU D 157 26.94 -33.22 21.17
C GLU D 157 27.34 -31.79 21.54
N ARG D 158 26.78 -30.79 20.86
CA ARG D 158 27.23 -29.37 20.92
C ARG D 158 26.64 -28.68 22.17
N GLY D 159 25.52 -29.17 22.69
CA GLY D 159 24.85 -28.59 23.88
C GLY D 159 23.43 -29.10 24.04
N GLU D 160 22.96 -29.18 25.29
CA GLU D 160 21.62 -29.73 25.68
C GLU D 160 20.51 -28.80 25.17
N ALA D 161 20.65 -27.49 25.36
CA ALA D 161 19.61 -26.46 25.05
C ALA D 161 19.20 -26.53 23.58
N LEU D 162 20.16 -26.35 22.67
CA LEU D 162 19.95 -26.35 21.20
C LEU D 162 19.62 -27.77 20.72
N GLY D 163 20.23 -28.78 21.36
CA GLY D 163 19.97 -30.21 21.09
C GLY D 163 18.53 -30.58 21.41
N THR D 164 17.98 -30.03 22.50
CA THR D 164 16.57 -30.22 22.94
C THR D 164 15.64 -29.59 21.90
N ALA D 165 15.99 -28.41 21.40
CA ALA D 165 15.21 -27.63 20.42
C ALA D 165 15.13 -28.40 19.10
N TYR D 166 16.26 -28.89 18.61
CA TYR D 166 16.39 -29.64 17.33
C TYR D 166 15.54 -30.93 17.40
N GLN D 167 15.70 -31.69 18.50
CA GLN D 167 15.02 -32.99 18.73
C GLN D 167 13.50 -32.77 18.73
N LYS D 168 13.03 -31.73 19.42
CA LYS D 168 11.59 -31.35 19.48
C LYS D 168 11.08 -31.03 18.06
N ASN D 169 11.80 -30.19 17.33
CA ASN D 169 11.44 -29.74 15.96
C ASN D 169 11.42 -30.94 15.00
N VAL D 170 12.44 -31.79 15.06
CA VAL D 170 12.60 -32.99 14.18
C VAL D 170 11.42 -33.94 14.41
N ALA D 171 11.16 -34.29 15.67
CA ALA D 171 10.05 -35.19 16.08
C ALA D 171 8.76 -34.73 15.40
N PHE D 172 8.36 -33.47 15.63
CA PHE D 172 7.16 -32.82 15.03
C PHE D 172 7.21 -32.94 13.51
N LEU D 173 8.36 -32.62 12.91
CA LEU D 173 8.60 -32.68 11.45
C LEU D 173 8.28 -34.08 10.93
N THR D 174 8.91 -35.10 11.55
CA THR D 174 8.80 -36.54 11.16
C THR D 174 7.33 -36.93 11.05
N VAL D 175 6.57 -36.78 12.13
CA VAL D 175 5.16 -37.24 12.25
C VAL D 175 4.32 -36.59 11.13
N ILE D 176 4.38 -35.27 11.01
CA ILE D 176 3.60 -34.48 10.00
C ILE D 176 4.01 -34.93 8.59
N TRP D 177 5.31 -34.94 8.32
CA TRP D 177 5.88 -35.23 6.97
C TRP D 177 5.49 -36.65 6.52
N PHE D 178 5.30 -37.57 7.48
CA PHE D 178 4.97 -39.00 7.23
C PHE D 178 3.54 -39.12 6.69
N LEU D 179 2.69 -38.13 6.99
CA LEU D 179 1.25 -38.12 6.59
C LEU D 179 1.14 -38.03 5.07
N TYR D 180 2.07 -37.31 4.43
CA TYR D 180 2.06 -37.00 2.98
C TYR D 180 2.16 -38.31 2.18
N PRO D 181 3.17 -39.17 2.44
CA PRO D 181 3.26 -40.46 1.75
C PRO D 181 2.04 -41.35 2.02
N ILE D 182 1.48 -41.28 3.23
CA ILE D 182 0.27 -42.05 3.65
C ILE D 182 -0.92 -41.59 2.79
N VAL D 183 -1.16 -40.29 2.74
CA VAL D 183 -2.29 -39.67 1.99
C VAL D 183 -2.13 -39.99 0.50
N PHE D 184 -0.92 -39.87 -0.05
CA PHE D 184 -0.58 -40.20 -1.46
C PHE D 184 -1.04 -41.63 -1.76
N LEU D 185 -0.59 -42.59 -0.95
CA LEU D 185 -0.91 -44.04 -1.07
C LEU D 185 -2.43 -44.21 -1.17
N ILE D 186 -3.16 -43.64 -0.21
CA ILE D 186 -4.63 -43.75 0.02
C ILE D 186 -5.41 -42.89 -0.99
N GLY D 187 -4.74 -41.85 -1.52
CA GLY D 187 -5.38 -40.76 -2.28
C GLY D 187 -5.55 -41.12 -3.76
N PRO D 188 -6.11 -40.19 -4.57
CA PRO D 188 -6.34 -40.43 -5.99
C PRO D 188 -5.04 -40.55 -6.81
N GLU D 189 -3.91 -40.12 -6.22
CA GLU D 189 -2.56 -40.23 -6.82
C GLU D 189 -2.04 -41.66 -6.66
N GLY D 190 -2.72 -42.46 -5.83
CA GLY D 190 -2.29 -43.83 -5.45
C GLY D 190 -3.41 -44.84 -5.59
N LEU D 191 -3.86 -45.40 -4.46
CA LEU D 191 -4.83 -46.54 -4.40
C LEU D 191 -6.25 -46.03 -4.71
N LYS D 192 -6.48 -44.72 -4.60
CA LYS D 192 -7.80 -44.09 -4.85
C LYS D 192 -8.82 -44.65 -3.85
N ILE D 193 -8.40 -44.86 -2.60
CA ILE D 193 -9.26 -45.36 -1.48
C ILE D 193 -10.13 -44.20 -0.98
N ILE D 194 -9.56 -42.99 -0.91
CA ILE D 194 -10.28 -41.76 -0.46
C ILE D 194 -10.44 -40.83 -1.67
N SER D 195 -11.47 -39.98 -1.63
CA SER D 195 -11.84 -39.01 -2.70
C SER D 195 -10.75 -37.93 -2.83
N ASP D 196 -10.64 -37.34 -4.02
CA ASP D 196 -9.73 -36.21 -4.33
C ASP D 196 -9.98 -35.07 -3.35
N PRO D 197 -11.25 -34.63 -3.19
CA PRO D 197 -11.58 -33.51 -2.31
C PRO D 197 -11.17 -33.77 -0.86
N THR D 198 -11.46 -34.97 -0.32
CA THR D 198 -11.12 -35.34 1.08
C THR D 198 -9.60 -35.27 1.27
N SER D 199 -8.82 -35.82 0.33
CA SER D 199 -7.34 -35.82 0.36
C SER D 199 -6.81 -34.38 0.29
N VAL D 200 -7.42 -33.54 -0.55
CA VAL D 200 -7.05 -32.11 -0.74
C VAL D 200 -7.30 -31.34 0.57
N TRP D 201 -8.44 -31.58 1.22
CA TRP D 201 -8.83 -30.95 2.51
C TRP D 201 -7.85 -31.40 3.60
N ALA D 202 -7.47 -32.68 3.59
CA ALA D 202 -6.51 -33.30 4.53
C ALA D 202 -5.15 -32.60 4.38
N ILE D 203 -4.70 -32.43 3.13
CA ILE D 203 -3.38 -31.80 2.78
C ILE D 203 -3.36 -30.37 3.32
N LEU D 204 -4.46 -29.62 3.18
CA LEU D 204 -4.58 -28.22 3.66
C LEU D 204 -4.33 -28.20 5.18
N ILE D 205 -5.02 -29.06 5.93
CA ILE D 205 -4.85 -29.23 7.40
C ILE D 205 -3.37 -29.54 7.68
N MET D 206 -2.82 -30.55 6.99
CA MET D 206 -1.40 -30.97 7.10
C MET D 206 -0.49 -29.78 6.81
N ASP D 207 -0.72 -29.08 5.69
CA ASP D 207 0.12 -27.96 5.20
C ASP D 207 0.16 -26.84 6.25
N VAL D 208 -0.96 -26.58 6.94
CA VAL D 208 -1.06 -25.51 7.98
C VAL D 208 -0.20 -25.92 9.19
N LEU D 209 -0.30 -27.18 9.61
CA LEU D 209 0.50 -27.75 10.73
C LEU D 209 1.99 -27.61 10.40
N ALA D 210 2.38 -28.02 9.18
CA ALA D 210 3.79 -28.15 8.73
C ALA D 210 4.45 -26.79 8.52
N LYR D 211 3.65 -25.80 8.09
CA LYR D 211 4.21 -24.54 7.63
C LYR D 211 3.93 -23.42 8.64
O LYR D 211 4.78 -22.56 8.85
CB LYR D 211 3.66 -24.17 6.25
CG LYR D 211 3.84 -25.25 5.19
CD LYR D 211 3.77 -24.74 3.77
CE LYR D 211 3.60 -25.86 2.75
NZ LYR D 211 4.78 -26.75 2.72
C1 LYR D 211 4.62 -27.99 3.48
C2 LYR D 211 4.81 -29.24 2.64
C3 LYR D 211 5.43 -30.38 3.06
C4 LYR D 211 6.01 -30.56 4.39
C5 LYR D 211 5.51 -31.47 2.16
C6 LYR D 211 6.00 -32.75 2.38
C7 LYR D 211 5.90 -33.81 1.50
C80 LYR D 211 6.42 -35.11 1.59
C8 LYR D 211 7.33 -35.40 2.73
C9 LYR D 211 6.07 -36.08 0.65
C10 LYR D 211 6.66 -37.28 0.46
C11 LYR D 211 6.34 -38.25 -0.57
C12 LYR D 211 6.88 -39.48 -0.52
C13 LYR D 211 7.90 -39.92 0.48
C14 LYR D 211 6.50 -40.57 -1.50
C15 LYR D 211 5.20 -40.29 -2.24
C16 LYR D 211 5.19 -38.89 -2.76
C17 LYR D 211 5.37 -37.83 -1.67
C18 LYR D 211 5.88 -36.55 -2.35
C19 LYR D 211 3.98 -37.54 -1.07
N VAL D 212 2.74 -23.43 9.25
CA VAL D 212 2.33 -22.32 10.10
C VAL D 212 2.53 -22.72 11.57
N VAL D 213 1.86 -23.77 12.05
CA VAL D 213 1.93 -24.23 13.46
C VAL D 213 3.39 -24.56 13.81
N TYR D 214 4.06 -25.35 12.95
CA TYR D 214 5.47 -25.80 13.14
C TYR D 214 6.39 -24.58 13.28
N ALA D 215 6.17 -23.54 12.47
CA ALA D 215 6.98 -22.31 12.44
C ALA D 215 6.94 -21.64 13.83
N PHE D 216 5.73 -21.46 14.37
CA PHE D 216 5.48 -20.85 15.70
C PHE D 216 6.07 -21.76 16.80
N TYR D 217 5.90 -23.07 16.64
CA TYR D 217 6.39 -24.11 17.58
C TYR D 217 7.93 -24.07 17.62
N ALA D 218 8.56 -24.05 16.43
CA ALA D 218 10.03 -24.04 16.25
C ALA D 218 10.62 -22.77 16.88
N ALA D 219 9.93 -21.63 16.72
CA ALA D 219 10.35 -20.32 17.25
C ALA D 219 10.38 -20.37 18.79
N ALA D 220 9.32 -20.92 19.40
CA ALA D 220 9.16 -21.08 20.85
C ALA D 220 10.29 -21.95 21.42
N ASN D 221 10.61 -23.05 20.73
CA ASN D 221 11.64 -24.04 21.16
C ASN D 221 13.02 -23.39 21.13
N LEU D 222 13.27 -22.51 20.16
CA LEU D 222 14.55 -21.79 19.98
C LEU D 222 14.69 -20.71 21.06
N GLU D 223 13.60 -19.95 21.28
CA GLU D 223 13.54 -18.86 22.29
C GLU D 223 13.69 -19.45 23.69
N THR D 224 13.09 -20.63 23.93
CA THR D 224 13.20 -21.40 25.19
C THR D 224 14.67 -21.77 25.43
N ALA D 225 15.34 -22.27 24.38
CA ALA D 225 16.74 -22.75 24.42
C ALA D 225 17.69 -21.58 24.67
N LEU D 226 17.44 -20.42 24.03
CA LEU D 226 18.30 -19.21 24.12
C LEU D 226 18.24 -18.62 25.54
N ARG D 227 17.04 -18.60 26.14
CA ARG D 227 16.80 -18.07 27.51
C ARG D 227 17.48 -18.97 28.54
N HIS D 228 17.32 -20.30 28.39
CA HIS D 228 17.86 -21.33 29.31
C HIS D 228 19.40 -21.24 29.34
N HIS D 229 20.02 -21.00 28.19
CA HIS D 229 21.48 -20.96 27.98
C HIS D 229 22.09 -19.83 28.83
N ASP E 2 12.65 -6.04 -33.10
CA ASP E 2 12.40 -7.45 -33.48
C ASP E 2 13.68 -8.27 -33.20
N TRP E 3 14.09 -9.08 -34.18
CA TRP E 3 15.34 -9.89 -34.19
C TRP E 3 16.54 -8.99 -33.96
N MET E 4 16.56 -7.81 -34.58
CA MET E 4 17.67 -6.82 -34.53
C MET E 4 17.91 -6.41 -33.08
N ALA E 5 16.84 -6.15 -32.32
CA ALA E 5 16.87 -5.75 -30.90
C ALA E 5 17.50 -6.86 -30.07
N PHE E 6 17.11 -8.12 -30.33
CA PHE E 6 17.60 -9.33 -29.61
C PHE E 6 19.09 -9.53 -29.90
N LEU E 7 19.49 -9.40 -31.16
CA LEU E 7 20.89 -9.56 -31.62
C LEU E 7 21.75 -8.43 -31.03
N ILE E 8 21.22 -7.20 -30.99
CA ILE E 8 21.87 -6.02 -30.34
C ILE E 8 22.06 -6.35 -28.84
N GLY E 9 20.99 -6.82 -28.20
CA GLY E 9 21.00 -7.24 -26.79
C GLY E 9 22.09 -8.25 -26.51
N PHE E 10 22.12 -9.34 -27.28
CA PHE E 10 23.12 -10.44 -27.18
C PHE E 10 24.54 -9.86 -27.21
N THR E 11 24.86 -9.13 -28.28
CA THR E 11 26.20 -8.53 -28.54
C THR E 11 26.60 -7.62 -27.37
N ILE E 12 25.72 -6.70 -26.98
CA ILE E 12 25.95 -5.75 -25.85
C ILE E 12 26.23 -6.55 -24.57
N MET E 13 25.38 -7.53 -24.27
CA MET E 13 25.41 -8.31 -23.00
C MET E 13 26.66 -9.21 -22.98
N SER E 14 26.95 -9.90 -24.09
CA SER E 14 28.13 -10.79 -24.24
C SER E 14 29.41 -9.99 -23.99
N LEU E 15 29.62 -8.90 -24.73
CA LEU E 15 30.80 -8.01 -24.62
C LEU E 15 30.88 -7.45 -23.20
N ALA E 16 29.78 -6.87 -22.71
CA ALA E 16 29.68 -6.24 -21.37
C ALA E 16 30.19 -7.21 -20.30
N SER E 17 29.68 -8.44 -20.28
CA SER E 17 30.06 -9.52 -19.32
C SER E 17 31.59 -9.67 -19.30
N LEU E 18 32.20 -9.83 -20.47
CA LEU E 18 33.68 -9.90 -20.66
C LEU E 18 34.32 -8.65 -20.06
N ALA E 19 33.80 -7.47 -20.40
CA ALA E 19 34.32 -6.14 -20.00
C ALA E 19 34.22 -5.99 -18.49
N ILE E 20 33.06 -6.32 -17.90
CA ILE E 20 32.76 -6.17 -16.45
C ILE E 20 33.79 -6.96 -15.63
N TYR E 21 34.08 -8.20 -16.03
CA TYR E 21 35.06 -9.09 -15.34
C TYR E 21 36.46 -8.47 -15.41
N ALA E 22 36.93 -8.20 -16.63
CA ALA E 22 38.26 -7.61 -16.92
C ALA E 22 38.44 -6.33 -16.11
N LYS E 23 37.53 -5.37 -16.26
CA LYS E 23 37.60 -4.02 -15.65
C LYS E 23 37.43 -4.15 -14.13
N GLY E 24 36.54 -5.05 -13.68
CA GLY E 24 36.20 -5.27 -12.26
C GLY E 24 37.43 -5.63 -11.44
N SER E 25 37.45 -5.21 -10.17
CA SER E 25 38.51 -5.52 -9.18
C SER E 25 38.51 -7.02 -8.87
N LYS E 26 39.69 -7.61 -8.68
CA LYS E 26 39.90 -9.06 -8.44
C LYS E 26 40.49 -9.27 -7.05
N THR E 27 40.28 -8.32 -6.14
CA THR E 27 40.95 -8.21 -4.83
C THR E 27 39.93 -8.24 -3.69
N SER E 28 40.11 -9.17 -2.75
CA SER E 28 39.42 -9.24 -1.43
C SER E 28 37.90 -9.27 -1.62
N PRO E 29 37.14 -8.35 -0.99
CA PRO E 29 35.67 -8.36 -1.07
C PRO E 29 35.15 -8.01 -2.48
N ALA E 30 35.79 -7.05 -3.15
CA ALA E 30 35.39 -6.54 -4.49
C ALA E 30 35.32 -7.70 -5.49
N LEU E 31 36.26 -8.65 -5.39
CA LEU E 31 36.39 -9.81 -6.31
C LEU E 31 35.01 -10.47 -6.47
N HIS E 32 34.43 -10.99 -5.36
CA HIS E 32 33.18 -11.80 -5.38
C HIS E 32 32.02 -10.96 -5.93
N HIS E 33 32.06 -9.64 -5.77
CA HIS E 33 31.08 -8.69 -6.37
C HIS E 33 31.26 -8.66 -7.89
N THR E 34 32.51 -8.63 -8.34
CA THR E 34 32.90 -8.61 -9.78
C THR E 34 32.39 -9.90 -10.45
N LEU E 35 32.57 -11.05 -9.79
CA LEU E 35 32.17 -12.38 -10.31
C LEU E 35 30.64 -12.41 -10.50
N LEU E 36 29.89 -11.97 -9.48
CA LEU E 36 28.40 -11.95 -9.50
C LEU E 36 27.92 -11.04 -10.64
N HIS E 37 28.48 -9.83 -10.74
CA HIS E 37 28.07 -8.78 -11.71
C HIS E 37 28.36 -9.22 -13.15
N ALA E 38 29.44 -9.97 -13.35
CA ALA E 38 29.92 -10.41 -14.68
C ALA E 38 29.02 -11.54 -15.20
N ALA E 39 28.47 -12.36 -14.30
CA ALA E 39 27.65 -13.55 -14.60
C ALA E 39 26.31 -13.12 -15.20
N VAL E 40 25.67 -12.12 -14.59
CA VAL E 40 24.30 -11.65 -14.94
C VAL E 40 24.21 -11.43 -16.46
N PRO E 41 25.05 -10.56 -17.05
CA PRO E 41 24.97 -10.29 -18.48
C PRO E 41 25.14 -11.54 -19.35
N PHE E 42 25.98 -12.49 -18.92
CA PHE E 42 26.25 -13.76 -19.65
C PHE E 42 24.95 -14.57 -19.74
N ILE E 43 24.14 -14.56 -18.68
CA ILE E 43 22.78 -15.18 -18.65
C ILE E 43 21.89 -14.42 -19.64
N ALA E 44 21.76 -13.10 -19.45
CA ALA E 44 20.98 -12.19 -20.31
C ALA E 44 21.35 -12.42 -21.78
N ALA E 45 22.65 -12.49 -22.08
CA ALA E 45 23.20 -12.77 -23.43
C ALA E 45 22.58 -14.07 -23.97
N THR E 46 22.76 -15.18 -23.25
CA THR E 46 22.20 -16.52 -23.58
C THR E 46 20.70 -16.37 -23.87
N ALA E 47 19.99 -15.65 -22.99
CA ALA E 47 18.54 -15.38 -23.11
C ALA E 47 18.26 -14.69 -24.46
N TYR E 48 18.95 -13.58 -24.73
CA TYR E 48 18.73 -12.73 -25.92
C TYR E 48 19.00 -13.53 -27.20
N LEU E 49 20.04 -14.38 -27.19
CA LEU E 49 20.37 -15.28 -28.33
C LEU E 49 19.19 -16.22 -28.58
N ALA E 50 18.65 -16.79 -27.50
CA ALA E 50 17.46 -17.68 -27.51
C ALA E 50 16.29 -16.95 -28.17
N MET E 51 16.08 -15.68 -27.81
CA MET E 51 14.89 -14.88 -28.19
C MET E 51 14.96 -14.51 -29.68
N THR E 52 16.17 -14.28 -30.22
CA THR E 52 16.40 -13.94 -31.65
C THR E 52 15.88 -15.08 -32.53
N PHE E 53 16.09 -16.33 -32.08
CA PHE E 53 15.67 -17.57 -32.79
C PHE E 53 14.33 -18.06 -32.23
N GLY E 54 13.65 -17.20 -31.45
CA GLY E 54 12.33 -17.47 -30.86
C GLY E 54 12.30 -18.77 -30.07
N ILE E 55 13.41 -19.11 -29.41
CA ILE E 55 13.54 -20.32 -28.54
C ILE E 55 12.94 -19.99 -27.18
N GLY E 56 11.90 -20.74 -26.78
CA GLY E 56 11.16 -20.53 -25.52
C GLY E 56 9.99 -19.58 -25.72
N THR E 57 9.93 -18.88 -26.86
CA THR E 57 8.87 -17.90 -27.20
C THR E 57 7.60 -18.65 -27.64
N LEU E 58 6.49 -18.44 -26.92
CA LEU E 58 5.19 -19.13 -27.16
C LEU E 58 4.30 -18.23 -28.02
N VAL E 59 3.72 -18.78 -29.09
CA VAL E 59 2.75 -18.08 -29.99
C VAL E 59 1.35 -18.65 -29.72
N ASN E 60 0.48 -17.84 -29.11
CA ASN E 60 -0.93 -18.14 -28.81
C ASN E 60 -1.71 -18.29 -30.13
N PHE E 61 -2.86 -18.96 -30.10
CA PHE E 61 -3.72 -19.23 -31.28
C PHE E 61 -3.92 -17.93 -32.07
N ASN E 62 -4.04 -16.80 -31.34
CA ASN E 62 -4.36 -15.46 -31.89
C ASN E 62 -3.07 -14.67 -32.17
N GLY E 63 -1.94 -15.35 -32.31
CA GLY E 63 -0.65 -14.78 -32.74
C GLY E 63 -0.02 -13.90 -31.67
N SER E 64 -0.45 -14.03 -30.41
CA SER E 64 0.11 -13.31 -29.24
C SER E 64 1.36 -14.06 -28.75
N VAL E 65 2.45 -13.32 -28.48
CA VAL E 65 3.79 -13.90 -28.16
C VAL E 65 4.13 -13.61 -26.69
N THR E 66 4.59 -14.64 -25.97
CA THR E 66 5.13 -14.55 -24.58
C THR E 66 6.50 -15.25 -24.56
N TYR E 67 7.57 -14.52 -24.21
CA TYR E 67 8.98 -14.98 -24.29
C TYR E 67 9.39 -15.63 -22.96
N LEU E 68 9.30 -16.97 -22.87
CA LEU E 68 9.72 -17.76 -21.70
C LEU E 68 11.18 -17.44 -21.36
N ALA E 69 12.04 -17.34 -22.39
CA ALA E 69 13.48 -17.06 -22.27
C ALA E 69 13.72 -15.78 -21.47
N ARG E 70 12.88 -14.75 -21.71
CA ARG E 70 12.95 -13.43 -21.02
C ARG E 70 12.82 -13.66 -19.51
N TYR E 71 11.78 -14.40 -19.11
CA TYR E 71 11.42 -14.67 -17.69
C TYR E 71 12.47 -15.60 -17.07
N ALA E 72 12.94 -16.59 -17.83
CA ALA E 72 14.00 -17.54 -17.43
C ALA E 72 15.24 -16.74 -17.03
N ASP E 73 15.62 -15.76 -17.84
CA ASP E 73 16.73 -14.81 -17.58
C ASP E 73 16.49 -14.15 -16.22
N TRP E 74 15.35 -13.47 -16.08
CA TRP E 74 14.98 -12.65 -14.89
C TRP E 74 14.99 -13.52 -13.62
N SER E 75 14.54 -14.77 -13.72
CA SER E 75 14.38 -15.71 -12.57
C SER E 75 15.72 -16.02 -11.93
N VAL E 76 16.82 -15.90 -12.69
CA VAL E 76 18.21 -16.22 -12.21
C VAL E 76 18.98 -14.92 -11.95
N THR E 77 18.94 -13.98 -12.90
CA THR E 77 19.75 -12.73 -12.86
C THR E 77 19.35 -11.88 -11.65
N THR E 78 18.06 -11.56 -11.52
CA THR E 78 17.52 -10.66 -10.46
C THR E 78 18.02 -11.13 -9.09
N PRO E 79 17.88 -12.43 -8.74
CA PRO E 79 18.38 -12.93 -7.45
C PRO E 79 19.88 -12.67 -7.26
N ILE E 80 20.68 -12.88 -8.32
CA ILE E 80 22.15 -12.69 -8.30
C ILE E 80 22.45 -11.22 -7.97
N LEU E 81 21.74 -10.28 -8.61
CA LEU E 81 21.88 -8.82 -8.37
C LEU E 81 21.50 -8.51 -6.92
N LEU E 82 20.41 -9.09 -6.43
CA LEU E 82 19.89 -8.93 -5.03
C LEU E 82 20.92 -9.51 -4.05
N ALA E 83 21.48 -10.67 -4.38
CA ALA E 83 22.50 -11.37 -3.56
C ALA E 83 23.68 -10.43 -3.29
N SER E 84 24.20 -9.81 -4.35
CA SER E 84 25.35 -8.85 -4.31
C SER E 84 25.03 -7.73 -3.33
N LEU E 85 23.82 -7.16 -3.40
CA LEU E 85 23.35 -6.06 -2.52
C LEU E 85 23.36 -6.53 -1.06
N VAL E 86 22.80 -7.71 -0.78
CA VAL E 86 22.72 -8.28 0.60
C VAL E 86 24.14 -8.34 1.21
N LEU E 87 25.11 -8.86 0.45
CA LEU E 87 26.53 -8.99 0.88
C LEU E 87 27.11 -7.60 1.21
N LEU E 88 26.77 -6.60 0.41
CA LEU E 88 27.20 -5.19 0.59
C LEU E 88 26.72 -4.70 1.97
N ALA E 89 25.45 -4.93 2.27
CA ALA E 89 24.76 -4.49 3.51
C ALA E 89 25.49 -5.03 4.74
N PHE E 90 25.93 -6.29 4.70
CA PHE E 90 26.62 -7.00 5.80
C PHE E 90 28.07 -6.49 5.92
N HIS E 91 28.50 -5.65 4.98
CA HIS E 91 29.88 -5.12 4.89
C HIS E 91 30.88 -6.29 4.72
N GLU E 92 30.46 -7.34 4.00
CA GLU E 92 31.33 -8.48 3.60
C GLU E 92 31.74 -9.29 4.84
N ARG E 93 30.94 -9.24 5.91
CA ARG E 93 31.13 -10.09 7.12
C ARG E 93 29.76 -10.43 7.72
N GLY E 94 29.50 -11.72 7.92
CA GLY E 94 28.28 -12.26 8.56
C GLY E 94 28.54 -13.63 9.14
N ARG E 95 27.90 -13.94 10.28
CA ARG E 95 28.02 -15.25 10.99
C ARG E 95 27.20 -16.31 10.23
N THR E 96 27.43 -17.59 10.54
CA THR E 96 26.75 -18.76 9.93
C THR E 96 25.24 -18.51 9.88
N GLY E 97 24.66 -18.57 8.67
CA GLY E 97 23.21 -18.56 8.43
C GLY E 97 22.65 -17.15 8.28
N GLU E 98 23.35 -16.14 8.80
CA GLU E 98 22.88 -14.73 8.89
C GLU E 98 22.56 -14.20 7.49
N VAL E 99 23.57 -14.10 6.62
CA VAL E 99 23.43 -13.61 5.22
C VAL E 99 22.52 -14.57 4.45
N GLY E 100 22.63 -15.87 4.72
CA GLY E 100 21.84 -16.93 4.07
C GLY E 100 20.35 -16.72 4.24
N GLY E 101 19.91 -16.38 5.46
CA GLY E 101 18.50 -16.13 5.80
C GLY E 101 17.92 -15.00 4.96
N TYR E 102 18.64 -13.88 4.86
CA TYR E 102 18.25 -12.67 4.08
C TYR E 102 18.24 -13.01 2.59
N LEU E 103 19.26 -13.75 2.13
CA LEU E 103 19.38 -14.23 0.73
C LEU E 103 18.13 -15.04 0.37
N THR E 104 17.85 -16.10 1.13
CA THR E 104 16.69 -17.01 0.92
C THR E 104 15.41 -16.15 0.86
N ALA E 105 15.19 -15.32 1.87
CA ALA E 105 14.02 -14.42 1.99
C ALA E 105 13.85 -13.60 0.71
N ILE E 106 14.89 -12.87 0.31
CA ILE E 106 14.84 -11.85 -0.78
C ILE E 106 14.76 -12.55 -2.14
N ILE E 107 15.43 -13.71 -2.26
CA ILE E 107 15.44 -14.55 -3.51
C ILE E 107 14.03 -15.12 -3.72
N VAL E 108 13.48 -15.74 -2.67
CA VAL E 108 12.12 -16.38 -2.70
C VAL E 108 11.11 -15.35 -3.22
N LEU E 109 11.06 -14.18 -2.57
CA LEU E 109 10.16 -13.05 -2.96
C LEU E 109 10.41 -12.68 -4.42
N ASP E 110 11.68 -12.46 -4.78
CA ASP E 110 12.09 -11.96 -6.12
C ASP E 110 11.70 -12.98 -7.19
N VAL E 111 12.05 -14.26 -7.00
CA VAL E 111 11.77 -15.35 -7.98
C VAL E 111 10.25 -15.47 -8.13
N LEU E 112 9.52 -15.54 -7.00
CA LEU E 112 8.04 -15.57 -6.97
C LEU E 112 7.50 -14.40 -7.81
N MET E 113 7.99 -13.19 -7.55
CA MET E 113 7.65 -11.96 -8.31
C MET E 113 7.70 -12.24 -9.82
N ILE E 114 8.77 -12.91 -10.27
CA ILE E 114 9.01 -13.24 -11.70
C ILE E 114 8.00 -14.30 -12.14
N VAL E 115 7.93 -15.42 -11.42
CA VAL E 115 7.04 -16.60 -11.72
C VAL E 115 5.60 -16.11 -11.82
N THR E 116 5.13 -15.38 -10.82
CA THR E 116 3.74 -14.84 -10.73
C THR E 116 3.49 -13.93 -11.93
N GLY E 117 4.46 -13.07 -12.27
CA GLY E 117 4.40 -12.17 -13.44
C GLY E 117 4.20 -12.94 -14.73
N LEU E 118 4.85 -14.10 -14.86
CA LEU E 118 4.72 -15.01 -16.04
C LEU E 118 3.31 -15.59 -16.08
N ILE E 119 2.78 -16.03 -14.93
CA ILE E 119 1.40 -16.57 -14.78
C ILE E 119 0.41 -15.49 -15.23
N SER E 120 0.63 -14.26 -14.80
CA SER E 120 -0.19 -13.07 -15.17
C SER E 120 -0.17 -12.88 -16.69
N SER E 121 1.02 -12.95 -17.31
CA SER E 121 1.24 -12.75 -18.76
C SER E 121 0.45 -13.80 -19.55
N LEU E 122 0.46 -15.06 -19.09
CA LEU E 122 -0.11 -16.24 -19.79
C LEU E 122 -1.63 -16.29 -19.57
N ALA E 123 -2.11 -15.71 -18.47
CA ALA E 123 -3.55 -15.64 -18.11
C ALA E 123 -4.33 -14.95 -19.23
N VAL E 124 -5.34 -15.62 -19.79
CA VAL E 124 -6.16 -15.12 -20.94
C VAL E 124 -7.43 -14.47 -20.37
N VAL E 125 -7.75 -14.72 -19.10
CA VAL E 125 -8.90 -14.12 -18.37
C VAL E 125 -8.41 -12.84 -17.67
N PRO E 126 -9.01 -11.67 -17.99
CA PRO E 126 -8.53 -10.40 -17.46
C PRO E 126 -8.41 -10.40 -15.93
N ALA E 127 -9.51 -10.71 -15.23
CA ALA E 127 -9.60 -10.73 -13.76
C ALA E 127 -8.38 -11.46 -13.17
N LEU E 128 -8.13 -12.68 -13.66
CA LEU E 128 -6.99 -13.55 -13.22
C LEU E 128 -5.67 -12.82 -13.51
N LYS E 129 -5.52 -12.30 -14.73
CA LYS E 129 -4.30 -11.62 -15.22
C LYS E 129 -3.86 -10.54 -14.22
N TRP E 130 -4.83 -9.79 -13.69
CA TRP E 130 -4.57 -8.59 -12.85
C TRP E 130 -4.44 -9.01 -11.38
N VAL E 131 -5.19 -10.02 -10.94
CA VAL E 131 -5.05 -10.63 -9.59
C VAL E 131 -3.59 -11.07 -9.41
N TRP E 132 -3.05 -11.76 -10.41
CA TRP E 132 -1.68 -12.33 -10.39
C TRP E 132 -0.64 -11.19 -10.50
N TYR E 133 -0.89 -10.20 -11.36
CA TYR E 133 -0.04 -8.99 -11.51
C TYR E 133 0.12 -8.32 -10.15
N LEU E 134 -0.99 -8.13 -9.44
CA LEU E 134 -1.03 -7.48 -8.10
C LEU E 134 -0.21 -8.32 -7.10
N TRP E 135 -0.43 -9.63 -7.07
CA TRP E 135 0.31 -10.57 -6.19
C TRP E 135 1.81 -10.45 -6.47
N SER E 136 2.19 -10.42 -7.75
CA SER E 136 3.58 -10.19 -8.22
C SER E 136 4.10 -8.87 -7.63
N CYS E 137 3.29 -7.81 -7.72
CA CYS E 137 3.60 -6.45 -7.18
C CYS E 137 3.83 -6.53 -5.67
N ALA E 138 2.97 -7.26 -4.96
CA ALA E 138 3.08 -7.53 -3.51
C ALA E 138 4.47 -8.11 -3.22
N ALA E 139 4.87 -9.12 -4.00
CA ALA E 139 6.20 -9.78 -3.92
C ALA E 139 7.29 -8.72 -4.10
N PHE E 140 7.17 -7.88 -5.13
CA PHE E 140 8.12 -6.79 -5.47
C PHE E 140 8.28 -5.85 -4.27
N LEU E 141 7.15 -5.45 -3.67
CA LEU E 141 7.12 -4.60 -2.45
C LEU E 141 7.84 -5.34 -1.31
N GLY E 142 7.59 -6.64 -1.15
CA GLY E 142 8.32 -7.51 -0.22
C GLY E 142 9.82 -7.40 -0.40
N VAL E 143 10.29 -7.51 -1.65
CA VAL E 143 11.73 -7.36 -2.03
C VAL E 143 12.19 -5.96 -1.62
N LEU E 144 11.49 -4.92 -2.08
CA LEU E 144 11.83 -3.49 -1.86
C LEU E 144 11.90 -3.20 -0.36
N TYR E 145 10.94 -3.73 0.41
CA TYR E 145 10.90 -3.58 1.89
C TYR E 145 12.23 -4.04 2.50
N LEU E 146 12.59 -5.31 2.26
CA LEU E 146 13.85 -5.93 2.74
C LEU E 146 15.04 -5.02 2.41
N LEU E 147 15.17 -4.62 1.15
CA LEU E 147 16.26 -3.76 0.64
C LEU E 147 16.30 -2.43 1.41
N TRP E 148 15.14 -1.78 1.54
CA TRP E 148 15.01 -0.34 1.93
C TRP E 148 14.98 -0.18 3.46
N VAL E 149 14.49 -1.18 4.20
CA VAL E 149 14.27 -1.08 5.68
C VAL E 149 15.35 -1.86 6.42
N PRO E 150 15.17 -3.18 6.67
CA PRO E 150 16.09 -3.93 7.53
C PRO E 150 17.52 -4.00 6.98
N LEU E 151 17.69 -4.34 5.70
CA LEU E 151 19.02 -4.49 5.04
C LEU E 151 19.72 -3.13 4.99
N ARG E 152 18.99 -2.05 4.65
CA ARG E 152 19.53 -0.68 4.56
C ARG E 152 19.90 -0.19 5.97
N ALA E 153 19.09 -0.56 6.97
CA ALA E 153 19.33 -0.28 8.41
C ALA E 153 20.70 -0.83 8.80
N MET E 154 20.93 -2.12 8.54
CA MET E 154 22.22 -2.82 8.80
C MET E 154 23.33 -2.15 7.97
N ALA E 155 23.05 -1.83 6.71
CA ALA E 155 24.00 -1.22 5.76
C ALA E 155 24.61 0.05 6.36
N VAL E 156 23.76 0.90 6.96
CA VAL E 156 24.14 2.25 7.50
C VAL E 156 24.79 2.07 8.88
N GLU E 157 24.26 1.17 9.70
CA GLU E 157 24.68 0.93 11.11
C GLU E 157 26.17 0.56 11.16
N ARG E 158 26.65 -0.19 10.17
CA ARG E 158 27.98 -0.86 10.20
C ARG E 158 29.08 0.12 9.79
N GLY E 159 28.75 1.17 9.04
CA GLY E 159 29.72 2.20 8.59
C GLY E 159 29.17 3.07 7.48
N GLU E 160 29.65 4.32 7.40
CA GLU E 160 29.18 5.36 6.45
C GLU E 160 29.57 4.98 5.01
N ALA E 161 30.82 4.56 4.79
CA ALA E 161 31.43 4.30 3.47
C ALA E 161 30.60 3.24 2.72
N LEU E 162 30.46 2.04 3.29
CA LEU E 162 29.72 0.90 2.69
C LEU E 162 28.21 1.19 2.70
N GLY E 163 27.72 1.90 3.73
CA GLY E 163 26.33 2.33 3.85
C GLY E 163 25.95 3.28 2.72
N THR E 164 26.86 4.18 2.36
CA THR E 164 26.70 5.15 1.24
C THR E 164 26.65 4.39 -0.09
N ALA E 165 27.49 3.36 -0.23
CA ALA E 165 27.61 2.53 -1.46
C ALA E 165 26.30 1.76 -1.68
N TYR E 166 25.80 1.10 -0.63
CA TYR E 166 24.55 0.30 -0.65
C TYR E 166 23.36 1.18 -1.03
N GLN E 167 23.23 2.33 -0.36
CA GLN E 167 22.11 3.29 -0.53
C GLN E 167 22.10 3.80 -1.97
N LYS E 168 23.27 4.14 -2.52
CA LYS E 168 23.43 4.60 -3.92
C LYS E 168 22.99 3.50 -4.88
N ASN E 169 23.47 2.27 -4.67
CA ASN E 169 23.17 1.08 -5.51
C ASN E 169 21.67 0.79 -5.47
N VAL E 170 21.08 0.77 -4.27
CA VAL E 170 19.64 0.45 -4.04
C VAL E 170 18.78 1.48 -4.78
N ALA E 171 19.04 2.77 -4.56
CA ALA E 171 18.31 3.89 -5.20
C ALA E 171 18.23 3.65 -6.71
N PHE E 172 19.39 3.53 -7.37
CA PHE E 172 19.53 3.26 -8.82
C PHE E 172 18.73 2.01 -9.19
N LEU E 173 18.87 0.94 -8.40
CA LEU E 173 18.19 -0.36 -8.61
C LEU E 173 16.67 -0.14 -8.63
N THR E 174 16.15 0.53 -7.59
CA THR E 174 14.69 0.75 -7.38
C THR E 174 14.09 1.41 -8.63
N VAL E 175 14.63 2.56 -9.06
CA VAL E 175 14.11 3.36 -10.21
C VAL E 175 14.03 2.48 -11.46
N ILE E 176 15.14 1.84 -11.83
CA ILE E 176 15.26 0.99 -13.05
C ILE E 176 14.29 -0.19 -12.93
N TRP E 177 14.32 -0.91 -11.81
CA TRP E 177 13.53 -2.14 -11.55
C TRP E 177 12.03 -1.83 -11.65
N PHE E 178 11.64 -0.59 -11.30
CA PHE E 178 10.23 -0.14 -11.26
C PHE E 178 9.68 0.01 -12.68
N LEU E 179 10.57 0.19 -13.67
CA LEU E 179 10.20 0.38 -15.10
C LEU E 179 9.57 -0.91 -15.64
N TYR E 180 10.02 -2.07 -15.16
CA TYR E 180 9.59 -3.40 -15.65
C TYR E 180 8.10 -3.60 -15.39
N PRO E 181 7.61 -3.42 -14.14
CA PRO E 181 6.18 -3.53 -13.85
C PRO E 181 5.36 -2.50 -14.64
N ILE E 182 5.92 -1.30 -14.85
CA ILE E 182 5.28 -0.19 -15.62
C ILE E 182 5.11 -0.64 -17.07
N VAL E 183 6.19 -1.13 -17.70
CA VAL E 183 6.20 -1.58 -19.11
C VAL E 183 5.21 -2.75 -19.28
N PHE E 184 5.24 -3.71 -18.36
CA PHE E 184 4.33 -4.89 -18.33
C PHE E 184 2.88 -4.38 -18.39
N LEU E 185 2.52 -3.50 -17.46
CA LEU E 185 1.16 -2.91 -17.31
C LEU E 185 0.68 -2.34 -18.65
N ILE E 186 1.50 -1.47 -19.26
CA ILE E 186 1.12 -0.69 -20.47
C ILE E 186 1.41 -1.53 -21.73
N GLY E 187 2.20 -2.60 -21.58
CA GLY E 187 2.70 -3.43 -22.70
C GLY E 187 1.69 -4.48 -23.16
N PRO E 188 2.03 -5.32 -24.15
CA PRO E 188 1.10 -6.29 -24.72
C PRO E 188 0.76 -7.43 -23.73
N GLU E 189 1.55 -7.56 -22.67
CA GLU E 189 1.34 -8.56 -21.59
C GLU E 189 0.30 -8.04 -20.61
N GLY E 190 -0.07 -6.75 -20.74
CA GLY E 190 -1.01 -6.06 -19.83
C GLY E 190 -2.11 -5.34 -20.59
N LEU E 191 -2.10 -4.00 -20.55
CA LEU E 191 -3.19 -3.13 -21.08
C LEU E 191 -3.11 -3.05 -22.62
N LYS E 192 -1.99 -3.45 -23.21
CA LYS E 192 -1.77 -3.48 -24.68
C LYS E 192 -1.90 -2.05 -25.23
N ILE E 193 -1.39 -1.06 -24.48
CA ILE E 193 -1.37 0.38 -24.91
C ILE E 193 -0.18 0.58 -25.84
N ILE E 194 0.94 -0.12 -25.57
CA ILE E 194 2.21 -0.04 -26.35
C ILE E 194 2.33 -1.30 -27.23
N SER E 195 2.99 -1.17 -28.39
CA SER E 195 3.25 -2.29 -29.35
C SER E 195 4.24 -3.28 -28.73
N ASP E 196 4.23 -4.52 -29.19
CA ASP E 196 5.22 -5.58 -28.80
C ASP E 196 6.63 -5.06 -29.06
N PRO E 197 6.92 -4.58 -30.29
CA PRO E 197 8.25 -4.11 -30.64
C PRO E 197 8.73 -2.96 -29.74
N THR E 198 7.87 -1.98 -29.48
CA THR E 198 8.14 -0.80 -28.61
C THR E 198 8.55 -1.28 -27.21
N SER E 199 7.77 -2.20 -26.64
CA SER E 199 7.99 -2.78 -25.29
C SER E 199 9.33 -3.52 -25.25
N VAL E 200 9.62 -4.30 -26.32
CA VAL E 200 10.86 -5.11 -26.47
C VAL E 200 12.07 -4.17 -26.50
N TRP E 201 11.97 -3.08 -27.26
CA TRP E 201 13.04 -2.07 -27.42
C TRP E 201 13.29 -1.35 -26.08
N ALA E 202 12.22 -1.03 -25.36
CA ALA E 202 12.26 -0.38 -24.03
C ALA E 202 13.00 -1.29 -23.05
N ILE E 203 12.65 -2.58 -23.05
CA ILE E 203 13.19 -3.62 -22.13
C ILE E 203 14.70 -3.75 -22.36
N LEU E 204 15.13 -3.72 -23.62
CA LEU E 204 16.57 -3.80 -24.02
C LEU E 204 17.34 -2.66 -23.33
N ILE E 205 16.85 -1.42 -23.50
CA ILE E 205 17.43 -0.20 -22.87
C ILE E 205 17.45 -0.40 -21.34
N MET E 206 16.33 -0.82 -20.76
CA MET E 206 16.20 -1.11 -19.31
C MET E 206 17.24 -2.15 -18.89
N ASP E 207 17.30 -3.27 -19.63
CA ASP E 207 18.17 -4.45 -19.32
C ASP E 207 19.64 -4.00 -19.29
N VAL E 208 20.03 -3.10 -20.21
CA VAL E 208 21.43 -2.57 -20.32
C VAL E 208 21.75 -1.75 -19.08
N LEU E 209 20.83 -0.85 -18.69
CA LEU E 209 20.99 0.02 -17.49
C LEU E 209 21.13 -0.85 -16.24
N ALA E 210 20.27 -1.86 -16.09
CA ALA E 210 20.10 -2.67 -14.87
C ALA E 210 21.27 -3.63 -14.69
N LYR E 211 21.86 -4.11 -15.79
CA LYR E 211 22.84 -5.18 -15.71
C LYR E 211 24.24 -4.67 -16.04
O LYR E 211 25.22 -5.15 -15.47
CB LYR E 211 22.46 -6.35 -16.62
CG LYR E 211 21.00 -6.81 -16.53
CD LYR E 211 20.78 -8.27 -16.88
CE LYR E 211 19.34 -8.65 -17.16
NZ LYR E 211 18.39 -7.64 -16.68
C1 LYR E 211 17.85 -7.91 -15.35
C2 LYR E 211 16.34 -7.83 -15.33
C3 LYR E 211 15.61 -7.29 -14.31
C4 LYR E 211 16.20 -6.54 -13.20
C5 LYR E 211 14.20 -7.44 -14.31
C6 LYR E 211 13.31 -7.10 -13.31
C7 LYR E 211 11.94 -6.90 -13.44
C80 LYR E 211 10.97 -6.86 -12.43
C8 LYR E 211 11.43 -6.84 -11.02
C9 LYR E 211 9.61 -6.87 -12.74
C10 LYR E 211 8.58 -7.09 -11.87
C11 LYR E 211 7.22 -7.43 -12.22
C12 LYR E 211 6.21 -7.09 -11.39
C13 LYR E 211 6.40 -6.42 -10.06
C14 LYR E 211 4.77 -7.38 -11.71
C15 LYR E 211 4.54 -7.64 -13.19
C16 LYR E 211 5.53 -8.61 -13.71
C17 LYR E 211 6.99 -8.18 -13.52
C18 LYR E 211 7.85 -9.45 -13.55
C19 LYR E 211 7.38 -7.29 -14.72
N VAL E 212 24.33 -3.70 -16.97
CA VAL E 212 25.62 -3.26 -17.46
C VAL E 212 26.02 -1.96 -16.73
N VAL E 213 25.22 -0.90 -16.90
CA VAL E 213 25.51 0.45 -16.32
C VAL E 213 25.58 0.32 -14.80
N TYR E 214 24.60 -0.36 -14.19
CA TYR E 214 24.47 -0.55 -12.72
C TYR E 214 25.74 -1.22 -12.17
N ALA E 215 26.23 -2.24 -12.89
CA ALA E 215 27.42 -3.05 -12.52
C ALA E 215 28.63 -2.12 -12.37
N PHE E 216 28.87 -1.26 -13.37
CA PHE E 216 30.01 -0.30 -13.40
C PHE E 216 29.80 0.77 -12.33
N TYR E 217 28.55 1.21 -12.15
CA TYR E 217 28.14 2.21 -11.14
C TYR E 217 28.41 1.65 -9.74
N ALA E 218 27.98 0.41 -9.50
CA ALA E 218 28.13 -0.32 -8.22
C ALA E 218 29.61 -0.46 -7.86
N ALA E 219 30.45 -0.76 -8.85
CA ALA E 219 31.91 -0.92 -8.71
C ALA E 219 32.54 0.39 -8.23
N ALA E 220 32.16 1.52 -8.83
CA ALA E 220 32.65 2.88 -8.49
C ALA E 220 32.31 3.20 -7.04
N ASN E 221 31.09 2.88 -6.61
CA ASN E 221 30.57 3.16 -5.25
C ASN E 221 31.34 2.33 -4.22
N LEU E 222 31.69 1.08 -4.58
CA LEU E 222 32.45 0.13 -3.74
C LEU E 222 33.91 0.58 -3.68
N GLU E 223 34.50 0.97 -4.82
CA GLU E 223 35.89 1.46 -4.96
C GLU E 223 36.07 2.73 -4.13
N THR E 224 35.10 3.63 -4.13
CA THR E 224 35.11 4.88 -3.32
C THR E 224 35.06 4.50 -1.83
N ALA E 225 34.18 3.55 -1.48
CA ALA E 225 33.95 3.06 -0.10
C ALA E 225 35.19 2.30 0.41
N LEU E 226 35.79 1.48 -0.46
CA LEU E 226 36.95 0.62 -0.16
C LEU E 226 38.19 1.49 0.12
N ARG E 227 38.33 2.61 -0.58
CA ARG E 227 39.45 3.58 -0.46
C ARG E 227 39.57 4.07 0.99
N HIS E 228 38.43 4.38 1.63
CA HIS E 228 38.34 4.81 3.05
C HIS E 228 38.65 3.62 3.95
N ASP F 2 19.37 -50.53 -25.23
CA ASP F 2 19.48 -49.15 -24.67
C ASP F 2 18.98 -49.14 -23.22
N TRP F 3 17.83 -49.78 -22.96
CA TRP F 3 17.18 -49.82 -21.62
C TRP F 3 18.09 -50.55 -20.62
N MET F 4 18.77 -51.61 -21.08
CA MET F 4 19.70 -52.43 -20.27
C MET F 4 20.82 -51.54 -19.72
N ALA F 5 21.33 -50.64 -20.55
CA ALA F 5 22.41 -49.66 -20.21
C ALA F 5 21.91 -48.76 -19.07
N PHE F 6 20.68 -48.27 -19.17
CA PHE F 6 20.04 -47.36 -18.20
C PHE F 6 19.84 -48.10 -16.86
N LEU F 7 19.36 -49.35 -16.92
CA LEU F 7 19.12 -50.23 -15.74
C LEU F 7 20.47 -50.51 -15.06
N ILE F 8 21.51 -50.81 -15.85
CA ILE F 8 22.91 -51.03 -15.38
C ILE F 8 23.39 -49.73 -14.71
N GLY F 9 23.20 -48.60 -15.38
CA GLY F 9 23.55 -47.25 -14.87
C GLY F 9 22.93 -46.99 -13.51
N PHE F 10 21.61 -47.18 -13.39
CA PHE F 10 20.83 -46.98 -12.14
C PHE F 10 21.46 -47.81 -11.00
N THR F 11 21.61 -49.12 -11.23
CA THR F 11 22.12 -50.09 -10.23
C THR F 11 23.52 -49.67 -9.77
N ILE F 12 24.41 -49.40 -10.73
CA ILE F 12 25.82 -48.97 -10.47
C ILE F 12 25.79 -47.69 -9.62
N MET F 13 25.00 -46.69 -10.06
CA MET F 13 24.95 -45.33 -9.46
C MET F 13 24.33 -45.40 -8.06
N SER F 14 23.22 -46.13 -7.91
CA SER F 14 22.51 -46.32 -6.63
C SER F 14 23.47 -46.91 -5.58
N LEU F 15 24.07 -48.06 -5.89
CA LEU F 15 25.00 -48.77 -4.99
C LEU F 15 26.21 -47.87 -4.70
N ALA F 16 26.82 -47.30 -5.76
CA ALA F 16 28.02 -46.43 -5.67
C ALA F 16 27.78 -45.31 -4.65
N SER F 17 26.65 -44.60 -4.77
CA SER F 17 26.26 -43.48 -3.86
C SER F 17 26.30 -43.96 -2.41
N LEU F 18 25.68 -45.10 -2.11
CA LEU F 18 25.72 -45.76 -0.77
C LEU F 18 27.18 -46.04 -0.38
N ALA F 19 27.96 -46.62 -1.29
CA ALA F 19 29.37 -47.00 -1.09
C ALA F 19 30.23 -45.76 -0.82
N ILE F 20 30.06 -44.71 -1.62
CA ILE F 20 30.86 -43.44 -1.54
C ILE F 20 30.70 -42.84 -0.14
N TYR F 21 29.47 -42.79 0.38
CA TYR F 21 29.14 -42.23 1.71
C TYR F 21 29.82 -43.06 2.80
N ALA F 22 29.55 -44.37 2.82
CA ALA F 22 30.11 -45.34 3.79
C ALA F 22 31.64 -45.23 3.81
N LYS F 23 32.28 -45.38 2.65
CA LYS F 23 33.75 -45.37 2.47
C LYS F 23 34.32 -43.99 2.83
N GLY F 24 33.63 -42.92 2.43
CA GLY F 24 34.07 -41.53 2.64
C GLY F 24 34.25 -41.21 4.11
N SER F 25 35.22 -40.34 4.44
CA SER F 25 35.49 -39.82 5.80
C SER F 25 34.33 -38.91 6.24
N LYS F 26 34.00 -38.92 7.53
CA LYS F 26 32.87 -38.16 8.13
C LYS F 26 33.42 -37.10 9.10
N THR F 27 34.67 -36.66 8.90
CA THR F 27 35.42 -35.79 9.84
C THR F 27 35.87 -34.50 9.14
N SER F 28 35.59 -33.35 9.76
CA SER F 28 36.18 -32.02 9.45
C SER F 28 35.90 -31.64 8.00
N PRO F 29 36.94 -31.28 7.20
CA PRO F 29 36.74 -30.83 5.82
C PRO F 29 36.25 -31.97 4.90
N ALA F 30 36.82 -33.17 5.08
CA ALA F 30 36.54 -34.39 4.29
C ALA F 30 35.03 -34.65 4.27
N LEU F 31 34.37 -34.49 5.41
CA LEU F 31 32.92 -34.79 5.60
C LEU F 31 32.13 -34.16 4.46
N HIS F 32 32.16 -32.82 4.36
CA HIS F 32 31.30 -32.05 3.42
C HIS F 32 31.61 -32.46 1.97
N HIS F 33 32.84 -32.88 1.69
CA HIS F 33 33.27 -33.43 0.37
C HIS F 33 32.57 -34.78 0.15
N THR F 34 32.55 -35.63 1.18
CA THR F 34 31.92 -36.97 1.17
C THR F 34 30.42 -36.82 0.86
N LEU F 35 29.75 -35.89 1.53
CA LEU F 35 28.29 -35.66 1.39
C LEU F 35 27.96 -35.22 -0.04
N LEU F 36 28.71 -34.26 -0.58
CA LEU F 36 28.51 -33.71 -1.95
C LEU F 36 28.72 -34.82 -2.98
N HIS F 37 29.81 -35.60 -2.84
CA HIS F 37 30.24 -36.65 -3.80
C HIS F 37 29.23 -37.80 -3.80
N ALA F 38 28.62 -38.10 -2.65
CA ALA F 38 27.67 -39.23 -2.46
C ALA F 38 26.33 -38.88 -3.11
N ALA F 39 25.96 -37.60 -3.11
CA ALA F 39 24.67 -37.09 -3.63
C ALA F 39 24.62 -37.23 -5.15
N VAL F 40 25.70 -36.87 -5.83
CA VAL F 40 25.79 -36.82 -7.32
C VAL F 40 25.27 -38.13 -7.91
N PRO F 41 25.85 -39.29 -7.55
CA PRO F 41 25.42 -40.57 -8.12
C PRO F 41 23.92 -40.84 -7.87
N PHE F 42 23.39 -40.43 -6.71
CA PHE F 42 21.98 -40.65 -6.33
C PHE F 42 21.06 -39.89 -7.29
N ILE F 43 21.49 -38.71 -7.73
CA ILE F 43 20.81 -37.91 -8.80
C ILE F 43 20.89 -38.69 -10.10
N ALA F 44 22.11 -39.01 -10.54
CA ALA F 44 22.40 -39.79 -11.77
C ALA F 44 21.54 -41.06 -11.78
N ALA F 45 21.50 -41.78 -10.66
CA ALA F 45 20.68 -43.00 -10.46
C ALA F 45 19.23 -42.70 -10.83
N THR F 46 18.62 -41.73 -10.14
CA THR F 46 17.22 -41.27 -10.36
C THR F 46 17.02 -40.98 -11.84
N ALA F 47 17.96 -40.25 -12.46
CA ALA F 47 17.96 -39.93 -13.90
C ALA F 47 17.88 -41.22 -14.72
N TYR F 48 18.82 -42.14 -14.49
CA TYR F 48 18.97 -43.42 -15.24
C TYR F 48 17.69 -44.25 -15.11
N LEU F 49 17.08 -44.29 -13.93
CA LEU F 49 15.80 -45.02 -13.68
C LEU F 49 14.72 -44.41 -14.57
N ALA F 50 14.65 -43.08 -14.62
CA ALA F 50 13.72 -42.30 -15.46
C ALA F 50 13.89 -42.71 -16.93
N MET F 51 15.15 -42.83 -17.37
CA MET F 51 15.51 -43.02 -18.80
C MET F 51 15.17 -44.46 -19.25
N THR F 52 15.28 -45.44 -18.34
CA THR F 52 14.96 -46.87 -18.63
C THR F 52 13.49 -46.97 -19.03
N PHE F 53 12.62 -46.19 -18.36
CA PHE F 53 11.15 -46.15 -18.57
C PHE F 53 10.81 -45.00 -19.52
N GLY F 54 11.83 -44.45 -20.19
CA GLY F 54 11.69 -43.39 -21.20
C GLY F 54 10.91 -42.18 -20.68
N ILE F 55 11.07 -41.87 -19.39
CA ILE F 55 10.45 -40.68 -18.73
C ILE F 55 11.33 -39.46 -19.03
N GLY F 56 10.77 -38.47 -19.72
CA GLY F 56 11.50 -37.25 -20.15
C GLY F 56 12.12 -37.42 -21.52
N THR F 57 12.04 -38.63 -22.09
CA THR F 57 12.58 -38.95 -23.45
C THR F 57 11.61 -38.44 -24.51
N LEU F 58 12.07 -37.56 -25.40
CA LEU F 58 11.25 -36.92 -26.47
C LEU F 58 11.48 -37.66 -27.80
N VAL F 59 10.38 -38.03 -28.47
CA VAL F 59 10.38 -38.82 -29.75
C VAL F 59 10.86 -37.92 -30.89
N ASN F 60 10.52 -36.63 -30.84
CA ASN F 60 10.86 -35.61 -31.86
C ASN F 60 12.37 -35.35 -31.85
N GLY F 63 11.88 -37.30 -35.14
CA GLY F 63 12.80 -38.36 -35.62
C GLY F 63 14.00 -38.46 -34.67
N SER F 64 14.61 -37.32 -34.34
CA SER F 64 15.77 -37.20 -33.43
C SER F 64 15.28 -37.31 -31.97
N VAL F 65 15.96 -38.14 -31.16
CA VAL F 65 15.60 -38.42 -29.74
C VAL F 65 16.63 -37.74 -28.82
N THR F 66 16.13 -36.98 -27.83
CA THR F 66 16.94 -36.27 -26.82
C THR F 66 16.39 -36.61 -25.43
N TYR F 67 17.26 -37.10 -24.54
CA TYR F 67 16.92 -37.59 -23.17
C TYR F 67 16.95 -36.42 -22.19
N LEU F 68 15.78 -35.85 -21.87
CA LEU F 68 15.65 -34.69 -20.95
C LEU F 68 16.23 -35.05 -19.58
N ALA F 69 15.98 -36.28 -19.11
CA ALA F 69 16.46 -36.79 -17.81
C ALA F 69 17.99 -36.68 -17.74
N ARG F 70 18.67 -36.97 -18.86
CA ARG F 70 20.16 -36.86 -19.01
C ARG F 70 20.58 -35.46 -18.60
N TYR F 71 19.98 -34.45 -19.22
CA TYR F 71 20.31 -33.01 -19.06
C TYR F 71 19.91 -32.52 -17.67
N ALA F 72 18.75 -32.98 -17.18
CA ALA F 72 18.24 -32.69 -15.81
C ALA F 72 19.29 -33.11 -14.79
N ASP F 73 19.82 -34.33 -14.94
CA ASP F 73 20.93 -34.88 -14.10
C ASP F 73 22.11 -33.91 -14.15
N TRP F 74 22.61 -33.65 -15.36
CA TRP F 74 23.83 -32.82 -15.62
C TRP F 74 23.69 -31.43 -15.00
N SER F 75 22.49 -30.84 -15.09
CA SER F 75 22.21 -29.44 -14.67
C SER F 75 22.42 -29.27 -13.15
N VAL F 76 22.29 -30.37 -12.39
CA VAL F 76 22.40 -30.35 -10.90
C VAL F 76 23.75 -30.95 -10.47
N THR F 77 24.11 -32.11 -11.02
CA THR F 77 25.32 -32.89 -10.64
C THR F 77 26.58 -32.07 -10.92
N THR F 78 26.76 -31.59 -12.15
CA THR F 78 27.98 -30.88 -12.61
C THR F 78 28.29 -29.73 -11.64
N PRO F 79 27.32 -28.87 -11.30
CA PRO F 79 27.56 -27.78 -10.34
C PRO F 79 28.05 -28.30 -8.97
N ILE F 80 27.47 -29.38 -8.48
CA ILE F 80 27.83 -30.01 -7.18
C ILE F 80 29.29 -30.45 -7.23
N LEU F 81 29.70 -31.09 -8.33
CA LEU F 81 31.10 -31.55 -8.56
C LEU F 81 32.03 -30.33 -8.59
N LEU F 82 31.62 -29.27 -9.30
CA LEU F 82 32.38 -27.99 -9.42
C LEU F 82 32.47 -27.33 -8.04
N ALA F 83 31.38 -27.35 -7.28
CA ALA F 83 31.29 -26.78 -5.91
C ALA F 83 32.38 -27.39 -5.04
N SER F 84 32.47 -28.72 -5.02
CA SER F 84 33.47 -29.51 -4.26
C SER F 84 34.88 -29.00 -4.60
N LEU F 85 35.18 -28.83 -5.88
CA LEU F 85 36.50 -28.36 -6.39
C LEU F 85 36.78 -26.95 -5.85
N VAL F 86 35.81 -26.04 -5.94
CA VAL F 86 35.95 -24.63 -5.48
C VAL F 86 36.35 -24.61 -4.01
N LEU F 87 35.67 -25.40 -3.17
CA LEU F 87 35.95 -25.55 -1.71
C LEU F 87 37.39 -26.03 -1.51
N LEU F 88 37.86 -26.98 -2.32
CA LEU F 88 39.23 -27.54 -2.28
C LEU F 88 40.23 -26.39 -2.49
N ALA F 89 39.99 -25.56 -3.52
CA ALA F 89 40.85 -24.44 -3.95
C ALA F 89 41.08 -23.47 -2.80
N PHE F 90 40.01 -23.16 -2.05
CA PHE F 90 40.01 -22.22 -0.90
C PHE F 90 40.68 -22.87 0.30
N HIS F 91 41.02 -24.15 0.21
CA HIS F 91 41.63 -24.94 1.31
C HIS F 91 40.65 -25.01 2.49
N GLU F 92 39.34 -25.06 2.21
CA GLU F 92 38.28 -25.29 3.22
C GLU F 92 38.17 -24.08 4.16
N ARG F 93 38.62 -22.89 3.72
CA ARG F 93 38.55 -21.63 4.48
C ARG F 93 38.41 -20.46 3.50
N GLY F 94 37.38 -19.62 3.69
CA GLY F 94 37.12 -18.42 2.88
C GLY F 94 36.34 -17.38 3.67
N ARG F 95 36.54 -16.11 3.35
CA ARG F 95 35.82 -14.96 3.98
C ARG F 95 34.39 -14.92 3.43
N THR F 96 33.46 -14.27 4.13
CA THR F 96 32.03 -14.14 3.74
C THR F 96 31.93 -13.70 2.27
N GLY F 97 31.24 -14.50 1.46
CA GLY F 97 30.85 -14.15 0.07
C GLY F 97 31.91 -14.56 -0.95
N GLU F 98 33.16 -14.75 -0.49
CA GLU F 98 34.33 -15.07 -1.35
C GLU F 98 34.06 -16.36 -2.13
N VAL F 99 33.87 -17.48 -1.43
CA VAL F 99 33.59 -18.81 -2.03
C VAL F 99 32.29 -18.74 -2.84
N GLY F 100 31.29 -18.03 -2.29
CA GLY F 100 29.94 -17.89 -2.88
C GLY F 100 30.00 -17.26 -4.27
N GLY F 101 30.79 -16.19 -4.42
CA GLY F 101 30.98 -15.47 -5.70
C GLY F 101 31.52 -16.40 -6.78
N TYR F 102 32.56 -17.17 -6.46
CA TYR F 102 33.21 -18.14 -7.38
C TYR F 102 32.24 -19.27 -7.71
N LEU F 103 31.51 -19.76 -6.70
CA LEU F 103 30.47 -20.82 -6.86
C LEU F 103 29.43 -20.35 -7.87
N THR F 104 28.81 -19.20 -7.62
CA THR F 104 27.76 -18.59 -8.48
C THR F 104 28.30 -18.46 -9.91
N ALA F 105 29.48 -17.85 -10.06
CA ALA F 105 30.17 -17.64 -11.35
C ALA F 105 30.28 -18.97 -12.11
N ILE F 106 30.89 -19.97 -11.49
CA ILE F 106 31.27 -21.27 -12.13
C ILE F 106 30.01 -22.10 -12.38
N ILE F 107 29.01 -21.99 -11.49
CA ILE F 107 27.71 -22.73 -11.59
C ILE F 107 26.90 -22.14 -12.74
N VAL F 108 26.78 -20.81 -12.80
CA VAL F 108 26.04 -20.08 -13.86
C VAL F 108 26.56 -20.53 -15.23
N LEU F 109 27.88 -20.45 -15.43
CA LEU F 109 28.55 -20.88 -16.69
C LEU F 109 28.22 -22.36 -16.94
N ASP F 110 28.41 -23.22 -15.94
CA ASP F 110 28.26 -24.70 -16.06
C ASP F 110 26.80 -25.03 -16.44
N VAL F 111 25.84 -24.49 -15.70
CA VAL F 111 24.38 -24.76 -15.91
C VAL F 111 24.00 -24.28 -17.32
N LEU F 112 24.38 -23.04 -17.66
CA LEU F 112 24.21 -22.46 -19.01
C LEU F 112 24.75 -23.44 -20.06
N MET F 113 25.99 -23.89 -19.87
CA MET F 113 26.67 -24.90 -20.75
C MET F 113 25.71 -26.06 -21.00
N ILE F 114 25.05 -26.57 -19.95
CA ILE F 114 24.09 -27.71 -20.03
C ILE F 114 22.84 -27.27 -20.81
N VAL F 115 22.19 -26.19 -20.38
CA VAL F 115 20.89 -25.74 -20.97
C VAL F 115 21.10 -25.39 -22.44
N THR F 116 22.18 -24.67 -22.78
CA THR F 116 22.52 -24.30 -24.18
C THR F 116 22.73 -25.58 -25.01
N GLY F 117 23.43 -26.57 -24.44
CA GLY F 117 23.66 -27.89 -25.07
C GLY F 117 22.35 -28.58 -25.39
N LEU F 118 21.36 -28.45 -24.50
CA LEU F 118 19.99 -29.01 -24.66
C LEU F 118 19.28 -28.30 -25.81
N ILE F 119 19.38 -26.98 -25.88
CA ILE F 119 18.82 -26.13 -26.98
C ILE F 119 19.41 -26.61 -28.30
N SER F 120 20.72 -26.84 -28.35
CA SER F 120 21.47 -27.34 -29.52
C SER F 120 20.91 -28.71 -29.94
N SER F 121 20.72 -29.62 -28.97
CA SER F 121 20.20 -31.00 -29.19
C SER F 121 18.81 -30.96 -29.80
N LEU F 122 17.94 -30.06 -29.32
CA LEU F 122 16.50 -29.97 -29.70
C LEU F 122 16.37 -29.23 -31.04
N ALA F 123 17.33 -28.35 -31.36
CA ALA F 123 17.38 -27.56 -32.62
C ALA F 123 17.40 -28.51 -33.82
N VAL F 124 16.43 -28.38 -34.73
CA VAL F 124 16.26 -29.25 -35.93
C VAL F 124 16.97 -28.60 -37.13
N VAL F 125 17.31 -27.31 -37.03
CA VAL F 125 18.02 -26.53 -38.09
C VAL F 125 19.52 -26.62 -37.81
N PRO F 126 20.32 -27.14 -38.77
CA PRO F 126 21.75 -27.36 -38.53
C PRO F 126 22.47 -26.09 -38.04
N ALA F 127 22.39 -25.00 -38.79
CA ALA F 127 23.08 -23.72 -38.50
C ALA F 127 22.83 -23.34 -37.02
N LEU F 128 21.58 -23.35 -36.59
CA LEU F 128 21.17 -23.05 -35.19
C LEU F 128 21.85 -24.04 -34.24
N LYS F 129 21.77 -25.32 -34.56
CA LYS F 129 22.27 -26.45 -33.72
C LYS F 129 23.74 -26.19 -33.37
N TRP F 130 24.52 -25.67 -34.34
CA TRP F 130 26.00 -25.49 -34.21
C TRP F 130 26.32 -24.14 -33.57
N VAL F 131 25.52 -23.11 -33.85
CA VAL F 131 25.62 -21.78 -33.17
C VAL F 131 25.51 -22.00 -31.66
N TRP F 132 24.52 -22.79 -31.24
CA TRP F 132 24.21 -23.08 -29.82
C TRP F 132 25.28 -24.00 -29.22
N TYR F 133 25.71 -25.02 -29.97
CA TYR F 133 26.81 -25.95 -29.57
C TYR F 133 28.05 -25.12 -29.23
N LEU F 134 28.41 -24.19 -30.11
CA LEU F 134 29.59 -23.29 -29.96
C LEU F 134 29.43 -22.45 -28.69
N TRP F 135 28.26 -21.83 -28.51
CA TRP F 135 27.93 -21.00 -27.33
C TRP F 135 28.10 -21.83 -26.05
N SER F 136 27.57 -23.07 -26.07
CA SER F 136 27.74 -24.07 -24.99
C SER F 136 29.24 -24.29 -24.72
N CYS F 137 30.01 -24.50 -25.78
CA CYS F 137 31.49 -24.70 -25.73
C CYS F 137 32.15 -23.48 -25.07
N ALA F 138 31.74 -22.27 -25.47
CA ALA F 138 32.20 -20.99 -24.88
C ALA F 138 32.00 -21.02 -23.37
N ALA F 139 30.81 -21.41 -22.93
CA ALA F 139 30.43 -21.56 -21.50
C ALA F 139 31.40 -22.55 -20.83
N PHE F 140 31.64 -23.71 -21.46
CA PHE F 140 32.54 -24.78 -20.98
C PHE F 140 33.95 -24.19 -20.78
N LEU F 141 34.44 -23.43 -21.77
CA LEU F 141 35.75 -22.72 -21.71
C LEU F 141 35.73 -21.75 -20.53
N GLY F 142 34.63 -21.02 -20.35
CA GLY F 142 34.42 -20.14 -19.18
C GLY F 142 34.63 -20.91 -17.89
N VAL F 143 33.98 -22.08 -17.75
CA VAL F 143 34.15 -23.00 -16.58
C VAL F 143 35.62 -23.38 -16.45
N LEU F 144 36.21 -23.92 -17.52
CA LEU F 144 37.60 -24.43 -17.57
C LEU F 144 38.57 -23.31 -17.16
N TYR F 145 38.35 -22.09 -17.67
CA TYR F 145 39.19 -20.91 -17.36
C TYR F 145 39.25 -20.71 -15.84
N LEU F 146 38.08 -20.55 -15.21
CA LEU F 146 37.95 -20.34 -13.75
C LEU F 146 38.72 -21.43 -13.00
N LEU F 147 38.48 -22.70 -13.35
CA LEU F 147 39.12 -23.89 -12.72
C LEU F 147 40.65 -23.78 -12.85
N TRP F 148 41.14 -23.50 -14.06
CA TRP F 148 42.55 -23.71 -14.47
C TRP F 148 43.42 -22.48 -14.13
N VAL F 149 42.84 -21.29 -14.09
CA VAL F 149 43.61 -20.01 -13.92
C VAL F 149 43.41 -19.48 -12.49
N PRO F 150 42.36 -18.68 -12.22
CA PRO F 150 42.24 -18.00 -10.92
C PRO F 150 42.08 -18.96 -9.73
N LEU F 151 41.20 -19.95 -9.86
CA LEU F 151 40.90 -20.94 -8.77
C LEU F 151 42.15 -21.79 -8.52
N ARG F 152 42.83 -22.24 -9.58
CA ARG F 152 44.06 -23.06 -9.50
C ARG F 152 45.20 -22.23 -8.90
N ALA F 153 45.27 -20.94 -9.26
CA ALA F 153 46.22 -19.95 -8.72
C ALA F 153 46.09 -19.92 -7.19
N MET F 154 44.87 -19.70 -6.69
CA MET F 154 44.54 -19.71 -5.24
C MET F 154 44.86 -21.09 -4.65
N ALA F 155 44.51 -22.16 -5.36
CA ALA F 155 44.70 -23.57 -4.92
C ALA F 155 46.17 -23.81 -4.56
N VAL F 156 47.09 -23.33 -5.40
CA VAL F 156 48.56 -23.56 -5.27
C VAL F 156 49.14 -22.60 -4.22
N GLU F 157 48.68 -21.34 -4.22
CA GLU F 157 49.21 -20.25 -3.36
C GLU F 157 49.05 -20.60 -1.87
N ARG F 158 47.97 -21.29 -1.52
CA ARG F 158 47.54 -21.53 -0.11
C ARG F 158 48.37 -22.64 0.54
N GLY F 159 48.91 -23.57 -0.25
CA GLY F 159 49.69 -24.71 0.26
C GLY F 159 49.89 -25.79 -0.80
N GLU F 160 50.99 -26.55 -0.68
CA GLU F 160 51.44 -27.54 -1.69
C GLU F 160 50.52 -28.76 -1.70
N ALA F 161 50.19 -29.28 -0.50
CA ALA F 161 49.43 -30.54 -0.29
C ALA F 161 48.04 -30.41 -0.95
N LEU F 162 47.26 -29.39 -0.58
CA LEU F 162 45.90 -29.16 -1.10
C LEU F 162 45.96 -28.69 -2.56
N GLY F 163 47.00 -27.93 -2.92
CA GLY F 163 47.27 -27.47 -4.29
C GLY F 163 47.50 -28.65 -5.22
N THR F 164 48.24 -29.66 -4.75
CA THR F 164 48.51 -30.92 -5.47
C THR F 164 47.20 -31.70 -5.67
N ALA F 165 46.34 -31.72 -4.65
CA ALA F 165 45.04 -32.45 -4.65
C ALA F 165 44.10 -31.83 -5.68
N TYR F 166 43.98 -30.50 -5.68
CA TYR F 166 43.10 -29.73 -6.60
C TYR F 166 43.55 -29.94 -8.05
N GLN F 167 44.86 -29.80 -8.31
CA GLN F 167 45.46 -29.92 -9.66
C GLN F 167 45.18 -31.33 -10.22
N LYS F 168 45.36 -32.36 -9.38
CA LYS F 168 45.09 -33.79 -9.74
C LYS F 168 43.61 -33.94 -10.10
N ASN F 169 42.72 -33.45 -9.24
CA ASN F 169 41.23 -33.57 -9.41
C ASN F 169 40.80 -32.85 -10.69
N VAL F 170 41.28 -31.62 -10.89
CA VAL F 170 40.93 -30.75 -12.05
C VAL F 170 41.35 -31.45 -13.35
N ALA F 171 42.62 -31.88 -13.43
CA ALA F 171 43.20 -32.59 -14.59
C ALA F 171 42.27 -33.72 -15.02
N PHE F 172 41.99 -34.66 -14.09
CA PHE F 172 41.07 -35.82 -14.28
C PHE F 172 39.71 -35.31 -14.77
N LEU F 173 39.17 -34.28 -14.12
CA LEU F 173 37.84 -33.70 -14.44
C LEU F 173 37.85 -33.22 -15.90
N THR F 174 38.84 -32.41 -16.27
CA THR F 174 38.95 -31.78 -17.62
C THR F 174 38.89 -32.86 -18.71
N VAL F 175 39.76 -33.85 -18.64
CA VAL F 175 39.90 -34.95 -19.64
C VAL F 175 38.54 -35.63 -19.84
N ILE F 176 37.94 -36.12 -18.76
CA ILE F 176 36.66 -36.88 -18.76
C ILE F 176 35.55 -35.97 -19.30
N TRP F 177 35.43 -34.76 -18.74
CA TRP F 177 34.36 -33.78 -19.07
C TRP F 177 34.42 -33.40 -20.55
N PHE F 178 35.61 -33.46 -21.17
CA PHE F 178 35.85 -33.08 -22.58
C PHE F 178 35.23 -34.13 -23.51
N LEU F 179 35.01 -35.35 -23.02
CA LEU F 179 34.45 -36.49 -23.81
C LEU F 179 33.01 -36.17 -24.19
N TYR F 180 32.29 -35.46 -23.32
CA TYR F 180 30.84 -35.15 -23.47
C TYR F 180 30.63 -34.31 -24.73
N PRO F 181 31.33 -33.16 -24.89
CA PRO F 181 31.21 -32.37 -26.11
C PRO F 181 31.64 -33.13 -27.36
N ILE F 182 32.64 -34.01 -27.24
CA ILE F 182 33.17 -34.87 -28.34
C ILE F 182 32.06 -35.83 -28.78
N VAL F 183 31.46 -36.55 -27.84
CA VAL F 183 30.39 -37.56 -28.08
C VAL F 183 29.19 -36.85 -28.72
N PHE F 184 28.80 -35.71 -28.17
CA PHE F 184 27.67 -34.87 -28.66
C PHE F 184 27.90 -34.57 -30.15
N LEU F 185 29.07 -34.03 -30.49
CA LEU F 185 29.47 -33.64 -31.86
C LEU F 185 29.26 -34.81 -32.82
N ILE F 186 29.83 -35.98 -32.50
CA ILE F 186 29.86 -37.18 -33.39
C ILE F 186 28.59 -38.01 -33.16
N GLY F 187 27.83 -37.72 -32.12
CA GLY F 187 26.64 -38.49 -31.70
C GLY F 187 25.39 -38.09 -32.47
N PRO F 188 24.22 -38.72 -32.17
CA PRO F 188 22.99 -38.47 -32.91
C PRO F 188 22.42 -37.06 -32.66
N GLU F 189 22.88 -36.40 -31.60
CA GLU F 189 22.49 -35.02 -31.24
C GLU F 189 23.30 -34.03 -32.06
N GLY F 190 24.30 -34.52 -32.82
CA GLY F 190 25.20 -33.69 -33.63
C GLY F 190 25.34 -34.21 -35.06
N LEU F 191 26.52 -34.69 -35.43
CA LEU F 191 26.90 -35.09 -36.81
C LEU F 191 26.28 -36.44 -37.15
N LYS F 192 25.82 -37.20 -36.15
CA LYS F 192 25.17 -38.51 -36.33
C LYS F 192 26.15 -39.49 -37.00
N ILE F 193 27.43 -39.41 -36.63
CA ILE F 193 28.52 -40.30 -37.13
C ILE F 193 28.43 -41.66 -36.42
N ILE F 194 28.12 -41.65 -35.12
CA ILE F 194 27.97 -42.89 -34.29
C ILE F 194 26.49 -43.06 -33.93
N SER F 195 26.08 -44.31 -33.69
CA SER F 195 24.67 -44.71 -33.39
C SER F 195 24.25 -44.18 -32.01
N ASP F 196 22.94 -44.05 -31.81
CA ASP F 196 22.31 -43.67 -30.51
C ASP F 196 22.79 -44.62 -29.43
N PRO F 197 22.67 -45.96 -29.63
CA PRO F 197 23.07 -46.94 -28.63
C PRO F 197 24.56 -46.82 -28.23
N THR F 198 25.45 -46.67 -29.23
CA THR F 198 26.92 -46.52 -29.02
C THR F 198 27.17 -45.30 -28.12
N SER F 199 26.55 -44.17 -28.44
CA SER F 199 26.68 -42.88 -27.70
C SER F 199 26.15 -43.06 -26.27
N VAL F 200 25.01 -43.75 -26.11
CA VAL F 200 24.35 -44.02 -24.79
C VAL F 200 25.29 -44.84 -23.91
N TRP F 201 25.88 -45.89 -24.49
CA TRP F 201 26.80 -46.82 -23.77
C TRP F 201 28.08 -46.07 -23.41
N ALA F 202 28.57 -45.21 -24.30
CA ALA F 202 29.77 -44.37 -24.11
C ALA F 202 29.52 -43.40 -22.94
N ILE F 203 28.35 -42.74 -22.93
CA ILE F 203 27.97 -41.73 -21.89
C ILE F 203 27.92 -42.43 -20.52
N LEU F 204 27.37 -43.65 -20.46
CA LEU F 204 27.29 -44.46 -19.22
C LEU F 204 28.71 -44.65 -18.66
N ILE F 205 29.64 -45.12 -19.50
CA ILE F 205 31.08 -45.29 -19.16
C ILE F 205 31.62 -43.96 -18.65
N MET F 206 31.41 -42.88 -19.40
CA MET F 206 31.84 -41.50 -19.04
C MET F 206 31.25 -41.13 -17.67
N ASP F 207 29.94 -41.30 -17.51
CA ASP F 207 29.18 -40.90 -16.30
C ASP F 207 29.74 -41.63 -15.08
N VAL F 208 30.15 -42.90 -15.22
CA VAL F 208 30.69 -43.72 -14.11
C VAL F 208 32.07 -43.16 -13.73
N LEU F 209 32.90 -42.85 -14.72
CA LEU F 209 34.26 -42.25 -14.50
C LEU F 209 34.10 -40.92 -13.76
N ALA F 210 33.19 -40.06 -14.22
CA ALA F 210 33.01 -38.66 -13.79
C ALA F 210 32.38 -38.59 -12.40
N LYR F 211 31.54 -39.56 -12.07
CA LYR F 211 30.70 -39.47 -10.88
C LYR F 211 31.13 -40.49 -9.82
O LYR F 211 31.06 -40.19 -8.62
CB LYR F 211 29.23 -39.66 -11.26
CG LYR F 211 28.48 -38.38 -11.59
CD LYR F 211 27.12 -38.59 -12.21
CE LYR F 211 26.55 -37.32 -12.80
NZ LYR F 211 26.85 -37.20 -14.24
C1 LYR F 211 28.07 -36.45 -14.54
C2 LYR F 211 27.92 -35.70 -15.83
C3 LYR F 211 28.74 -34.72 -16.29
C4 LYR F 211 29.85 -34.17 -15.50
C5 LYR F 211 28.50 -34.14 -17.57
C6 LYR F 211 29.18 -33.14 -18.22
C7 LYR F 211 28.79 -32.58 -19.42
C80 LYR F 211 29.46 -31.64 -20.24
C8 LYR F 211 30.73 -31.07 -19.74
C9 LYR F 211 28.92 -31.27 -21.47
C10 LYR F 211 29.31 -30.23 -22.26
C11 LYR F 211 28.71 -29.82 -23.51
C12 LYR F 211 29.29 -28.87 -24.25
C13 LYR F 211 30.52 -28.11 -23.84
C14 LYR F 211 28.76 -28.46 -25.59
C15 LYR F 211 27.84 -29.50 -26.21
C16 LYR F 211 26.82 -29.94 -25.23
C17 LYR F 211 27.42 -30.51 -23.94
C18 LYR F 211 26.37 -30.37 -22.83
C19 LYR F 211 27.68 -32.01 -24.16
N VAL F 212 31.55 -41.68 -10.26
CA VAL F 212 31.86 -42.75 -9.31
C VAL F 212 33.38 -42.82 -9.11
N VAL F 213 34.14 -43.08 -10.18
CA VAL F 213 35.63 -43.23 -10.13
C VAL F 213 36.23 -41.92 -9.60
N TYR F 214 35.79 -40.78 -10.14
CA TYR F 214 36.30 -39.43 -9.78
C TYR F 214 36.09 -39.16 -8.29
N ALA F 215 34.91 -39.56 -7.77
CA ALA F 215 34.53 -39.39 -6.35
C ALA F 215 35.57 -40.08 -5.46
N PHE F 216 35.88 -41.34 -5.75
CA PHE F 216 36.86 -42.18 -5.01
C PHE F 216 38.27 -41.62 -5.19
N TYR F 217 38.59 -41.15 -6.40
CA TYR F 217 39.90 -40.51 -6.75
C TYR F 217 40.08 -39.24 -5.92
N ALA F 218 39.05 -38.38 -5.90
CA ALA F 218 39.04 -37.08 -5.19
C ALA F 218 39.18 -37.32 -3.67
N ALA F 219 38.52 -38.36 -3.15
CA ALA F 219 38.54 -38.78 -1.73
C ALA F 219 39.98 -39.13 -1.32
N ALA F 220 40.65 -39.96 -2.14
CA ALA F 220 42.03 -40.43 -1.92
C ALA F 220 43.00 -39.24 -1.91
N ASN F 221 42.80 -38.31 -2.85
CA ASN F 221 43.67 -37.12 -3.04
C ASN F 221 43.54 -36.18 -1.84
N LEU F 222 42.36 -36.12 -1.24
CA LEU F 222 42.08 -35.25 -0.06
C LEU F 222 42.72 -35.87 1.19
N GLU F 223 42.63 -37.20 1.35
CA GLU F 223 43.24 -37.95 2.48
C GLU F 223 44.76 -37.83 2.40
N THR F 224 45.34 -37.86 1.21
CA THR F 224 46.80 -37.62 0.95
C THR F 224 47.18 -36.22 1.44
N ALA F 225 46.37 -35.21 1.09
CA ALA F 225 46.61 -33.78 1.41
C ALA F 225 46.47 -33.55 2.91
N LEU F 226 45.50 -34.19 3.56
CA LEU F 226 45.21 -34.04 5.02
C LEU F 226 46.36 -34.65 5.84
N ARG F 227 46.91 -35.78 5.41
CA ARG F 227 48.02 -36.49 6.07
C ARG F 227 49.29 -35.63 5.98
N HIS F 228 49.59 -35.10 4.78
CA HIS F 228 50.78 -34.29 4.47
C HIS F 228 50.78 -33.00 5.32
C11 LFA G . -19.73 28.00 5.87
C12 LFA G . -19.17 29.40 6.00
C13 LFA G . -18.60 29.73 7.36
C14 LFA G . -17.52 28.79 7.83
C15 LFA G . -16.69 29.30 8.98
C16 LFA G . -15.73 28.29 9.56
C17 LFA G . -14.51 28.90 10.21
C18 LFA G . -14.11 28.24 11.51
C19 LFA G . -13.15 29.04 12.36
C20 LFA G . -13.05 28.57 13.80
C1 LFA H . -5.91 26.44 11.73
C2 LFA H . -7.20 27.22 11.58
C3 LFA H . -8.37 26.39 11.14
C4 LFA H . -8.63 26.40 9.65
C5 LFA H . -10.09 26.23 9.28
C6 LFA H . -10.32 25.89 7.81
C7 LFA H . -11.64 26.38 7.26
C8 LFA H . -12.32 25.41 6.31
C9 LFA H . -13.27 26.05 5.33
C10 LFA H . -14.42 25.17 4.88
C11 LFA H . -15.60 25.92 4.30
C12 LFA H . -16.38 25.15 3.25
C1 LFA I . -16.38 16.41 -6.17
C2 LFA I . -15.18 16.74 -5.31
C3 LFA I . -15.21 18.13 -4.72
C4 LFA I . -14.44 18.28 -3.42
C5 LFA I . -15.29 18.64 -2.24
C6 LFA I . -14.85 18.00 -0.94
C7 LFA I . -15.25 18.77 0.31
C8 LFA I . -14.71 18.19 1.59
C9 LFA I . -13.78 19.12 2.35
C10 LFA I . -14.37 19.71 3.60
C11 LFA I . -13.36 20.39 4.50
C12 LFA I . -13.94 21.00 5.75
C13 LFA I . -12.99 21.91 6.51
C14 LFA I . -12.65 21.45 7.90
C15 LFA I . -12.30 22.56 8.86
C16 LFA I . -12.30 22.14 10.32
C17 LFA I . -12.38 23.28 11.29
C18 LFA I . -11.33 23.25 12.37
C19 LFA I . -11.21 24.54 13.15
C20 LFA I . -11.38 24.36 14.64
C1 LFA J . -15.73 31.57 15.80
C2 LFA J . -15.98 30.41 14.87
C3 LFA J . -17.31 30.48 14.14
C4 LFA J . -17.74 29.19 13.49
C5 LFA J . -18.90 29.33 12.52
C6 LFA J . -19.08 28.15 11.60
C7 LFA J . -20.41 28.10 10.88
C8 LFA J . -20.96 26.72 10.66
C9 LFA J . -21.97 26.61 9.54
C10 LFA J . -21.86 25.34 8.71
C11 LFA J . -23.19 24.64 8.47
C12 LFA J . -23.52 24.44 7.01
C13 LFA J . -24.68 23.50 6.75
C14 LFA J . -25.06 23.33 5.29
C1 LFA K . -15.09 25.49 15.54
C2 LFA K . -16.02 24.31 15.31
C3 LFA K . -17.19 24.61 14.39
C4 LFA K . -17.71 23.42 13.64
C5 LFA K . -19.22 23.32 13.57
C6 LFA K . -19.75 21.93 13.28
C7 LFA K . -20.58 21.83 12.03
C8 LFA K . -21.65 20.77 12.06
C9 LFA K . -22.45 20.64 10.78
C10 LFA K . -23.76 19.90 10.93
C1 LFA L . -17.54 19.02 8.22
C2 LFA L . -17.71 19.03 9.73
C3 LFA L . -16.43 19.30 10.49
C4 LFA L . -16.64 19.92 11.86
C5 LFA L . -15.64 19.48 12.91
C6 LFA L . -15.18 20.58 13.84
C7 LFA L . -14.74 20.10 15.20
C8 LFA L . -13.94 21.11 15.99
C9 LFA L . -13.34 20.57 17.28
C10 LFA L . -13.12 21.60 18.36
C11 LFA L . -11.80 22.35 18.26
C12 LFA L . -11.64 23.47 19.26
C13 LFA L . -10.23 24.01 19.36
C14 LFA L . -10.12 25.36 20.03
C15 LFA L . -8.70 25.87 20.16
C11 LFA M . 18.72 -28.29 -6.82
C12 LFA M . 19.22 -29.29 -5.80
C13 LFA M . 20.47 -28.86 -5.07
C14 LFA M . 20.36 -27.52 -4.38
C15 LFA M . 21.44 -27.24 -3.36
C16 LFA M . 21.47 -25.82 -2.86
C17 LFA M . 22.02 -25.66 -1.46
C18 LFA M . 22.88 -24.44 -1.27
C19 LFA M . 23.77 -24.46 -0.05
C20 LFA M . 24.91 -23.46 -0.08
C1 LFA N . 20.89 -20.01 5.51
C2 LFA N . 21.26 -21.20 4.66
C3 LFA N . 20.82 -21.07 3.21
C4 LFA N . 19.50 -21.74 2.90
C5 LFA N . 19.38 -22.22 1.46
C6 LFA N . 17.97 -22.57 1.03
C7 LFA N . 17.88 -23.65 -0.03
C8 LFA N . 16.82 -23.42 -1.07
C9 LFA N . 16.33 -24.68 -1.75
C10 LFA N . 15.84 -24.50 -3.18
C11 LFA N . 15.83 -25.77 -4.01
C12 LFA N . 14.82 -25.78 -5.13
C1 LFA O . 3.11 -21.95 -9.04
C2 LFA O . 3.78 -21.46 -7.78
C3 LFA O . 4.80 -22.43 -7.21
C4 LFA O . 5.86 -21.78 -6.36
C5 LFA O . 7.27 -21.92 -6.92
C6 LFA O . 8.16 -20.72 -6.66
C7 LFA O . 9.64 -21.04 -6.66
C8 LFA O . 10.52 -19.87 -6.30
C9 LFA O . 11.34 -20.06 -5.05
C10 LFA O . 12.82 -20.30 -5.31
C11 LFA O . 13.68 -20.19 -4.06
C12 LFA O . 15.15 -20.43 -4.31
C13 LFA O . 15.97 -20.59 -3.04
C14 LFA O . 17.02 -19.53 -2.83
C15 LFA O . 18.19 -19.96 -1.99
C16 LFA O . 19.40 -19.05 -2.07
C17 LFA O . 20.70 -19.71 -1.66
C18 LFA O . 21.52 -18.91 -0.67
C19 LFA O . 22.64 -19.68 -0.04
C20 LFA O . 24.00 -19.02 -0.16
C1 LFA P . 28.34 -26.10 -1.27
C2 LFA P . 27.16 -25.56 -2.04
C3 LFA P . 26.80 -26.35 -3.28
C4 LFA P . 25.84 -25.66 -4.21
C5 LFA P . 25.24 -26.56 -5.27
C6 LFA P . 23.99 -26.00 -5.93
C7 LFA P . 23.59 -26.70 -7.20
C8 LFA P . 23.03 -25.77 -8.27
C9 LFA P . 22.16 -26.46 -9.31
C10 LFA P . 20.94 -25.67 -9.72
C11 LFA P . 20.71 -25.62 -11.22
C12 LFA P . 19.36 -26.14 -11.67
C13 LFA P . 19.01 -25.82 -13.11
C14 LFA P . 17.67 -26.32 -13.55
C1 LFA Q . 25.89 -20.83 -3.06
C2 LFA Q . 25.49 -20.24 -4.39
C3 LFA Q . 24.96 -21.23 -5.38
C4 LFA Q . 23.97 -20.66 -6.38
C5 LFA Q . 24.16 -21.12 -7.80
C6 LFA Q . 23.51 -20.24 -8.84
C7 LFA Q . 22.51 -20.95 -9.73
C8 LFA Q . 22.45 -20.42 -11.15
C9 LFA Q . 21.40 -21.08 -12.01
C10 LFA Q . 21.53 -20.78 -13.49
C1 LFA R . 17.40 -18.87 -8.22
C2 LFA R . 18.84 -18.43 -8.27
C3 LFA R . 19.40 -17.95 -6.95
C4 LFA R . 20.91 -18.00 -6.86
C5 LFA R . 21.54 -16.88 -6.05
C6 LFA R . 22.67 -17.32 -5.16
C7 LFA R . 23.69 -16.24 -4.87
C8 LFA R . 24.64 -16.56 -3.73
C9 LFA R . 25.48 -15.39 -3.28
C10 LFA R . 26.78 -15.78 -2.60
C11 LFA R . 26.66 -16.00 -1.11
C12 LFA R . 27.92 -16.51 -0.45
C13 LFA R . 27.90 -16.45 1.07
C14 LFA R . 28.96 -17.30 1.74
C15 LFA R . 28.98 -17.20 3.24
#